data_8EVH
#
_entry.id   8EVH
#
_cell.length_a   1.00
_cell.length_b   1.00
_cell.length_c   1.00
_cell.angle_alpha   90.00
_cell.angle_beta   90.00
_cell.angle_gamma   90.00
#
_symmetry.space_group_name_H-M   'P 1'
#
loop_
_entity.id
_entity.type
_entity.pdbx_description
1 polymer 'Histone H3.1'
2 polymer 'Histone H4'
3 polymer 'Histone H2A type 2-C'
4 polymer 'Histone H2B type 2-E'
5 polymer 'DNA (162-MER)'
6 polymer 'DNA (162-MER)'
7 polymer 'Single-chain variable fragment'
8 polymer 'Transcription factor PU.1'
#
loop_
_entity_poly.entity_id
_entity_poly.type
_entity_poly.pdbx_seq_one_letter_code
_entity_poly.pdbx_strand_id
1 'polypeptide(L)'
;MARTKQTARKSTGGKAPRKQLATKAARKSAPATGGVKKPHRYRPGTVALREIRRYQKSTELLIRKLPFQRLVREIAQDFK
TDLRFQSSAVMALQEACEAYLVGLFEDTNLCAIHAKRVTIMPKDIQLARRIRGERA
;
A,E
2 'polypeptide(L)'
;MSGRGKGGKGLGKGGAKRHRKVLRDNIQGITKPAIRRLARRGGVKRISGLIYEETRGVLKVFLENVIRDAVTYTEHAKRK
TVTAMDVVYALKRQGRTLYGFGG
;
B,F
3 'polypeptide(L)'
;MSGRGKQGGKARAKAKSRSSRAGLQFPVGRVHRLLRKGNYAERVGAGAPVYMAAVLEYLTAEILELAGNAARDNKKTRII
PRHLQLAIRNDEELNKLLGKVTIAQGGVLPNIQAVLLPKKTESHKAKSK
;
C,G
4 'polypeptide(L)'
;MPEPAKSAPAPKKGSKKAVTKAQKKDGKKRKRSRKESYSIYVYKVLKQVHPDTGISSKAMGIMNSFVNDIFERIAGEASR
LAHYNKRSTITSREIQTAVRLLLPGELAKHAVSEGTKAVTKYTSSK
;
D,H
5 'polydeoxyribonucleotide'
;(DT)(DA)(DG)(DG)(DT)(DG)(DC)(DA)(DG)(DG)(DG)(DC)(DC)(DT)(DC)(DT)(DC)(DG)(DG)(DC)
(DT)(DG)(DC)(DT)(DG)(DA)(DT)(DC)(DT)(DT)(DC)(DA)(DG)(DC)(DT)(DG)(DG)(DT)(DT)(DG)
(DC)(DT)(DG)(DA)(DG)(DA)(DG)(DT)(DT)(DG)(DC)(DA)(DG)(DC)(DA)(DT)(DT)(DG)(DC)(DT)
(DG)(DA)(DG)(DT)(DC)(DT)(DT)(DA)(DG)(DC)(DA)(DA)(DT)(DG)(DG)(DA)(DT)(DA)(DC)(DT)
(DT)(DC)(DC)(DC)(DG)(DA)(DT)(DT)(DC)(DC)(DC)(DC)(DT)(DC)(DA)(DC)(DA)(DA)(DA)(DA)
(DA)(DT)(DA)(DG)(DG)(DT)(DC)(DA)(DG)(DT)(DC)(DT)(DG)(DT)(DC)(DT)(DG)(DG)(DC)(DT)
(DA)(DG)(DT)(DT)(DC)(DT)(DG)(DT)(DA)(DC)(DT)(DT)(DG)(DC)(DA)(DG)(DA)(DC)(DA)(DC)
(DA)(DG)(DG)(DG)(DC)(DA)(DT)(DG)(DT)(DG)(DG)(DG)(DG)(DT)(DT)(DC)(DC)(DT)(DA)(DT)
(DT)(DT)
;
I
6 'polydeoxyribonucleotide'
;(DA)(DA)(DA)(DT)(DA)(DG)(DG)(DA)(DA)(DC)(DC)(DC)(DC)(DA)(DC)(DA)(DT)(DG)(DC)(DC)
(DC)(DT)(DG)(DT)(DG)(DT)(DC)(DT)(DG)(DC)(DA)(DA)(DG)(DT)(DA)(DC)(DA)(DG)(DA)(DA)
(DC)(DT)(DA)(DG)(DC)(DC)(DA)(DG)(DA)(DC)(DA)(DG)(DA)(DC)(DT)(DG)(DA)(DC)(DC)(DT)
(DA)(DT)(DT)(DT)(DT)(DT)(DG)(DT)(DG)(DA)(DG)(DG)(DG)(DG)(DA)(DA)(DT)(DC)(DG)(DG)
(DG)(DA)(DA)(DG)(DT)(DA)(DT)(DC)(DC)(DA)(DT)(DT)(DG)(DC)(DT)(DA)(DA)(DG)(DA)(DC)
(DT)(DC)(DA)(DG)(DC)(DA)(DA)(DT)(DG)(DC)(DT)(DG)(DC)(DA)(DA)(DC)(DT)(DC)(DT)(DC)
(DA)(DG)(DC)(DA)(DA)(DC)(DC)(DA)(DG)(DC)(DT)(DG)(DA)(DA)(DG)(DA)(DT)(DC)(DA)(DG)
(DC)(DA)(DG)(DC)(DC)(DG)(DA)(DG)(DA)(DG)(DG)(DC)(DC)(DC)(DT)(DG)(DC)(DA)(DC)(DC)
(DT)(DA)
;
J
7 'polypeptide(L)'
;MKSSHHHHHHENLYFQSNAMEVQLQQSGPELVEPGTSVKMPCKASGYTFTSYTIQWVKQTPRQGLEWIGYIYPYNAGTKY
NEKFKGKATLTSDKSSSTVYMELSSLTSEDSAVYYCARKSSRLRSTLDYWGQGTSVTVSSGGGGSGGGGSGGGGSMDIKM
TQSPSSMHASLGERVTITCKASQDIRSYLSWYQQKPWKSPKTLIYYATSLADGVPSRFSGSGSGQDFSLTINNLESDDTA
TYYCLQHGESPYTFGSGTKLEIKRA
;
M,N
8 'polypeptide(L)'
;MGSSHHHHHHSSGMLQACKMEGFSLTAPPSDDLVTYDSELYQRPMHDYYSFVGSDGESHSDHYWDFSAHHVHNNEFENFP
ENHFTELQSVQPPQLQQLYRHMELEQMHVLDTPMVPPHTGLSHQVSYMPRMCFPYQTLSPAHQQSSDEEEGERQSPPLEV
SDGEADGLEPGPGLLHGETGSKKKIRLYQFLLDLLRSGDMKDSIWWVDKDKGTFQFSSKHKEALAHRWGIQKGNRKKMTY
QKMARALRNYGKTGEVKKVKKKLTYQFSGEVLGRGGLAERRLPPH
;
O
#
loop_
_chem_comp.id
_chem_comp.type
_chem_comp.name
_chem_comp.formula
DA DNA linking 2'-DEOXYADENOSINE-5'-MONOPHOSPHATE 'C10 H14 N5 O6 P'
DC DNA linking 2'-DEOXYCYTIDINE-5'-MONOPHOSPHATE 'C9 H14 N3 O7 P'
DG DNA linking 2'-DEOXYGUANOSINE-5'-MONOPHOSPHATE 'C10 H14 N5 O7 P'
DT DNA linking THYMIDINE-5'-MONOPHOSPHATE 'C10 H15 N2 O8 P'
#
# COMPACT_ATOMS: atom_id res chain seq x y z
N LYS A 38 1.55 53.02 -25.45
CA LYS A 38 1.57 51.57 -25.29
C LYS A 38 2.25 51.16 -23.99
N PRO A 39 1.46 50.78 -23.00
CA PRO A 39 2.02 50.36 -21.72
C PRO A 39 2.84 49.08 -21.86
N HIS A 40 3.83 48.94 -20.99
CA HIS A 40 4.66 47.74 -20.98
C HIS A 40 3.83 46.51 -20.64
N ARG A 41 4.03 45.44 -21.40
CA ARG A 41 3.32 44.19 -21.19
C ARG A 41 4.31 43.04 -21.26
N TYR A 42 4.19 42.10 -20.33
CA TYR A 42 5.02 40.90 -20.35
C TYR A 42 4.35 39.82 -21.18
N ARG A 43 5.15 39.14 -22.00
CA ARG A 43 4.63 38.04 -22.78
C ARG A 43 4.14 36.93 -21.86
N PRO A 44 3.04 36.25 -22.18
CA PRO A 44 2.54 35.19 -21.31
C PRO A 44 3.59 34.10 -21.11
N GLY A 45 3.70 33.62 -19.88
CA GLY A 45 4.65 32.58 -19.57
C GLY A 45 5.78 33.02 -18.66
N THR A 46 6.27 34.24 -18.82
CA THR A 46 7.38 34.70 -17.99
C THR A 46 6.91 35.08 -16.59
N VAL A 47 5.71 35.67 -16.46
CA VAL A 47 5.19 35.95 -15.14
C VAL A 47 4.87 34.66 -14.41
N ALA A 48 4.42 33.64 -15.13
CA ALA A 48 4.19 32.33 -14.51
C ALA A 48 5.49 31.76 -13.97
N LEU A 49 6.58 31.86 -14.74
CA LEU A 49 7.86 31.36 -14.25
C LEU A 49 8.36 32.17 -13.06
N ARG A 50 8.11 33.49 -13.06
CA ARG A 50 8.46 34.30 -11.92
C ARG A 50 7.70 33.85 -10.67
N GLU A 51 6.41 33.57 -10.81
CA GLU A 51 5.63 33.09 -9.68
C GLU A 51 6.11 31.72 -9.22
N ILE A 52 6.47 30.85 -10.15
CA ILE A 52 7.00 29.54 -9.78
C ILE A 52 8.28 29.71 -8.97
N ARG A 53 9.17 30.59 -9.42
CA ARG A 53 10.41 30.82 -8.70
C ARG A 53 10.14 31.40 -7.31
N ARG A 54 9.18 32.32 -7.21
CA ARG A 54 8.89 32.94 -5.92
C ARG A 54 8.31 31.94 -4.94
N TYR A 55 7.29 31.19 -5.37
CA TYR A 55 6.56 30.32 -4.45
C TYR A 55 7.30 29.02 -4.15
N GLN A 56 8.32 28.67 -4.93
CA GLN A 56 9.17 27.55 -4.60
C GLN A 56 10.31 27.94 -3.67
N LYS A 57 10.41 29.22 -3.32
CA LYS A 57 11.45 29.71 -2.43
C LYS A 57 10.92 30.04 -1.04
N SER A 58 9.62 30.21 -0.89
CA SER A 58 9.01 30.57 0.38
C SER A 58 8.32 29.37 0.99
N THR A 59 7.91 29.51 2.26
CA THR A 59 7.33 28.41 3.00
C THR A 59 6.00 28.73 3.68
N GLU A 60 5.45 29.93 3.49
CA GLU A 60 4.21 30.25 4.17
C GLU A 60 3.04 29.50 3.53
N LEU A 61 1.92 29.48 4.26
CA LEU A 61 0.73 28.81 3.77
C LEU A 61 0.09 29.63 2.65
N LEU A 62 -0.26 28.96 1.57
CA LEU A 62 -0.78 29.65 0.38
C LEU A 62 -2.30 29.80 0.38
N ILE A 63 -3.00 29.19 1.32
CA ILE A 63 -4.44 29.35 1.47
C ILE A 63 -4.69 30.21 2.69
N ARG A 64 -5.62 31.15 2.56
CA ARG A 64 -6.00 32.00 3.67
C ARG A 64 -6.48 31.16 4.84
N LYS A 65 -6.07 31.54 6.05
CA LYS A 65 -6.30 30.70 7.22
C LYS A 65 -7.79 30.60 7.56
N LEU A 66 -8.50 31.73 7.57
CA LEU A 66 -9.90 31.72 7.98
C LEU A 66 -10.78 30.91 7.04
N PRO A 67 -10.72 31.05 5.72
CA PRO A 67 -11.53 30.18 4.87
C PRO A 67 -11.25 28.70 5.07
N PHE A 68 -9.99 28.33 5.26
CA PHE A 68 -9.66 26.93 5.49
C PHE A 68 -10.24 26.45 6.81
N GLN A 69 -10.16 27.27 7.86
CA GLN A 69 -10.73 26.87 9.14
C GLN A 69 -12.24 26.71 9.05
N ARG A 70 -12.91 27.61 8.33
CA ARG A 70 -14.34 27.46 8.13
C ARG A 70 -14.67 26.19 7.37
N LEU A 71 -13.88 25.87 6.34
CA LEU A 71 -14.08 24.63 5.60
C LEU A 71 -13.92 23.42 6.51
N VAL A 72 -12.89 23.43 7.35
CA VAL A 72 -12.66 22.30 8.26
C VAL A 72 -13.83 22.14 9.22
N ARG A 73 -14.33 23.25 9.77
CA ARG A 73 -15.47 23.16 10.68
C ARG A 73 -16.70 22.64 9.98
N GLU A 74 -16.95 23.09 8.75
CA GLU A 74 -18.12 22.60 8.02
C GLU A 74 -18.00 21.11 7.74
N ILE A 75 -16.82 20.65 7.34
CA ILE A 75 -16.63 19.22 7.09
C ILE A 75 -16.85 18.43 8.37
N ALA A 76 -16.31 18.91 9.49
CA ALA A 76 -16.45 18.19 10.74
C ALA A 76 -17.88 18.21 11.26
N GLN A 77 -18.71 19.16 10.82
CA GLN A 77 -20.09 19.22 11.28
C GLN A 77 -20.84 17.92 10.98
N ASP A 78 -20.47 17.22 9.91
CA ASP A 78 -21.19 16.02 9.52
C ASP A 78 -20.74 14.77 10.26
N PHE A 79 -19.67 14.85 11.05
CA PHE A 79 -19.22 13.72 11.86
C PHE A 79 -19.62 13.85 13.33
N LYS A 80 -19.66 15.06 13.84
CA LYS A 80 -20.10 15.30 15.21
C LYS A 80 -20.55 16.75 15.33
N THR A 81 -21.67 16.96 16.01
CA THR A 81 -22.11 18.31 16.29
C THR A 81 -21.20 18.96 17.32
N ASP A 82 -21.34 20.28 17.44
CA ASP A 82 -20.68 21.15 18.43
C ASP A 82 -19.27 20.69 18.78
N LEU A 83 -18.47 20.40 17.76
CA LEU A 83 -17.07 20.04 17.97
C LEU A 83 -16.24 21.28 18.24
N ARG A 84 -15.06 21.05 18.81
CA ARG A 84 -14.11 22.11 19.09
C ARG A 84 -12.76 21.74 18.48
N PHE A 85 -12.06 22.74 17.98
CA PHE A 85 -10.77 22.56 17.33
C PHE A 85 -9.73 23.44 18.01
N GLN A 86 -8.60 22.85 18.37
CA GLN A 86 -7.46 23.64 18.77
C GLN A 86 -6.86 24.34 17.55
N SER A 87 -6.29 25.53 17.78
CA SER A 87 -5.69 26.27 16.69
C SER A 87 -4.56 25.48 16.04
N SER A 88 -3.76 24.79 16.86
CA SER A 88 -2.69 23.96 16.31
C SER A 88 -3.26 22.81 15.49
N ALA A 89 -4.44 22.30 15.84
CA ALA A 89 -5.06 21.25 15.04
C ALA A 89 -5.40 21.74 13.65
N VAL A 90 -6.01 22.93 13.56
CA VAL A 90 -6.33 23.50 12.26
C VAL A 90 -5.06 23.79 11.47
N MET A 91 -4.02 24.25 12.16
CA MET A 91 -2.75 24.52 11.48
C MET A 91 -2.13 23.25 10.94
N ALA A 92 -2.18 22.15 11.70
CA ALA A 92 -1.65 20.88 11.21
C ALA A 92 -2.45 20.38 10.02
N LEU A 93 -3.77 20.52 10.08
CA LEU A 93 -4.61 20.14 8.95
C LEU A 93 -4.24 20.95 7.72
N GLN A 94 -4.03 22.25 7.88
CA GLN A 94 -3.67 23.09 6.73
C GLN A 94 -2.32 22.70 6.17
N GLU A 95 -1.34 22.44 7.03
CA GLU A 95 -0.03 22.01 6.55
C GLU A 95 -0.14 20.72 5.75
N ALA A 96 -0.90 19.76 6.26
CA ALA A 96 -1.09 18.50 5.53
C ALA A 96 -1.76 18.74 4.19
N CYS A 97 -2.78 19.59 4.15
CA CYS A 97 -3.49 19.83 2.90
C CYS A 97 -2.61 20.51 1.87
N GLU A 98 -1.83 21.52 2.29
CA GLU A 98 -0.92 22.16 1.35
C GLU A 98 0.10 21.19 0.81
N ALA A 99 0.69 20.37 1.68
CA ALA A 99 1.69 19.42 1.20
C ALA A 99 1.08 18.43 0.22
N TYR A 100 -0.11 17.91 0.54
CA TYR A 100 -0.76 16.95 -0.33
C TYR A 100 -1.08 17.56 -1.69
N LEU A 101 -1.67 18.75 -1.69
CA LEU A 101 -2.04 19.39 -2.95
C LEU A 101 -0.82 19.74 -3.78
N VAL A 102 0.27 20.17 -3.14
CA VAL A 102 1.47 20.51 -3.88
C VAL A 102 2.06 19.27 -4.53
N GLY A 103 2.15 18.17 -3.79
CA GLY A 103 2.65 16.94 -4.40
C GLY A 103 1.78 16.45 -5.53
N LEU A 104 0.45 16.53 -5.34
CA LEU A 104 -0.46 16.14 -6.40
C LEU A 104 -0.29 17.02 -7.62
N PHE A 105 -0.01 18.31 -7.43
CA PHE A 105 0.17 19.19 -8.57
C PHE A 105 1.49 18.91 -9.29
N GLU A 106 2.53 18.52 -8.57
CA GLU A 106 3.75 18.07 -9.26
C GLU A 106 3.48 16.84 -10.12
N ASP A 107 2.74 15.87 -9.57
CA ASP A 107 2.42 14.69 -10.36
C ASP A 107 1.55 15.04 -11.56
N THR A 108 0.60 15.96 -11.37
CA THR A 108 -0.25 16.41 -12.46
C THR A 108 0.57 17.10 -13.56
N ASN A 109 1.54 17.91 -13.16
CA ASN A 109 2.41 18.55 -14.14
C ASN A 109 3.21 17.51 -14.92
N LEU A 110 3.70 16.48 -14.23
CA LEU A 110 4.40 15.41 -14.93
C LEU A 110 3.50 14.73 -15.95
N CYS A 111 2.26 14.43 -15.56
CA CYS A 111 1.32 13.81 -16.49
C CYS A 111 1.05 14.70 -17.68
N ALA A 112 0.84 16.00 -17.45
CA ALA A 112 0.56 16.92 -18.54
C ALA A 112 1.74 17.01 -19.50
N ILE A 113 2.96 17.05 -18.97
CA ILE A 113 4.14 17.07 -19.83
C ILE A 113 4.25 15.79 -20.63
N HIS A 114 3.85 14.66 -20.04
CA HIS A 114 3.88 13.40 -20.77
C HIS A 114 3.00 13.46 -22.02
N ALA A 115 1.84 14.09 -21.92
CA ALA A 115 0.91 14.22 -23.03
C ALA A 115 1.28 15.35 -23.99
N LYS A 116 2.52 15.81 -23.95
CA LYS A 116 3.01 16.88 -24.84
C LYS A 116 2.19 18.16 -24.67
N ARG A 117 1.93 18.52 -23.41
CA ARG A 117 1.19 19.72 -23.07
C ARG A 117 1.98 20.50 -22.03
N VAL A 118 1.50 21.71 -21.73
CA VAL A 118 2.06 22.52 -20.67
C VAL A 118 0.91 22.99 -19.78
N THR A 119 -0.31 22.73 -20.22
CA THR A 119 -1.51 23.11 -19.48
C THR A 119 -2.04 21.89 -18.74
N ILE A 120 -2.10 21.97 -17.42
CA ILE A 120 -2.64 20.87 -16.63
C ILE A 120 -4.16 20.91 -16.75
N MET A 121 -4.76 19.74 -16.93
CA MET A 121 -6.18 19.57 -17.12
C MET A 121 -6.69 18.55 -16.12
N PRO A 122 -8.00 18.51 -15.86
CA PRO A 122 -8.51 17.55 -14.87
C PRO A 122 -8.17 16.11 -15.20
N LYS A 123 -8.02 15.77 -16.48
CA LYS A 123 -7.64 14.41 -16.83
C LYS A 123 -6.26 14.06 -16.29
N ASP A 124 -5.34 15.02 -16.26
CA ASP A 124 -4.03 14.77 -15.68
C ASP A 124 -4.13 14.50 -14.19
N ILE A 125 -4.96 15.27 -13.48
CA ILE A 125 -5.17 15.04 -12.05
C ILE A 125 -5.73 13.65 -11.83
N GLN A 126 -6.72 13.26 -12.64
CA GLN A 126 -7.32 11.94 -12.49
C GLN A 126 -6.32 10.84 -12.74
N LEU A 127 -5.49 10.98 -13.77
CA LEU A 127 -4.48 9.97 -14.05
C LEU A 127 -3.47 9.86 -12.91
N ALA A 128 -3.01 11.00 -12.40
CA ALA A 128 -2.04 10.96 -11.30
C ALA A 128 -2.65 10.31 -10.05
N ARG A 129 -3.89 10.66 -9.73
CA ARG A 129 -4.53 10.09 -8.55
C ARG A 129 -4.81 8.61 -8.74
N ARG A 130 -5.16 8.19 -9.95
CA ARG A 130 -5.38 6.77 -10.21
C ARG A 130 -4.09 5.98 -10.06
N ILE A 131 -2.99 6.48 -10.62
CA ILE A 131 -1.73 5.75 -10.53
C ILE A 131 -1.23 5.74 -9.09
N ARG A 132 -1.41 6.83 -8.36
CA ARG A 132 -1.02 6.88 -6.96
C ARG A 132 -1.79 5.88 -6.12
N GLY A 133 -2.97 5.45 -6.56
CA GLY A 133 -3.80 4.55 -5.81
C GLY A 133 -4.95 5.18 -5.08
N GLU A 134 -5.17 6.49 -5.24
CA GLU A 134 -6.26 7.16 -4.56
C GLU A 134 -7.61 6.87 -5.20
N ARG A 135 -7.65 6.67 -6.52
CA ARG A 135 -8.87 6.31 -7.20
C ARG A 135 -8.91 4.81 -7.49
N LYS B 21 -23.34 27.43 15.61
CA LYS B 21 -23.84 27.91 14.32
C LYS B 21 -23.77 26.80 13.27
N VAL B 22 -24.18 27.13 12.05
CA VAL B 22 -24.18 26.20 10.94
C VAL B 22 -23.38 26.80 9.79
N LEU B 23 -22.40 26.06 9.28
CA LEU B 23 -21.57 26.50 8.18
C LEU B 23 -22.04 25.84 6.88
N ARG B 24 -22.04 26.62 5.80
CA ARG B 24 -22.52 26.13 4.51
C ARG B 24 -21.77 26.83 3.39
N ASP B 25 -21.38 26.07 2.37
CA ASP B 25 -20.73 26.58 1.16
C ASP B 25 -19.45 27.33 1.54
N ASN B 26 -18.50 26.54 2.01
CA ASN B 26 -17.19 27.07 2.37
C ASN B 26 -16.04 26.49 1.55
N ILE B 27 -16.29 25.46 0.74
CA ILE B 27 -15.26 24.99 -0.17
C ILE B 27 -14.96 26.05 -1.21
N GLN B 28 -15.92 26.95 -1.49
CA GLN B 28 -15.66 28.08 -2.35
C GLN B 28 -14.66 29.04 -1.75
N GLY B 29 -14.39 28.95 -0.45
CA GLY B 29 -13.37 29.77 0.18
C GLY B 29 -11.97 29.44 -0.28
N ILE B 30 -11.78 28.28 -0.91
CA ILE B 30 -10.50 27.97 -1.54
C ILE B 30 -10.53 28.60 -2.92
N THR B 31 -10.14 29.87 -2.99
CA THR B 31 -10.40 30.68 -4.17
C THR B 31 -9.48 30.26 -5.32
N LYS B 32 -9.78 30.79 -6.50
CA LYS B 32 -8.96 30.52 -7.68
C LYS B 32 -7.51 30.92 -7.50
N PRO B 33 -7.18 32.13 -7.04
CA PRO B 33 -5.75 32.47 -6.86
C PRO B 33 -5.04 31.58 -5.85
N ALA B 34 -5.74 31.09 -4.82
CA ALA B 34 -5.10 30.17 -3.88
C ALA B 34 -4.67 28.88 -4.57
N ILE B 35 -5.56 28.32 -5.39
CA ILE B 35 -5.22 27.11 -6.13
C ILE B 35 -4.12 27.40 -7.14
N ARG B 36 -4.12 28.59 -7.74
CA ARG B 36 -3.04 28.94 -8.65
C ARG B 36 -1.70 29.01 -7.91
N ARG B 37 -1.69 29.57 -6.71
CA ARG B 37 -0.46 29.60 -5.92
C ARG B 37 0.00 28.19 -5.58
N LEU B 38 -0.92 27.33 -5.19
CA LEU B 38 -0.55 25.94 -4.89
C LEU B 38 0.03 25.25 -6.11
N ALA B 39 -0.56 25.48 -7.28
CA ALA B 39 -0.03 24.91 -8.51
C ALA B 39 1.35 25.46 -8.83
N ARG B 40 1.56 26.77 -8.62
CA ARG B 40 2.86 27.36 -8.88
C ARG B 40 3.93 26.76 -8.00
N ARG B 41 3.61 26.53 -6.72
CA ARG B 41 4.58 25.88 -5.85
C ARG B 41 4.93 24.49 -6.35
N GLY B 42 4.00 23.85 -7.07
CA GLY B 42 4.26 22.58 -7.70
C GLY B 42 4.96 22.65 -9.04
N GLY B 43 5.30 23.84 -9.51
CA GLY B 43 5.98 23.98 -10.78
C GLY B 43 5.09 23.96 -11.99
N VAL B 44 3.82 24.27 -11.84
CA VAL B 44 2.88 24.26 -12.95
C VAL B 44 2.91 25.62 -13.64
N LYS B 45 3.06 25.60 -14.97
CA LYS B 45 3.18 26.84 -15.73
C LYS B 45 1.82 27.34 -16.22
N ARG B 46 1.02 26.46 -16.79
CA ARG B 46 -0.29 26.82 -17.32
C ARG B 46 -1.35 25.95 -16.68
N ILE B 47 -2.47 26.57 -16.31
CA ILE B 47 -3.55 25.90 -15.58
C ILE B 47 -4.83 26.06 -16.37
N SER B 48 -5.51 24.94 -16.64
CA SER B 48 -6.79 24.99 -17.32
C SER B 48 -7.87 25.52 -16.40
N GLY B 49 -8.94 26.06 -17.00
CA GLY B 49 -10.00 26.66 -16.22
C GLY B 49 -10.88 25.67 -15.48
N LEU B 50 -10.79 24.38 -15.80
CA LEU B 50 -11.54 23.36 -15.11
C LEU B 50 -10.75 22.72 -13.98
N ILE B 51 -9.51 23.13 -13.77
CA ILE B 51 -8.69 22.53 -12.73
C ILE B 51 -9.21 22.88 -11.34
N TYR B 52 -9.77 24.08 -11.18
CA TYR B 52 -10.10 24.57 -9.84
C TYR B 52 -11.20 23.72 -9.18
N GLU B 53 -12.25 23.38 -9.93
CA GLU B 53 -13.32 22.57 -9.34
C GLU B 53 -12.82 21.18 -8.97
N GLU B 54 -12.00 20.58 -9.85
CA GLU B 54 -11.46 19.25 -9.56
C GLU B 54 -10.56 19.28 -8.34
N THR B 55 -9.75 20.34 -8.22
CA THR B 55 -8.89 20.47 -7.05
C THR B 55 -9.70 20.66 -5.78
N ARG B 56 -10.79 21.43 -5.87
CA ARG B 56 -11.67 21.59 -4.72
C ARG B 56 -12.25 20.25 -4.29
N GLY B 57 -12.70 19.44 -5.26
CA GLY B 57 -13.22 18.12 -4.91
C GLY B 57 -12.18 17.22 -4.27
N VAL B 58 -10.96 17.21 -4.82
CA VAL B 58 -9.90 16.37 -4.28
C VAL B 58 -9.56 16.81 -2.85
N LEU B 59 -9.45 18.11 -2.63
CA LEU B 59 -9.15 18.61 -1.29
C LEU B 59 -10.26 18.27 -0.33
N LYS B 60 -11.53 18.36 -0.77
CA LYS B 60 -12.64 18.01 0.10
C LYS B 60 -12.58 16.55 0.50
N VAL B 61 -12.26 15.66 -0.45
CA VAL B 61 -12.16 14.24 -0.12
C VAL B 61 -11.06 13.98 0.89
N PHE B 62 -9.88 14.57 0.64
CA PHE B 62 -8.74 14.36 1.54
C PHE B 62 -9.06 14.88 2.94
N LEU B 63 -9.64 16.07 3.02
CA LEU B 63 -10.01 16.64 4.32
C LEU B 63 -11.05 15.80 5.02
N GLU B 64 -12.04 15.28 4.28
CA GLU B 64 -13.05 14.45 4.90
C GLU B 64 -12.42 13.21 5.53
N ASN B 65 -11.52 12.55 4.80
CA ASN B 65 -10.88 11.36 5.35
C ASN B 65 -10.10 11.69 6.62
N VAL B 66 -9.23 12.70 6.55
CA VAL B 66 -8.37 13.00 7.69
C VAL B 66 -9.21 13.44 8.90
N ILE B 67 -10.21 14.29 8.66
CA ILE B 67 -11.02 14.79 9.75
C ILE B 67 -11.86 13.69 10.37
N ARG B 68 -12.37 12.76 9.56
CA ARG B 68 -13.10 11.64 10.13
C ARG B 68 -12.22 10.80 11.05
N ASP B 69 -11.00 10.50 10.61
CA ASP B 69 -10.11 9.72 11.47
C ASP B 69 -9.76 10.48 12.74
N ALA B 70 -9.50 11.79 12.63
CA ALA B 70 -9.16 12.58 13.80
C ALA B 70 -10.33 12.64 14.78
N VAL B 71 -11.55 12.77 14.26
CA VAL B 71 -12.72 12.83 15.12
C VAL B 71 -12.93 11.49 15.81
N THR B 72 -12.66 10.39 15.12
CA THR B 72 -12.72 9.08 15.78
C THR B 72 -11.72 8.99 16.92
N TYR B 73 -10.49 9.45 16.69
CA TYR B 73 -9.48 9.42 17.73
C TYR B 73 -9.90 10.27 18.93
N THR B 74 -10.45 11.45 18.66
CA THR B 74 -10.93 12.32 19.74
C THR B 74 -12.09 11.69 20.49
N GLU B 75 -13.02 11.06 19.77
CA GLU B 75 -14.18 10.45 20.40
C GLU B 75 -13.75 9.33 21.34
N HIS B 76 -12.77 8.52 20.93
CA HIS B 76 -12.33 7.44 21.79
C HIS B 76 -11.76 7.96 23.10
N ALA B 77 -11.24 9.17 23.11
CA ALA B 77 -10.64 9.75 24.30
C ALA B 77 -11.67 10.42 25.21
N LYS B 78 -12.95 10.36 24.85
CA LYS B 78 -14.02 11.01 25.60
C LYS B 78 -13.78 12.51 25.73
N ARG B 79 -13.26 13.11 24.67
CA ARG B 79 -13.03 14.55 24.60
C ARG B 79 -13.94 15.19 23.57
N LYS B 80 -14.06 16.51 23.66
CA LYS B 80 -14.86 17.27 22.72
C LYS B 80 -14.04 18.26 21.91
N THR B 81 -12.72 18.29 22.08
CA THR B 81 -11.84 19.19 21.36
C THR B 81 -10.85 18.34 20.56
N VAL B 82 -10.76 18.61 19.26
CA VAL B 82 -9.84 17.91 18.39
C VAL B 82 -8.45 18.51 18.60
N THR B 83 -7.59 17.79 19.29
CA THR B 83 -6.24 18.28 19.53
C THR B 83 -5.37 18.04 18.30
N ALA B 84 -4.29 18.82 18.20
CA ALA B 84 -3.38 18.67 17.07
C ALA B 84 -2.77 17.28 17.03
N MET B 85 -2.63 16.64 18.18
CA MET B 85 -2.00 15.32 18.20
C MET B 85 -2.93 14.28 17.59
N ASP B 86 -4.24 14.49 17.71
CA ASP B 86 -5.21 13.63 17.03
C ASP B 86 -5.07 13.75 15.52
N VAL B 87 -4.88 14.96 15.01
CA VAL B 87 -4.64 15.14 13.59
C VAL B 87 -3.34 14.47 13.17
N VAL B 88 -2.32 14.55 14.03
CA VAL B 88 -1.06 13.88 13.72
C VAL B 88 -1.26 12.37 13.63
N TYR B 89 -2.02 11.80 14.56
CA TYR B 89 -2.31 10.37 14.51
C TYR B 89 -3.08 10.00 13.26
N ALA B 90 -4.10 10.80 12.91
CA ALA B 90 -4.90 10.51 11.73
C ALA B 90 -4.06 10.55 10.47
N LEU B 91 -3.15 11.52 10.37
CA LEU B 91 -2.28 11.60 9.21
C LEU B 91 -1.28 10.45 9.18
N LYS B 92 -0.76 10.08 10.35
CA LYS B 92 0.23 9.01 10.40
C LYS B 92 -0.38 7.68 9.98
N ARG B 93 -1.65 7.53 10.24
CA ARG B 93 -2.42 6.35 9.96
C ARG B 93 -2.67 6.14 8.54
N GLN B 94 -2.47 7.16 7.79
CA GLN B 94 -2.72 7.14 6.36
C GLN B 94 -1.44 7.25 5.54
N GLY B 95 -0.30 7.00 6.15
CA GLY B 95 0.98 7.15 5.47
C GLY B 95 1.31 8.57 5.10
N ARG B 96 0.93 9.53 5.94
CA ARG B 96 1.15 10.95 5.70
C ARG B 96 1.74 11.60 6.94
N THR B 97 2.81 11.01 7.46
CA THR B 97 3.43 11.48 8.69
C THR B 97 3.76 12.96 8.63
N LEU B 98 3.42 13.68 9.70
CA LEU B 98 3.63 15.12 9.79
C LEU B 98 4.54 15.43 10.95
N TYR B 99 5.59 16.21 10.69
CA TYR B 99 6.53 16.62 11.71
C TYR B 99 6.26 18.07 12.12
N GLY B 100 6.49 18.37 13.39
CA GLY B 100 6.39 19.73 13.88
C GLY B 100 5.18 20.04 14.72
N PHE B 101 4.36 19.04 15.06
CA PHE B 101 3.20 19.29 15.91
C PHE B 101 3.10 18.29 17.05
N GLY B 102 4.08 17.40 17.21
CA GLY B 102 4.07 16.44 18.29
C GLY B 102 4.29 15.02 17.81
N ALA C 13 -17.87 -27.19 37.94
CA ALA C 13 -18.97 -27.25 36.99
C ALA C 13 -18.49 -27.77 35.65
N LYS C 14 -19.41 -27.95 34.71
CA LYS C 14 -19.05 -28.46 33.40
C LYS C 14 -18.33 -27.39 32.58
N ALA C 15 -17.26 -27.80 31.91
CA ALA C 15 -16.48 -26.86 31.11
C ALA C 15 -17.28 -26.37 29.92
N LYS C 16 -17.16 -25.07 29.63
CA LYS C 16 -17.87 -24.44 28.52
C LYS C 16 -16.93 -23.48 27.83
N SER C 17 -16.72 -23.67 26.53
CA SER C 17 -15.84 -22.78 25.78
C SER C 17 -16.42 -21.37 25.75
N ARG C 18 -15.53 -20.37 25.79
CA ARG C 18 -15.99 -18.99 25.70
C ARG C 18 -16.63 -18.71 24.35
N SER C 19 -16.19 -19.40 23.29
CA SER C 19 -16.84 -19.26 22.00
C SER C 19 -18.29 -19.69 22.07
N SER C 20 -18.57 -20.79 22.77
CA SER C 20 -19.95 -21.23 22.93
C SER C 20 -20.76 -20.22 23.72
N ARG C 21 -20.16 -19.63 24.76
CA ARG C 21 -20.86 -18.62 25.53
C ARG C 21 -21.20 -17.41 24.67
N ALA C 22 -20.26 -16.98 23.83
CA ALA C 22 -20.51 -15.87 22.93
C ALA C 22 -21.28 -16.26 21.69
N GLY C 23 -21.52 -17.55 21.47
CA GLY C 23 -22.19 -18.01 20.28
C GLY C 23 -21.40 -17.79 19.00
N LEU C 24 -20.11 -18.07 19.03
CA LEU C 24 -19.23 -17.87 17.88
C LEU C 24 -18.60 -19.19 17.46
N GLN C 25 -18.03 -19.19 16.26
CA GLN C 25 -17.27 -20.33 15.77
C GLN C 25 -15.78 -20.14 15.91
N PHE C 26 -15.29 -18.92 15.91
CA PHE C 26 -13.87 -18.66 16.08
C PHE C 26 -13.46 -18.82 17.54
N PRO C 27 -12.21 -19.19 17.80
CA PRO C 27 -11.78 -19.48 19.17
C PRO C 27 -11.53 -18.20 19.96
N VAL C 28 -12.37 -17.96 20.96
CA VAL C 28 -12.16 -16.79 21.82
C VAL C 28 -10.93 -16.99 22.69
N GLY C 29 -10.73 -18.20 23.21
CA GLY C 29 -9.59 -18.45 24.06
C GLY C 29 -8.26 -18.29 23.33
N ARG C 30 -8.18 -18.80 22.09
CA ARG C 30 -6.97 -18.64 21.31
C ARG C 30 -6.69 -17.18 21.00
N VAL C 31 -7.74 -16.41 20.69
CA VAL C 31 -7.57 -14.99 20.43
C VAL C 31 -7.09 -14.27 21.68
N HIS C 32 -7.64 -14.64 22.84
CA HIS C 32 -7.18 -14.06 24.10
C HIS C 32 -5.70 -14.36 24.33
N ARG C 33 -5.30 -15.60 24.10
CA ARG C 33 -3.90 -15.97 24.28
C ARG C 33 -2.99 -15.22 23.33
N LEU C 34 -3.41 -15.07 22.07
CA LEU C 34 -2.60 -14.33 21.10
C LEU C 34 -2.49 -12.87 21.49
N LEU C 35 -3.57 -12.27 22.00
CA LEU C 35 -3.52 -10.90 22.46
C LEU C 35 -2.58 -10.75 23.65
N ARG C 36 -2.64 -11.69 24.60
CA ARG C 36 -1.80 -11.60 25.78
C ARG C 36 -0.32 -11.77 25.42
N LYS C 37 0.00 -12.70 24.54
CA LYS C 37 1.38 -12.99 24.21
C LYS C 37 1.89 -12.20 23.00
N GLY C 38 1.07 -11.32 22.45
CA GLY C 38 1.45 -10.59 21.26
C GLY C 38 2.11 -9.24 21.48
N ASN C 39 2.40 -8.88 22.72
CA ASN C 39 3.04 -7.60 23.05
C ASN C 39 2.19 -6.42 22.56
N TYR C 40 0.94 -6.41 22.99
CA TYR C 40 0.01 -5.35 22.63
C TYR C 40 -0.36 -4.45 23.79
N ALA C 41 -0.51 -5.00 24.99
CA ALA C 41 -0.83 -4.22 26.16
C ALA C 41 -0.39 -4.98 27.40
N GLU C 42 -0.32 -4.26 28.52
CA GLU C 42 0.02 -4.92 29.77
C GLU C 42 -1.09 -5.87 30.20
N ARG C 43 -2.35 -5.46 30.03
CA ARG C 43 -3.50 -6.29 30.36
C ARG C 43 -4.42 -6.36 29.16
N VAL C 44 -5.28 -7.38 29.16
CA VAL C 44 -6.28 -7.57 28.12
C VAL C 44 -7.63 -7.72 28.79
N GLY C 45 -8.61 -6.94 28.33
CA GLY C 45 -9.93 -6.99 28.92
C GLY C 45 -10.65 -8.29 28.62
N ALA C 46 -11.71 -8.53 29.38
CA ALA C 46 -12.46 -9.78 29.22
C ALA C 46 -13.20 -9.83 27.90
N GLY C 47 -13.85 -8.74 27.51
CA GLY C 47 -14.64 -8.73 26.30
C GLY C 47 -13.88 -8.47 25.02
N ALA C 48 -12.62 -8.05 25.11
CA ALA C 48 -11.84 -7.78 23.90
C ALA C 48 -11.64 -9.01 23.03
N PRO C 49 -11.24 -10.17 23.56
CA PRO C 49 -11.13 -11.34 22.68
C PRO C 49 -12.45 -11.73 22.04
N VAL C 50 -13.55 -11.61 22.78
CA VAL C 50 -14.86 -11.92 22.21
C VAL C 50 -15.17 -10.98 21.06
N TYR C 51 -14.95 -9.68 21.27
CA TYR C 51 -15.24 -8.69 20.24
C TYR C 51 -14.42 -8.96 18.99
N MET C 52 -13.12 -9.18 19.15
CA MET C 52 -12.29 -9.32 17.96
C MET C 52 -12.50 -10.66 17.28
N ALA C 53 -12.80 -11.72 18.04
CA ALA C 53 -13.16 -12.98 17.43
C ALA C 53 -14.44 -12.85 16.62
N ALA C 54 -15.43 -12.11 17.14
CA ALA C 54 -16.65 -11.88 16.39
C ALA C 54 -16.37 -11.10 15.11
N VAL C 55 -15.50 -10.10 15.17
CA VAL C 55 -15.18 -9.32 13.99
C VAL C 55 -14.48 -10.20 12.94
N LEU C 56 -13.51 -11.01 13.38
CA LEU C 56 -12.82 -11.90 12.45
C LEU C 56 -13.79 -12.90 11.83
N GLU C 57 -14.69 -13.45 12.63
CA GLU C 57 -15.68 -14.39 12.11
C GLU C 57 -16.57 -13.72 11.08
N TYR C 58 -17.00 -12.49 11.35
CA TYR C 58 -17.86 -11.79 10.40
C TYR C 58 -17.14 -11.57 9.08
N LEU C 59 -15.89 -11.11 9.13
CA LEU C 59 -15.16 -10.86 7.89
C LEU C 59 -14.94 -12.15 7.12
N THR C 60 -14.56 -13.22 7.82
CA THR C 60 -14.39 -14.52 7.18
C THR C 60 -15.67 -14.98 6.52
N ALA C 61 -16.80 -14.85 7.22
CA ALA C 61 -18.07 -15.30 6.68
C ALA C 61 -18.45 -14.50 5.43
N GLU C 62 -18.27 -13.19 5.46
CA GLU C 62 -18.61 -12.38 4.30
C GLU C 62 -17.76 -12.76 3.09
N ILE C 63 -16.44 -12.87 3.29
CA ILE C 63 -15.57 -13.21 2.17
C ILE C 63 -15.90 -14.60 1.64
N LEU C 64 -16.13 -15.56 2.54
CA LEU C 64 -16.40 -16.92 2.11
C LEU C 64 -17.73 -17.02 1.36
N GLU C 65 -18.75 -16.28 1.81
CA GLU C 65 -20.01 -16.30 1.10
C GLU C 65 -19.87 -15.70 -0.30
N LEU C 66 -19.14 -14.59 -0.41
CA LEU C 66 -18.94 -14.00 -1.73
C LEU C 66 -18.14 -14.93 -2.64
N ALA C 67 -17.10 -15.56 -2.11
CA ALA C 67 -16.31 -16.49 -2.91
C ALA C 67 -17.12 -17.71 -3.32
N GLY C 68 -17.97 -18.21 -2.43
CA GLY C 68 -18.84 -19.32 -2.79
C GLY C 68 -19.83 -18.96 -3.87
N ASN C 69 -20.39 -17.74 -3.80
CA ASN C 69 -21.27 -17.29 -4.87
C ASN C 69 -20.52 -17.21 -6.18
N ALA C 70 -19.28 -16.70 -6.16
CA ALA C 70 -18.49 -16.65 -7.39
C ALA C 70 -18.21 -18.04 -7.93
N ALA C 71 -17.90 -18.99 -7.06
CA ALA C 71 -17.63 -20.35 -7.49
C ALA C 71 -18.88 -21.01 -8.09
N ARG C 72 -20.04 -20.77 -7.48
CA ARG C 72 -21.28 -21.32 -8.01
C ARG C 72 -21.63 -20.70 -9.36
N ASP C 73 -21.38 -19.40 -9.52
CA ASP C 73 -21.63 -18.76 -10.81
C ASP C 73 -20.75 -19.34 -11.90
N ASN C 74 -19.62 -19.94 -11.56
CA ASN C 74 -18.76 -20.62 -12.51
C ASN C 74 -19.04 -22.12 -12.55
N LYS C 75 -20.09 -22.52 -11.88
CA LYS C 75 -20.46 -23.90 -11.79
C LYS C 75 -19.31 -24.75 -11.34
N LYS C 76 -18.72 -24.43 -10.21
CA LYS C 76 -17.64 -25.19 -9.59
C LYS C 76 -18.01 -25.61 -8.18
N THR C 77 -17.45 -26.76 -7.77
CA THR C 77 -17.75 -27.34 -6.47
C THR C 77 -17.05 -26.63 -5.33
N ARG C 78 -15.84 -26.15 -5.57
CA ARG C 78 -14.92 -25.77 -4.50
C ARG C 78 -14.44 -24.35 -4.72
N ILE C 79 -14.16 -23.66 -3.62
CA ILE C 79 -13.60 -22.32 -3.68
C ILE C 79 -12.10 -22.44 -3.90
N ILE C 80 -11.60 -21.81 -4.96
CA ILE C 80 -10.17 -21.78 -5.25
C ILE C 80 -9.73 -20.33 -5.14
N PRO C 81 -8.42 -20.04 -5.11
CA PRO C 81 -7.99 -18.65 -4.92
C PRO C 81 -8.57 -17.68 -5.94
N ARG C 82 -8.84 -18.14 -7.16
CA ARG C 82 -9.42 -17.26 -8.17
C ARG C 82 -10.76 -16.71 -7.69
N HIS C 83 -11.57 -17.54 -7.05
CA HIS C 83 -12.87 -17.09 -6.57
C HIS C 83 -12.72 -16.06 -5.45
N LEU C 84 -11.74 -16.27 -4.55
CA LEU C 84 -11.49 -15.28 -3.51
C LEU C 84 -11.06 -13.95 -4.12
N GLN C 85 -10.17 -13.99 -5.11
CA GLN C 85 -9.74 -12.76 -5.77
C GLN C 85 -10.91 -12.07 -6.45
N LEU C 86 -11.78 -12.84 -7.12
CA LEU C 86 -12.94 -12.25 -7.76
C LEU C 86 -13.86 -11.61 -6.73
N ALA C 87 -14.06 -12.27 -5.59
CA ALA C 87 -14.93 -11.72 -4.57
C ALA C 87 -14.39 -10.41 -4.00
N ILE C 88 -13.09 -10.37 -3.72
CA ILE C 88 -12.51 -9.16 -3.13
C ILE C 88 -12.43 -8.03 -4.14
N ARG C 89 -11.93 -8.30 -5.35
CA ARG C 89 -11.71 -7.24 -6.31
C ARG C 89 -13.01 -6.66 -6.85
N ASN C 90 -14.11 -7.40 -6.77
CA ASN C 90 -15.39 -6.90 -7.26
C ASN C 90 -16.17 -6.13 -6.20
N ASP C 91 -15.65 -6.05 -4.99
CA ASP C 91 -16.27 -5.28 -3.92
C ASP C 91 -15.37 -4.12 -3.57
N GLU C 92 -15.92 -2.90 -3.57
CA GLU C 92 -15.06 -1.74 -3.37
C GLU C 92 -14.56 -1.65 -1.93
N GLU C 93 -15.43 -1.96 -0.96
CA GLU C 93 -15.01 -1.95 0.43
C GLU C 93 -13.95 -3.01 0.69
N LEU C 94 -14.15 -4.22 0.19
CA LEU C 94 -13.16 -5.27 0.36
C LEU C 94 -11.89 -4.96 -0.39
N ASN C 95 -11.99 -4.34 -1.57
CA ASN C 95 -10.81 -3.94 -2.30
C ASN C 95 -10.01 -2.89 -1.55
N LYS C 96 -10.70 -1.93 -0.94
CA LYS C 96 -10.02 -0.92 -0.13
C LYS C 96 -9.37 -1.53 1.09
N LEU C 97 -10.04 -2.49 1.73
CA LEU C 97 -9.44 -3.15 2.89
C LEU C 97 -8.22 -3.97 2.50
N LEU C 98 -8.20 -4.54 1.29
CA LEU C 98 -7.12 -5.38 0.82
C LEU C 98 -6.45 -4.77 -0.40
N GLY C 99 -6.25 -3.46 -0.39
CA GLY C 99 -5.68 -2.80 -1.55
C GLY C 99 -4.26 -3.20 -1.84
N LYS C 100 -3.44 -3.31 -0.79
CA LYS C 100 -2.03 -3.63 -0.94
C LYS C 100 -1.74 -5.10 -0.65
N VAL C 101 -2.66 -5.99 -0.99
CA VAL C 101 -2.54 -7.41 -0.69
C VAL C 101 -2.50 -8.17 -2.01
N THR C 102 -1.54 -9.08 -2.13
CA THR C 102 -1.43 -9.95 -3.28
C THR C 102 -1.93 -11.33 -2.91
N ILE C 103 -2.74 -11.93 -3.77
CA ILE C 103 -3.35 -13.22 -3.53
C ILE C 103 -2.70 -14.23 -4.48
N ALA C 104 -2.14 -15.29 -3.90
CA ALA C 104 -1.48 -16.31 -4.71
C ALA C 104 -2.50 -17.04 -5.58
N GLN C 105 -2.11 -17.32 -6.82
CA GLN C 105 -2.99 -17.97 -7.80
C GLN C 105 -4.28 -17.20 -8.01
N GLY C 106 -4.23 -15.88 -7.85
CA GLY C 106 -5.44 -15.09 -7.89
C GLY C 106 -5.78 -14.53 -9.25
N GLY C 107 -4.76 -14.22 -10.05
CA GLY C 107 -5.03 -13.60 -11.33
C GLY C 107 -5.49 -12.16 -11.15
N VAL C 108 -6.09 -11.62 -12.23
CA VAL C 108 -6.55 -10.25 -12.25
C VAL C 108 -7.98 -10.22 -12.76
N LEU C 109 -8.66 -9.12 -12.46
CA LEU C 109 -10.00 -8.92 -12.97
C LEU C 109 -9.96 -8.76 -14.49
N PRO C 110 -10.93 -9.33 -15.21
CA PRO C 110 -11.00 -9.09 -16.65
C PRO C 110 -11.43 -7.67 -16.97
N ASN C 111 -10.52 -6.86 -17.48
CA ASN C 111 -10.83 -5.47 -17.81
C ASN C 111 -9.98 -5.02 -18.99
N ILE C 112 -10.65 -4.54 -20.03
CA ILE C 112 -10.00 -4.04 -21.24
C ILE C 112 -10.44 -2.60 -21.46
N GLN C 113 -9.48 -1.71 -21.69
CA GLN C 113 -9.81 -0.32 -21.93
C GLN C 113 -10.60 -0.18 -23.23
N ALA C 114 -11.56 0.74 -23.21
CA ALA C 114 -12.46 0.88 -24.36
C ALA C 114 -11.72 1.35 -25.61
N VAL C 115 -10.61 2.07 -25.44
CA VAL C 115 -9.87 2.57 -26.60
C VAL C 115 -9.25 1.43 -27.38
N LEU C 116 -8.80 0.37 -26.70
CA LEU C 116 -8.15 -0.73 -27.40
C LEU C 116 -9.14 -1.53 -28.23
N LEU C 117 -10.41 -1.52 -27.86
CA LEU C 117 -11.40 -2.29 -28.59
C LEU C 117 -11.59 -1.72 -30.01
N PRO C 118 -11.71 -2.58 -31.02
CA PRO C 118 -11.92 -2.08 -32.38
C PRO C 118 -13.33 -1.55 -32.56
N LYS C 119 -13.48 -0.70 -33.57
CA LYS C 119 -14.78 -0.12 -33.88
C LYS C 119 -15.71 -1.19 -34.45
N ARG D 32 6.29 -31.27 13.32
CA ARG D 32 6.01 -32.03 14.54
C ARG D 32 5.88 -31.10 15.74
N SER D 33 5.21 -29.96 15.54
CA SER D 33 5.06 -28.99 16.62
C SER D 33 3.67 -28.37 16.66
N ARG D 34 2.69 -29.02 16.03
CA ARG D 34 1.28 -28.62 16.14
C ARG D 34 1.08 -27.17 15.67
N LYS D 35 1.25 -27.00 14.35
CA LYS D 35 1.29 -25.70 13.68
C LYS D 35 0.20 -24.72 14.11
N GLU D 36 -0.98 -25.22 14.51
CA GLU D 36 -2.03 -24.38 15.10
C GLU D 36 -2.46 -23.27 14.12
N SER D 37 -3.13 -23.71 13.06
CA SER D 37 -3.66 -22.81 12.06
C SER D 37 -5.09 -22.39 12.42
N TYR D 38 -5.76 -21.70 11.50
CA TYR D 38 -7.16 -21.30 11.66
C TYR D 38 -8.10 -22.13 10.80
N SER D 39 -7.63 -23.24 10.25
CA SER D 39 -8.35 -23.90 9.17
C SER D 39 -9.71 -24.42 9.61
N ILE D 40 -9.77 -25.04 10.80
CA ILE D 40 -11.02 -25.70 11.19
C ILE D 40 -12.13 -24.69 11.44
N TYR D 41 -11.80 -23.51 11.96
CA TYR D 41 -12.83 -22.52 12.23
C TYR D 41 -13.33 -21.90 10.93
N VAL D 42 -12.43 -21.63 9.99
CA VAL D 42 -12.85 -21.13 8.69
C VAL D 42 -13.72 -22.15 7.98
N TYR D 43 -13.36 -23.43 8.10
CA TYR D 43 -14.15 -24.48 7.50
C TYR D 43 -15.54 -24.57 8.14
N LYS D 44 -15.61 -24.42 9.46
CA LYS D 44 -16.90 -24.39 10.14
C LYS D 44 -17.76 -23.25 9.63
N VAL D 45 -17.16 -22.06 9.51
CA VAL D 45 -17.91 -20.91 9.01
C VAL D 45 -18.38 -21.15 7.59
N LEU D 46 -17.52 -21.73 6.75
CA LEU D 46 -17.89 -21.99 5.37
C LEU D 46 -19.05 -22.97 5.29
N LYS D 47 -18.98 -24.07 6.03
CA LYS D 47 -20.07 -25.02 6.05
C LYS D 47 -21.34 -24.43 6.64
N GLN D 48 -21.21 -23.41 7.48
CA GLN D 48 -22.39 -22.75 8.02
C GLN D 48 -23.04 -21.82 6.99
N VAL D 49 -22.23 -21.16 6.17
CA VAL D 49 -22.76 -20.14 5.26
C VAL D 49 -22.98 -20.73 3.87
N HIS D 50 -22.32 -21.82 3.49
CA HIS D 50 -22.53 -22.50 2.18
C HIS D 50 -22.38 -23.97 2.46
N PRO D 51 -23.42 -24.63 2.84
CA PRO D 51 -23.36 -26.01 3.34
C PRO D 51 -22.77 -27.01 2.36
N ASP D 52 -22.78 -26.72 1.06
CA ASP D 52 -22.40 -27.70 0.06
C ASP D 52 -21.04 -27.45 -0.57
N THR D 53 -20.65 -26.20 -0.81
CA THR D 53 -19.37 -25.95 -1.45
C THR D 53 -18.21 -26.31 -0.53
N GLY D 54 -17.13 -26.78 -1.13
CA GLY D 54 -15.90 -27.05 -0.42
C GLY D 54 -14.89 -25.94 -0.58
N ILE D 55 -13.65 -26.24 -0.24
CA ILE D 55 -12.56 -25.28 -0.35
C ILE D 55 -11.26 -26.03 -0.55
N SER D 56 -10.38 -25.48 -1.36
CA SER D 56 -9.10 -26.11 -1.65
C SER D 56 -8.07 -25.75 -0.58
N SER D 57 -6.91 -26.40 -0.66
CA SER D 57 -5.86 -26.13 0.31
C SER D 57 -5.24 -24.75 0.12
N LYS D 58 -5.06 -24.34 -1.14
CA LYS D 58 -4.49 -23.02 -1.41
C LYS D 58 -5.40 -21.91 -0.90
N ALA D 59 -6.71 -22.02 -1.18
CA ALA D 59 -7.65 -21.04 -0.65
C ALA D 59 -7.70 -21.08 0.86
N MET D 60 -7.56 -22.27 1.44
CA MET D 60 -7.52 -22.40 2.89
C MET D 60 -6.34 -21.62 3.47
N GLY D 61 -5.16 -21.77 2.87
CA GLY D 61 -4.01 -21.03 3.34
C GLY D 61 -4.16 -19.53 3.13
N ILE D 62 -4.79 -19.13 2.03
CA ILE D 62 -5.03 -17.72 1.78
C ILE D 62 -5.93 -17.13 2.85
N MET D 63 -6.99 -17.86 3.21
CA MET D 63 -7.91 -17.33 4.22
C MET D 63 -7.27 -17.34 5.60
N ASN D 64 -6.39 -18.32 5.85
CA ASN D 64 -5.58 -18.30 7.06
C ASN D 64 -4.75 -17.02 7.14
N SER D 65 -4.05 -16.70 6.06
CA SER D 65 -3.24 -15.48 6.03
C SER D 65 -4.11 -14.26 6.21
N PHE D 66 -5.30 -14.25 5.62
CA PHE D 66 -6.20 -13.11 5.75
C PHE D 66 -6.61 -12.90 7.21
N VAL D 67 -6.96 -13.98 7.90
CA VAL D 67 -7.36 -13.85 9.29
C VAL D 67 -6.18 -13.37 10.13
N ASN D 68 -4.99 -13.91 9.89
CA ASN D 68 -3.82 -13.44 10.64
C ASN D 68 -3.55 -11.97 10.40
N ASP D 69 -3.66 -11.52 9.15
CA ASP D 69 -3.37 -10.13 8.81
C ASP D 69 -4.37 -9.21 9.48
N ILE D 70 -5.65 -9.53 9.42
CA ILE D 70 -6.65 -8.65 10.01
C ILE D 70 -6.52 -8.64 11.53
N PHE D 71 -6.22 -9.79 12.12
CA PHE D 71 -5.94 -9.83 13.55
C PHE D 71 -4.79 -8.89 13.91
N GLU D 72 -3.69 -8.97 13.18
CA GLU D 72 -2.54 -8.13 13.48
C GLU D 72 -2.88 -6.65 13.33
N ARG D 73 -3.61 -6.30 12.26
CA ARG D 73 -3.96 -4.90 12.04
C ARG D 73 -4.81 -4.36 13.19
N ILE D 74 -5.89 -5.06 13.51
CA ILE D 74 -6.79 -4.57 14.54
C ILE D 74 -6.10 -4.54 15.90
N ALA D 75 -5.35 -5.59 16.23
CA ALA D 75 -4.69 -5.64 17.53
C ALA D 75 -3.64 -4.54 17.66
N GLY D 76 -2.85 -4.31 16.60
CA GLY D 76 -1.86 -3.25 16.66
C GLY D 76 -2.47 -1.88 16.79
N GLU D 77 -3.56 -1.62 16.05
CA GLU D 77 -4.19 -0.32 16.14
C GLU D 77 -4.83 -0.11 17.51
N ALA D 78 -5.40 -1.17 18.09
CA ALA D 78 -5.95 -1.06 19.44
C ALA D 78 -4.84 -0.84 20.47
N SER D 79 -3.69 -1.49 20.27
CA SER D 79 -2.55 -1.24 21.14
C SER D 79 -2.11 0.21 21.10
N ARG D 80 -2.06 0.77 19.88
CA ARG D 80 -1.73 2.19 19.75
C ARG D 80 -2.78 3.07 20.42
N LEU D 81 -4.05 2.71 20.28
CA LEU D 81 -5.11 3.49 20.91
C LEU D 81 -4.98 3.49 22.42
N ALA D 82 -4.68 2.32 23.00
CA ALA D 82 -4.47 2.25 24.44
C ALA D 82 -3.25 3.06 24.86
N HIS D 83 -2.19 3.01 24.06
CA HIS D 83 -0.98 3.76 24.40
C HIS D 83 -1.22 5.26 24.37
N TYR D 84 -1.97 5.75 23.37
CA TYR D 84 -2.17 7.19 23.24
C TYR D 84 -2.93 7.75 24.44
N ASN D 85 -3.94 7.02 24.91
CA ASN D 85 -4.77 7.48 26.02
C ASN D 85 -4.21 7.08 27.37
N LYS D 86 -2.94 6.65 27.43
CA LYS D 86 -2.28 6.29 28.68
C LYS D 86 -3.05 5.20 29.43
N ARG D 87 -3.60 4.27 28.67
CA ARG D 87 -4.25 3.10 29.23
C ARG D 87 -3.32 1.90 29.10
N SER D 88 -3.41 0.99 30.07
CA SER D 88 -2.56 -0.20 30.06
C SER D 88 -3.30 -1.46 29.65
N THR D 89 -4.61 -1.39 29.44
CA THR D 89 -5.41 -2.56 29.11
C THR D 89 -6.17 -2.33 27.81
N ILE D 90 -6.29 -3.38 27.02
CA ILE D 90 -7.07 -3.36 25.79
C ILE D 90 -8.46 -3.91 26.10
N THR D 91 -9.48 -3.10 25.86
CA THR D 91 -10.85 -3.46 26.15
C THR D 91 -11.64 -3.56 24.85
N SER D 92 -12.91 -3.94 24.97
CA SER D 92 -13.77 -4.01 23.79
C SER D 92 -13.98 -2.64 23.17
N ARG D 93 -13.88 -1.58 23.99
CA ARG D 93 -13.95 -0.22 23.45
C ARG D 93 -12.79 0.04 22.50
N GLU D 94 -11.58 -0.37 22.88
CA GLU D 94 -10.43 -0.20 22.02
C GLU D 94 -10.61 -0.96 20.72
N ILE D 95 -11.10 -2.20 20.80
CA ILE D 95 -11.28 -3.01 19.60
C ILE D 95 -12.35 -2.39 18.71
N GLN D 96 -13.41 -1.86 19.29
CA GLN D 96 -14.45 -1.22 18.50
C GLN D 96 -13.91 0.00 17.78
N THR D 97 -13.12 0.83 18.46
CA THR D 97 -12.54 1.99 17.80
C THR D 97 -11.56 1.57 16.71
N ALA D 98 -10.77 0.52 16.95
CA ALA D 98 -9.85 0.04 15.92
C ALA D 98 -10.62 -0.46 14.70
N VAL D 99 -11.73 -1.16 14.92
CA VAL D 99 -12.55 -1.63 13.81
C VAL D 99 -13.12 -0.46 13.03
N ARG D 100 -13.59 0.56 13.74
CA ARG D 100 -14.10 1.75 13.07
C ARG D 100 -13.02 2.43 12.24
N LEU D 101 -11.81 2.49 12.75
CA LEU D 101 -10.73 3.17 12.05
C LEU D 101 -10.17 2.35 10.89
N LEU D 102 -10.26 1.02 10.94
CA LEU D 102 -9.64 0.18 9.93
C LEU D 102 -10.62 -0.33 8.87
N LEU D 103 -11.87 -0.57 9.23
CA LEU D 103 -12.69 -1.11 8.15
C LEU D 103 -13.45 0.01 7.44
N PRO D 104 -13.57 -0.08 6.11
CA PRO D 104 -14.24 0.99 5.36
C PRO D 104 -15.73 0.75 5.19
N GLY D 105 -16.49 1.84 5.23
CA GLY D 105 -17.89 1.79 4.86
C GLY D 105 -18.72 0.91 5.78
N GLU D 106 -19.66 0.19 5.17
CA GLU D 106 -20.57 -0.66 5.93
C GLU D 106 -19.88 -1.87 6.55
N LEU D 107 -18.67 -2.18 6.10
CA LEU D 107 -17.91 -3.26 6.74
C LEU D 107 -17.72 -2.96 8.21
N ALA D 108 -17.32 -1.73 8.54
CA ALA D 108 -17.14 -1.36 9.94
C ALA D 108 -18.44 -1.43 10.71
N LYS D 109 -19.54 -0.97 10.10
CA LYS D 109 -20.82 -0.95 10.78
C LYS D 109 -21.26 -2.37 11.14
N HIS D 110 -21.17 -3.28 10.17
CA HIS D 110 -21.62 -4.65 10.42
C HIS D 110 -20.68 -5.38 11.37
N ALA D 111 -19.37 -5.13 11.27
CA ALA D 111 -18.44 -5.75 12.22
C ALA D 111 -18.67 -5.24 13.63
N VAL D 112 -18.98 -3.96 13.78
CA VAL D 112 -19.28 -3.40 15.09
C VAL D 112 -20.55 -4.03 15.65
N SER D 113 -21.58 -4.19 14.80
CA SER D 113 -22.80 -4.83 15.25
C SER D 113 -22.53 -6.25 15.72
N GLU D 114 -21.75 -7.00 14.94
CA GLU D 114 -21.44 -8.38 15.31
C GLU D 114 -20.67 -8.46 16.62
N GLY D 115 -19.66 -7.61 16.78
CA GLY D 115 -18.90 -7.63 18.01
C GLY D 115 -19.72 -7.23 19.22
N THR D 116 -20.55 -6.20 19.08
CA THR D 116 -21.40 -5.79 20.18
C THR D 116 -22.38 -6.89 20.58
N LYS D 117 -22.99 -7.55 19.58
CA LYS D 117 -23.91 -8.63 19.88
C LYS D 117 -23.20 -9.79 20.57
N ALA D 118 -21.99 -10.13 20.11
CA ALA D 118 -21.25 -11.22 20.73
C ALA D 118 -20.89 -10.89 22.17
N VAL D 119 -20.44 -9.66 22.43
CA VAL D 119 -20.06 -9.30 23.79
C VAL D 119 -21.28 -9.27 24.69
N THR D 120 -22.42 -8.77 24.20
CA THR D 120 -23.63 -8.79 24.99
C THR D 120 -24.05 -10.21 25.33
N LYS D 121 -23.96 -11.13 24.36
CA LYS D 121 -24.31 -12.52 24.63
C LYS D 121 -23.35 -13.15 25.63
N TYR D 122 -22.06 -12.86 25.51
CA TYR D 122 -21.07 -13.44 26.41
C TYR D 122 -21.24 -12.92 27.84
N THR D 123 -21.63 -11.66 27.98
CA THR D 123 -21.81 -11.08 29.31
C THR D 123 -22.91 -11.81 30.08
N SER D 124 -24.01 -12.13 29.40
CA SER D 124 -25.08 -12.90 30.04
C SER D 124 -24.69 -14.33 30.35
N SER D 125 -23.57 -14.79 29.82
CA SER D 125 -23.08 -16.16 30.05
C SER D 125 -24.11 -17.20 29.64
N PRO E 39 -3.04 -17.06 -47.91
CA PRO E 39 -3.85 -17.73 -46.90
C PRO E 39 -4.50 -16.75 -45.92
N HIS E 40 -5.21 -17.29 -44.93
CA HIS E 40 -5.86 -16.44 -43.95
C HIS E 40 -4.85 -15.82 -43.01
N ARG E 41 -5.00 -14.53 -42.74
CA ARG E 41 -4.16 -13.81 -41.80
C ARG E 41 -5.03 -12.87 -40.99
N TYR E 42 -4.90 -12.95 -39.67
CA TYR E 42 -5.65 -12.03 -38.81
C TYR E 42 -5.10 -10.62 -38.93
N ARG E 43 -6.00 -9.64 -38.95
CA ARG E 43 -5.57 -8.25 -38.95
C ARG E 43 -4.88 -7.92 -37.62
N PRO E 44 -3.88 -7.06 -37.65
CA PRO E 44 -3.12 -6.78 -36.42
C PRO E 44 -4.03 -6.24 -35.31
N GLY E 45 -3.78 -6.72 -34.11
CA GLY E 45 -4.54 -6.33 -32.94
C GLY E 45 -5.64 -7.31 -32.55
N THR E 46 -6.09 -8.14 -33.48
CA THR E 46 -7.12 -9.13 -33.13
C THR E 46 -6.53 -10.25 -32.28
N VAL E 47 -5.38 -10.78 -32.68
CA VAL E 47 -4.74 -11.83 -31.88
C VAL E 47 -4.29 -11.26 -30.54
N ALA E 48 -3.85 -10.00 -30.53
CA ALA E 48 -3.47 -9.37 -29.27
C ALA E 48 -4.65 -9.26 -28.32
N LEU E 49 -5.82 -8.88 -28.85
CA LEU E 49 -7.00 -8.80 -28.01
C LEU E 49 -7.43 -10.18 -27.51
N ARG E 50 -7.29 -11.19 -28.36
CA ARG E 50 -7.57 -12.56 -27.92
C ARG E 50 -6.62 -12.97 -26.80
N GLU E 51 -5.34 -12.61 -26.92
CA GLU E 51 -4.38 -12.91 -25.86
C GLU E 51 -4.72 -12.18 -24.58
N ILE E 52 -5.14 -10.92 -24.68
CA ILE E 52 -5.53 -10.18 -23.48
C ILE E 52 -6.70 -10.85 -22.80
N ARG E 53 -7.71 -11.25 -23.58
CA ARG E 53 -8.86 -11.93 -22.99
C ARG E 53 -8.45 -13.25 -22.36
N ARG E 54 -7.55 -13.99 -23.01
CA ARG E 54 -7.16 -15.30 -22.52
C ARG E 54 -6.36 -15.21 -21.24
N TYR E 55 -5.34 -14.33 -21.20
CA TYR E 55 -4.45 -14.29 -20.05
C TYR E 55 -5.05 -13.54 -18.87
N GLN E 56 -6.08 -12.73 -19.09
CA GLN E 56 -6.81 -12.14 -17.98
C GLN E 56 -7.80 -13.11 -17.35
N LYS E 57 -7.99 -14.28 -17.96
CA LYS E 57 -8.90 -15.29 -17.46
C LYS E 57 -8.20 -16.39 -16.68
N SER E 58 -6.92 -16.64 -16.97
CA SER E 58 -6.19 -17.70 -16.32
C SER E 58 -5.46 -17.16 -15.09
N THR E 59 -4.76 -18.05 -14.38
CA THR E 59 -4.07 -17.66 -13.16
C THR E 59 -2.67 -18.23 -13.01
N GLU E 60 -2.19 -19.06 -13.93
CA GLU E 60 -0.88 -19.67 -13.74
C GLU E 60 0.21 -18.65 -14.01
N LEU E 61 1.40 -18.95 -13.50
CA LEU E 61 2.54 -18.05 -13.66
C LEU E 61 2.95 -17.97 -15.12
N LEU E 62 3.18 -16.76 -15.60
CA LEU E 62 3.46 -16.52 -17.01
C LEU E 62 4.95 -16.60 -17.34
N ILE E 63 5.81 -16.73 -16.34
CA ILE E 63 7.24 -16.92 -16.55
C ILE E 63 7.59 -18.34 -16.19
N ARG E 64 8.40 -18.99 -17.03
CA ARG E 64 8.82 -20.35 -16.75
C ARG E 64 9.59 -20.42 -15.44
N LYS E 65 9.38 -21.52 -14.71
CA LYS E 65 9.88 -21.60 -13.34
C LYS E 65 11.40 -21.64 -13.29
N LEU E 66 12.03 -22.41 -14.16
CA LEU E 66 13.49 -22.57 -14.11
C LEU E 66 14.24 -21.27 -14.36
N PRO E 67 13.93 -20.47 -15.40
CA PRO E 67 14.65 -19.20 -15.55
C PRO E 67 14.51 -18.28 -14.35
N PHE E 68 13.32 -18.23 -13.75
CA PHE E 68 13.13 -17.37 -12.58
C PHE E 68 13.92 -17.89 -11.38
N GLN E 69 13.97 -19.21 -11.20
CA GLN E 69 14.77 -19.77 -10.12
C GLN E 69 16.24 -19.42 -10.31
N ARG E 70 16.74 -19.56 -11.53
CA ARG E 70 18.13 -19.21 -11.80
C ARG E 70 18.38 -17.73 -11.54
N LEU E 71 17.45 -16.87 -11.96
CA LEU E 71 17.63 -15.44 -11.73
C LEU E 71 17.65 -15.11 -10.25
N VAL E 72 16.76 -15.73 -9.47
CA VAL E 72 16.70 -15.45 -8.03
C VAL E 72 17.98 -15.90 -7.36
N ARG E 73 18.48 -17.09 -7.71
CA ARG E 73 19.72 -17.56 -7.11
C ARG E 73 20.89 -16.66 -7.50
N GLU E 74 20.93 -16.21 -8.75
CA GLU E 74 22.00 -15.31 -9.18
C GLU E 74 21.95 -14.00 -8.40
N ILE E 75 20.75 -13.43 -8.22
CA ILE E 75 20.64 -12.18 -7.48
C ILE E 75 21.06 -12.38 -6.03
N ALA E 76 20.63 -13.47 -5.41
CA ALA E 76 21.00 -13.72 -4.02
C ALA E 76 22.47 -14.03 -3.86
N GLN E 77 23.16 -14.43 -4.93
CA GLN E 77 24.59 -14.71 -4.83
C GLN E 77 25.38 -13.48 -4.39
N ASP E 78 24.87 -12.29 -4.69
CA ASP E 78 25.60 -11.07 -4.33
C ASP E 78 25.61 -10.84 -2.83
N PHE E 79 24.50 -11.14 -2.14
CA PHE E 79 24.38 -10.84 -0.72
C PHE E 79 25.10 -11.87 0.14
N LYS E 80 24.67 -13.12 0.07
CA LYS E 80 25.28 -14.20 0.84
C LYS E 80 25.63 -15.34 -0.09
N THR E 81 26.88 -15.80 -0.01
CA THR E 81 27.32 -16.94 -0.80
C THR E 81 26.82 -18.24 -0.18
N ASP E 82 26.67 -19.25 -1.03
CA ASP E 82 26.23 -20.58 -0.61
C ASP E 82 24.89 -20.51 0.12
N LEU E 83 23.95 -19.78 -0.45
CA LEU E 83 22.62 -19.66 0.12
C LEU E 83 21.79 -20.90 -0.22
N ARG E 84 20.56 -20.92 0.28
CA ARG E 84 19.66 -22.04 0.07
C ARG E 84 18.24 -21.51 0.06
N PHE E 85 17.41 -22.05 -0.83
CA PHE E 85 16.06 -21.56 -1.01
C PHE E 85 15.08 -22.71 -0.87
N GLN E 86 14.04 -22.52 -0.07
CA GLN E 86 12.91 -23.42 -0.13
C GLN E 86 12.17 -23.25 -1.44
N SER E 87 11.51 -24.31 -1.88
CA SER E 87 10.72 -24.22 -3.10
C SER E 87 9.60 -23.21 -2.96
N SER E 88 8.94 -23.19 -1.79
CA SER E 88 7.88 -22.21 -1.55
C SER E 88 8.43 -20.80 -1.53
N ALA E 89 9.69 -20.62 -1.13
CA ALA E 89 10.29 -19.28 -1.15
C ALA E 89 10.38 -18.76 -2.57
N VAL E 90 10.90 -19.58 -3.49
CA VAL E 90 10.99 -19.18 -4.88
C VAL E 90 9.60 -18.99 -5.47
N MET E 91 8.64 -19.81 -5.06
CA MET E 91 7.28 -19.66 -5.55
C MET E 91 6.69 -18.32 -5.12
N ALA E 92 6.87 -17.95 -3.86
CA ALA E 92 6.37 -16.67 -3.38
C ALA E 92 7.06 -15.51 -4.09
N LEU E 93 8.36 -15.62 -4.30
CA LEU E 93 9.08 -14.58 -5.03
C LEU E 93 8.53 -14.42 -6.43
N GLN E 94 8.30 -15.54 -7.13
CA GLN E 94 7.77 -15.47 -8.49
C GLN E 94 6.39 -14.85 -8.50
N GLU E 95 5.53 -15.23 -7.56
CA GLU E 95 4.18 -14.69 -7.58
C GLU E 95 4.18 -13.20 -7.28
N ALA E 96 5.02 -12.75 -6.34
CA ALA E 96 5.13 -11.33 -6.07
C ALA E 96 5.63 -10.58 -7.31
N CYS E 97 6.62 -11.14 -8.00
CA CYS E 97 7.13 -10.48 -9.20
C CYS E 97 6.08 -10.39 -10.29
N GLU E 98 5.32 -11.47 -10.51
CA GLU E 98 4.26 -11.42 -11.51
C GLU E 98 3.23 -10.36 -11.16
N ALA E 99 2.78 -10.32 -9.91
CA ALA E 99 1.79 -9.34 -9.53
C ALA E 99 2.30 -7.92 -9.70
N TYR E 100 3.55 -7.68 -9.29
CA TYR E 100 4.13 -6.35 -9.41
C TYR E 100 4.23 -5.94 -10.88
N LEU E 101 4.72 -6.83 -11.73
CA LEU E 101 4.86 -6.49 -13.14
C LEU E 101 3.52 -6.27 -13.81
N VAL E 102 2.50 -7.05 -13.44
CA VAL E 102 1.18 -6.88 -14.04
C VAL E 102 0.59 -5.54 -13.64
N GLY E 103 0.69 -5.18 -12.35
CA GLY E 103 0.21 -3.87 -11.93
C GLY E 103 0.96 -2.74 -12.60
N LEU E 104 2.28 -2.89 -12.72
CA LEU E 104 3.08 -1.87 -13.39
C LEU E 104 2.67 -1.73 -14.85
N PHE E 105 2.36 -2.84 -15.51
CA PHE E 105 1.94 -2.77 -16.91
C PHE E 105 0.55 -2.15 -17.04
N GLU E 106 -0.33 -2.38 -16.07
CA GLU E 106 -1.62 -1.69 -16.09
C GLU E 106 -1.42 -0.18 -15.99
N ASP E 107 -0.56 0.26 -15.08
CA ASP E 107 -0.29 1.69 -14.96
C ASP E 107 0.37 2.24 -16.21
N THR E 108 1.29 1.47 -16.81
CA THR E 108 1.93 1.88 -18.05
C THR E 108 0.91 2.04 -19.17
N ASN E 109 -0.02 1.11 -19.27
CA ASN E 109 -1.05 1.20 -20.30
C ASN E 109 -1.92 2.43 -20.08
N LEU E 110 -2.24 2.73 -18.83
CA LEU E 110 -3.01 3.95 -18.56
C LEU E 110 -2.24 5.19 -18.99
N CYS E 111 -0.94 5.24 -18.69
CA CYS E 111 -0.12 6.37 -19.12
C CYS E 111 -0.09 6.48 -20.63
N ALA E 112 0.04 5.36 -21.33
CA ALA E 112 0.09 5.37 -22.79
C ALA E 112 -1.23 5.87 -23.37
N ILE E 113 -2.35 5.41 -22.82
CA ILE E 113 -3.65 5.88 -23.30
C ILE E 113 -3.81 7.38 -23.03
N HIS E 114 -3.25 7.86 -21.92
CA HIS E 114 -3.32 9.29 -21.62
C HIS E 114 -2.67 10.12 -22.73
N ALA E 115 -1.59 9.61 -23.33
CA ALA E 115 -0.89 10.32 -24.38
C ALA E 115 -1.44 10.00 -25.77
N LYS E 116 -2.69 9.55 -25.86
CA LYS E 116 -3.35 9.27 -27.14
C LYS E 116 -2.59 8.24 -27.96
N ARG E 117 -2.15 7.17 -27.32
CA ARG E 117 -1.47 6.08 -27.98
C ARG E 117 -2.08 4.75 -27.52
N VAL E 118 -1.72 3.69 -28.24
CA VAL E 118 -2.02 2.33 -27.83
C VAL E 118 -0.76 1.49 -27.66
N THR E 119 0.40 2.06 -27.92
CA THR E 119 1.67 1.35 -27.79
C THR E 119 2.36 1.85 -26.53
N ILE E 120 2.72 0.93 -25.64
CA ILE E 120 3.45 1.29 -24.43
C ILE E 120 4.92 1.42 -24.78
N MET E 121 5.55 2.46 -24.25
CA MET E 121 6.95 2.77 -24.49
C MET E 121 7.66 2.89 -23.15
N PRO E 122 8.99 2.85 -23.12
CA PRO E 122 9.70 2.98 -21.84
C PRO E 122 9.36 4.25 -21.09
N LYS E 123 9.03 5.33 -21.80
CA LYS E 123 8.69 6.57 -21.11
C LYS E 123 7.43 6.43 -20.27
N ASP E 124 6.46 5.62 -20.71
CA ASP E 124 5.27 5.39 -19.91
C ASP E 124 5.60 4.62 -18.65
N ILE E 125 6.48 3.62 -18.74
CA ILE E 125 6.94 2.90 -17.56
C ILE E 125 7.62 3.85 -16.59
N GLN E 126 8.43 4.73 -17.10
CA GLN E 126 9.08 5.64 -16.23
C GLN E 126 8.12 6.59 -15.60
N LEU E 127 7.17 7.11 -16.31
CA LEU E 127 6.20 8.01 -15.71
C LEU E 127 5.39 7.32 -14.63
N ALA E 128 4.95 6.08 -14.89
CA ALA E 128 4.18 5.35 -13.89
C ALA E 128 5.00 5.09 -12.65
N ARG E 129 6.25 4.69 -12.81
CA ARG E 129 7.09 4.43 -11.65
C ARG E 129 7.38 5.71 -10.88
N ARG E 130 7.58 6.83 -11.59
CA ARG E 130 7.83 8.09 -10.92
C ARG E 130 6.62 8.54 -10.12
N ILE E 131 5.43 8.42 -10.69
CA ILE E 131 4.23 8.83 -9.95
C ILE E 131 3.96 7.90 -8.77
N ARG E 132 4.22 6.60 -8.95
CA ARG E 132 4.04 5.67 -7.84
C ARG E 132 5.01 5.96 -6.71
N GLY E 133 6.18 6.50 -7.00
CA GLY E 133 7.15 6.83 -5.97
C GLY E 133 8.22 5.77 -5.84
N GLU E 134 8.79 5.33 -6.96
CA GLU E 134 9.81 4.31 -6.95
C GLU E 134 11.12 4.82 -7.53
N VAL F 22 28.76 -20.46 -9.91
CA VAL F 22 28.59 -19.07 -10.28
C VAL F 22 27.62 -18.96 -11.46
N LEU F 23 26.66 -18.06 -11.36
CA LEU F 23 25.62 -17.89 -12.38
C LEU F 23 25.74 -16.49 -12.95
N ARG F 24 25.50 -16.35 -14.26
CA ARG F 24 25.69 -15.08 -14.93
C ARG F 24 24.60 -14.85 -15.97
N ASP F 25 24.35 -13.57 -16.26
CA ASP F 25 23.49 -13.11 -17.36
C ASP F 25 22.08 -13.71 -17.33
N ASN F 26 21.62 -14.16 -16.17
CA ASN F 26 20.35 -14.85 -16.08
C ASN F 26 19.15 -13.94 -16.27
N ILE F 27 19.33 -12.63 -16.29
CA ILE F 27 18.22 -11.74 -16.57
C ILE F 27 17.71 -11.92 -17.99
N GLN F 28 18.52 -12.51 -18.87
CA GLN F 28 18.06 -12.86 -20.20
C GLN F 28 17.09 -14.03 -20.18
N GLY F 29 16.97 -14.75 -19.07
CA GLY F 29 16.01 -15.83 -18.97
C GLY F 29 14.58 -15.36 -18.96
N ILE F 30 14.33 -14.11 -18.61
CA ILE F 30 12.99 -13.53 -18.72
C ILE F 30 12.80 -13.14 -20.17
N THR F 31 12.27 -14.05 -20.97
CA THR F 31 12.28 -13.89 -22.41
C THR F 31 11.27 -12.84 -22.85
N LYS F 32 11.42 -12.41 -24.10
CA LYS F 32 10.47 -11.47 -24.69
C LYS F 32 9.04 -11.98 -24.67
N PRO F 33 8.74 -13.21 -25.09
CA PRO F 33 7.35 -13.68 -25.01
C PRO F 33 6.79 -13.69 -23.60
N ALA F 34 7.61 -13.97 -22.59
CA ALA F 34 7.11 -13.93 -21.22
C ALA F 34 6.68 -12.52 -20.84
N ILE F 35 7.49 -11.53 -21.18
CA ILE F 35 7.12 -10.15 -20.90
C ILE F 35 5.87 -9.75 -21.66
N ARG F 36 5.73 -10.24 -22.90
CA ARG F 36 4.51 -9.99 -23.64
C ARG F 36 3.31 -10.59 -22.95
N ARG F 37 3.46 -11.79 -22.38
CA ARG F 37 2.36 -12.40 -21.63
C ARG F 37 2.00 -11.58 -20.41
N LEU F 38 3.00 -11.10 -19.67
CA LEU F 38 2.72 -10.23 -18.53
C LEU F 38 1.98 -8.98 -18.96
N ALA F 39 2.39 -8.39 -20.09
CA ALA F 39 1.68 -7.22 -20.60
C ALA F 39 0.26 -7.56 -21.00
N ARG F 40 0.05 -8.73 -21.61
CA ARG F 40 -1.30 -9.14 -21.99
C ARG F 40 -2.19 -9.28 -20.79
N ARG F 41 -1.68 -9.88 -19.71
CA ARG F 41 -2.48 -9.96 -18.49
C ARG F 41 -2.80 -8.58 -17.93
N GLY F 42 -1.91 -7.61 -18.16
CA GLY F 42 -2.17 -6.24 -17.77
C GLY F 42 -3.05 -5.46 -18.71
N GLY F 43 -3.45 -6.05 -19.82
CA GLY F 43 -4.32 -5.39 -20.76
C GLY F 43 -3.64 -4.57 -21.82
N VAL F 44 -2.34 -4.78 -22.05
CA VAL F 44 -1.61 -4.00 -23.04
C VAL F 44 -1.81 -4.62 -24.41
N LYS F 45 -2.17 -3.79 -25.39
CA LYS F 45 -2.46 -4.26 -26.73
C LYS F 45 -1.23 -4.23 -27.64
N ARG F 46 -0.52 -3.10 -27.66
CA ARG F 46 0.65 -2.92 -28.51
C ARG F 46 1.86 -2.62 -27.63
N ILE F 47 2.98 -3.27 -27.91
CA ILE F 47 4.18 -3.17 -27.09
C ILE F 47 5.33 -2.71 -27.97
N SER F 48 6.03 -1.67 -27.52
CA SER F 48 7.18 -1.18 -28.26
C SER F 48 8.36 -2.12 -28.12
N GLY F 49 9.33 -1.97 -29.01
CA GLY F 49 10.48 -2.85 -29.03
C GLY F 49 11.45 -2.62 -27.90
N LEU F 50 11.42 -1.45 -27.28
CA LEU F 50 12.32 -1.12 -26.19
C LEU F 50 11.74 -1.41 -24.81
N ILE F 51 10.52 -1.95 -24.75
CA ILE F 51 9.88 -2.19 -23.47
C ILE F 51 10.59 -3.30 -22.71
N TYR F 52 11.11 -4.30 -23.43
CA TYR F 52 11.59 -5.51 -22.78
C TYR F 52 12.82 -5.24 -21.90
N GLU F 53 13.76 -4.44 -22.37
CA GLU F 53 14.94 -4.14 -21.54
C GLU F 53 14.55 -3.34 -20.31
N GLU F 54 13.65 -2.37 -20.46
CA GLU F 54 13.19 -1.61 -19.31
C GLU F 54 12.49 -2.49 -18.29
N THR F 55 11.64 -3.41 -18.77
CA THR F 55 10.96 -4.33 -17.86
C THR F 55 11.95 -5.23 -17.15
N ARG F 56 12.96 -5.71 -17.85
CA ARG F 56 13.98 -6.52 -17.20
C ARG F 56 14.69 -5.72 -16.12
N GLY F 57 14.99 -4.45 -16.39
CA GLY F 57 15.64 -3.62 -15.38
C GLY F 57 14.79 -3.42 -14.14
N VAL F 58 13.51 -3.11 -14.34
CA VAL F 58 12.65 -2.84 -13.19
C VAL F 58 12.41 -4.12 -12.39
N LEU F 59 12.27 -5.25 -13.08
CA LEU F 59 12.13 -6.52 -12.39
C LEU F 59 13.38 -6.84 -11.59
N LYS F 60 14.56 -6.58 -12.16
CA LYS F 60 15.79 -6.84 -11.43
C LYS F 60 15.88 -5.97 -10.19
N VAL F 61 15.50 -4.71 -10.28
CA VAL F 61 15.54 -3.81 -9.13
C VAL F 61 14.61 -4.32 -8.03
N PHE F 62 13.37 -4.65 -8.41
CA PHE F 62 12.39 -5.13 -7.43
C PHE F 62 12.87 -6.41 -6.75
N LEU F 63 13.40 -7.35 -7.56
CA LEU F 63 13.88 -8.61 -7.01
C LEU F 63 15.06 -8.39 -6.08
N GLU F 64 15.98 -7.50 -6.45
CA GLU F 64 17.12 -7.22 -5.59
C GLU F 64 16.66 -6.69 -4.24
N ASN F 65 15.71 -5.75 -4.24
CA ASN F 65 15.23 -5.21 -2.97
C ASN F 65 14.62 -6.30 -2.11
N VAL F 66 13.69 -7.07 -2.68
CA VAL F 66 12.99 -8.08 -1.89
C VAL F 66 13.96 -9.14 -1.38
N ILE F 67 14.87 -9.59 -2.24
CA ILE F 67 15.80 -10.64 -1.85
C ILE F 67 16.77 -10.13 -0.79
N ARG F 68 17.19 -8.88 -0.87
CA ARG F 68 18.07 -8.34 0.16
C ARG F 68 17.38 -8.34 1.51
N ASP F 69 16.12 -7.89 1.55
CA ASP F 69 15.40 -7.91 2.83
C ASP F 69 15.23 -9.34 3.34
N ALA F 70 14.88 -10.27 2.45
CA ALA F 70 14.68 -11.65 2.88
C ALA F 70 15.97 -12.26 3.40
N VAL F 71 17.09 -12.01 2.73
CA VAL F 71 18.36 -12.57 3.17
C VAL F 71 18.76 -11.97 4.51
N THR F 72 18.47 -10.69 4.73
CA THR F 72 18.68 -10.12 6.06
C THR F 72 17.87 -10.86 7.11
N TYR F 73 16.61 -11.14 6.81
CA TYR F 73 15.76 -11.86 7.77
C TYR F 73 16.31 -13.24 8.08
N THR F 74 16.77 -13.97 7.06
CA THR F 74 17.33 -15.30 7.31
C THR F 74 18.63 -15.22 8.09
N GLU F 75 19.49 -14.26 7.75
CA GLU F 75 20.76 -14.13 8.44
C GLU F 75 20.57 -13.80 9.92
N HIS F 76 19.54 -13.02 10.25
CA HIS F 76 19.28 -12.75 11.65
C HIS F 76 18.97 -14.02 12.42
N ALA F 77 18.20 -14.91 11.83
CA ALA F 77 17.84 -16.17 12.48
C ALA F 77 18.96 -17.20 12.45
N LYS F 78 20.17 -16.81 12.02
CA LYS F 78 21.32 -17.70 11.96
C LYS F 78 21.07 -18.91 11.07
N ARG F 79 20.27 -18.72 10.02
CA ARG F 79 19.96 -19.77 9.06
C ARG F 79 20.70 -19.51 7.77
N LYS F 80 20.86 -20.58 6.99
CA LYS F 80 21.43 -20.48 5.65
C LYS F 80 20.43 -20.84 4.57
N THR F 81 19.17 -21.04 4.92
CA THR F 81 18.10 -21.35 3.97
C THR F 81 17.05 -20.27 4.04
N VAL F 82 16.72 -19.69 2.90
CA VAL F 82 15.66 -18.69 2.83
C VAL F 82 14.31 -19.41 2.78
N THR F 83 13.44 -19.10 3.73
CA THR F 83 12.13 -19.74 3.81
C THR F 83 11.07 -18.81 3.22
N ALA F 84 9.89 -19.39 3.00
CA ALA F 84 8.78 -18.59 2.51
C ALA F 84 8.37 -17.52 3.50
N MET F 85 8.56 -17.78 4.79
CA MET F 85 8.27 -16.76 5.81
C MET F 85 9.14 -15.53 5.63
N ASP F 86 10.41 -15.72 5.31
CA ASP F 86 11.31 -14.58 5.14
C ASP F 86 10.89 -13.73 3.95
N VAL F 87 10.52 -14.37 2.84
CA VAL F 87 10.07 -13.63 1.67
C VAL F 87 8.76 -12.91 1.98
N VAL F 88 7.85 -13.58 2.67
CA VAL F 88 6.59 -12.94 3.04
C VAL F 88 6.85 -11.73 3.93
N TYR F 89 7.77 -11.86 4.88
CA TYR F 89 8.08 -10.76 5.78
C TYR F 89 8.70 -9.59 5.03
N ALA F 90 9.60 -9.88 4.10
CA ALA F 90 10.20 -8.82 3.29
C ALA F 90 9.15 -8.09 2.47
N LEU F 91 8.26 -8.83 1.82
CA LEU F 91 7.21 -8.20 1.03
C LEU F 91 6.28 -7.38 1.90
N LYS F 92 5.97 -7.88 3.10
CA LYS F 92 5.12 -7.13 4.02
C LYS F 92 5.78 -5.83 4.46
N ARG F 93 7.07 -5.88 4.76
CA ARG F 93 7.76 -4.67 5.19
C ARG F 93 8.03 -3.72 4.04
N GLN F 94 7.89 -4.18 2.79
CA GLN F 94 7.90 -3.27 1.65
C GLN F 94 6.48 -2.89 1.21
N GLY F 95 5.49 -3.14 2.05
CA GLY F 95 4.11 -2.80 1.74
C GLY F 95 3.52 -3.58 0.59
N ARG F 96 3.89 -4.85 0.45
CA ARG F 96 3.44 -5.72 -0.64
C ARG F 96 2.97 -7.05 -0.08
N THR F 97 2.06 -7.00 0.89
CA THR F 97 1.59 -8.19 1.60
C THR F 97 1.15 -9.28 0.63
N LEU F 98 1.65 -10.49 0.86
CA LEU F 98 1.37 -11.64 0.01
C LEU F 98 0.63 -12.70 0.80
N TYR F 99 -0.47 -13.19 0.24
CA TYR F 99 -1.29 -14.21 0.87
C TYR F 99 -1.03 -15.57 0.25
N GLY F 100 -1.21 -16.61 1.04
CA GLY F 100 -1.18 -17.98 0.55
C GLY F 100 0.07 -18.76 0.88
N PHE F 101 1.12 -18.11 1.36
CA PHE F 101 2.34 -18.82 1.72
C PHE F 101 2.59 -18.82 3.22
N GLY F 102 1.59 -18.49 4.02
CA GLY F 102 1.71 -18.53 5.46
C GLY F 102 1.25 -17.25 6.14
N ALA G 13 29.03 4.83 45.89
CA ALA G 13 29.71 5.23 44.66
C ALA G 13 28.95 6.33 43.94
N LYS G 14 29.69 7.25 43.31
CA LYS G 14 29.06 8.33 42.59
C LYS G 14 28.35 7.81 41.35
N ALA G 15 27.17 8.36 41.08
CA ALA G 15 26.37 7.89 39.96
C ALA G 15 26.94 8.39 38.65
N LYS G 16 27.15 7.47 37.71
CA LYS G 16 27.60 7.79 36.37
C LYS G 16 26.49 7.45 35.39
N SER G 17 26.07 8.43 34.59
CA SER G 17 25.04 8.19 33.60
C SER G 17 25.51 7.13 32.60
N ARG G 18 24.58 6.25 32.20
CA ARG G 18 24.93 5.25 31.20
C ARG G 18 25.28 5.88 29.87
N SER G 19 24.72 7.06 29.58
CA SER G 19 25.11 7.78 28.38
C SER G 19 26.59 8.16 28.41
N SER G 20 27.06 8.65 29.56
CA SER G 20 28.47 8.99 29.69
C SER G 20 29.35 7.75 29.58
N ARG G 21 28.89 6.63 30.15
CA ARG G 21 29.65 5.40 30.06
C ARG G 21 29.81 4.94 28.61
N ALA G 22 28.77 5.10 27.81
CA ALA G 22 28.81 4.75 26.40
C ALA G 22 29.33 5.87 25.52
N GLY G 23 29.71 7.00 26.10
CA GLY G 23 30.20 8.13 25.32
C GLY G 23 29.16 8.73 24.42
N LEU G 24 27.95 8.93 24.92
CA LEU G 24 26.83 9.40 24.11
C LEU G 24 26.26 10.67 24.68
N GLN G 25 25.50 11.39 23.84
CA GLN G 25 24.76 12.56 24.29
C GLN G 25 23.27 12.29 24.46
N PHE G 26 22.76 11.24 23.85
CA PHE G 26 21.36 10.87 24.02
C PHE G 26 21.17 10.08 25.30
N PRO G 27 19.98 10.13 25.91
CA PRO G 27 19.76 9.46 27.19
C PRO G 27 19.59 7.97 27.02
N VAL G 28 20.59 7.20 27.45
CA VAL G 28 20.47 5.74 27.41
C VAL G 28 19.40 5.28 28.38
N GLY G 29 19.34 5.89 29.57
CA GLY G 29 18.37 5.47 30.56
C GLY G 29 16.94 5.71 30.13
N ARG G 30 16.67 6.90 29.56
CA ARG G 30 15.33 7.20 29.08
C ARG G 30 14.94 6.29 27.91
N VAL G 31 15.89 6.01 27.02
CA VAL G 31 15.63 5.10 25.91
C VAL G 31 15.29 3.70 26.44
N HIS G 32 16.04 3.25 27.45
CA HIS G 32 15.74 1.96 28.06
C HIS G 32 14.34 1.94 28.67
N ARG G 33 13.98 3.02 29.36
CA ARG G 33 12.65 3.08 29.97
C ARG G 33 11.56 3.05 28.90
N LEU G 34 11.76 3.78 27.80
CA LEU G 34 10.77 3.78 26.72
C LEU G 34 10.67 2.42 26.07
N LEU G 35 11.80 1.73 25.91
CA LEU G 35 11.78 0.37 25.35
C LEU G 35 11.02 -0.57 26.26
N ARG G 36 11.27 -0.49 27.57
CA ARG G 36 10.61 -1.38 28.52
C ARG G 36 9.11 -1.11 28.58
N LYS G 37 8.71 0.15 28.57
CA LYS G 37 7.31 0.52 28.73
C LYS G 37 6.56 0.67 27.41
N GLY G 38 7.23 0.43 26.29
CA GLY G 38 6.63 0.67 24.99
C GLY G 38 5.91 -0.51 24.37
N ASN G 39 5.78 -1.63 25.08
CA ASN G 39 5.10 -2.82 24.59
C ASN G 39 5.77 -3.34 23.31
N TYR G 40 7.06 -3.65 23.45
CA TYR G 40 7.84 -4.20 22.35
C TYR G 40 8.27 -5.63 22.61
N ALA G 41 8.75 -5.93 23.81
CA ALA G 41 9.18 -7.28 24.14
C ALA G 41 8.94 -7.51 25.63
N GLU G 42 8.96 -8.80 26.00
CA GLU G 42 8.84 -9.13 27.41
C GLU G 42 10.03 -8.63 28.22
N ARG G 43 11.19 -8.56 27.59
CA ARG G 43 12.40 -8.09 28.27
C ARG G 43 13.26 -7.33 27.26
N VAL G 44 14.15 -6.49 27.79
CA VAL G 44 15.04 -5.68 26.99
C VAL G 44 16.47 -5.93 27.44
N GLY G 45 17.36 -6.16 26.49
CA GLY G 45 18.74 -6.42 26.81
C GLY G 45 19.46 -5.18 27.30
N ALA G 46 20.66 -5.41 27.87
CA ALA G 46 21.43 -4.31 28.41
C ALA G 46 21.94 -3.39 27.32
N GLY G 47 22.48 -3.95 26.24
CA GLY G 47 23.04 -3.15 25.17
C GLY G 47 22.05 -2.60 24.18
N ALA G 48 20.80 -3.04 24.23
CA ALA G 48 19.80 -2.53 23.29
C ALA G 48 19.57 -1.03 23.44
N PRO G 49 19.35 -0.48 24.63
CA PRO G 49 19.20 0.98 24.72
C PRO G 49 20.44 1.73 24.31
N VAL G 50 21.63 1.19 24.57
CA VAL G 50 22.86 1.85 24.13
C VAL G 50 22.92 1.91 22.61
N TYR G 51 22.63 0.79 21.95
CA TYR G 51 22.61 0.77 20.49
C TYR G 51 21.58 1.73 19.93
N MET G 52 20.38 1.74 20.53
CA MET G 52 19.31 2.61 20.06
C MET G 52 19.70 4.08 20.21
N ALA G 53 20.28 4.45 21.35
CA ALA G 53 20.70 5.82 21.56
C ALA G 53 21.81 6.21 20.59
N ALA G 54 22.75 5.30 20.34
CA ALA G 54 23.83 5.60 19.40
C ALA G 54 23.29 5.86 18.00
N VAL G 55 22.35 5.02 17.55
CA VAL G 55 21.80 5.20 16.22
C VAL G 55 21.02 6.50 16.13
N LEU G 56 20.20 6.79 17.14
CA LEU G 56 19.42 8.02 17.13
C LEU G 56 20.34 9.24 17.13
N GLU G 57 21.40 9.20 17.94
CA GLU G 57 22.35 10.31 18.00
C GLU G 57 23.05 10.49 16.66
N TYR G 58 23.45 9.40 16.01
CA TYR G 58 24.09 9.53 14.71
C TYR G 58 23.15 10.17 13.70
N LEU G 59 21.90 9.73 13.68
CA LEU G 59 20.95 10.27 12.70
C LEU G 59 20.69 11.75 12.93
N THR G 60 20.44 12.13 14.19
CA THR G 60 20.19 13.54 14.47
C THR G 60 21.42 14.38 14.19
N ALA G 61 22.62 13.84 14.45
CA ALA G 61 23.83 14.58 14.15
C ALA G 61 23.99 14.81 12.66
N GLU G 62 23.73 13.79 11.85
CA GLU G 62 23.86 13.95 10.41
C GLU G 62 22.88 14.97 9.87
N ILE G 63 21.61 14.87 10.28
CA ILE G 63 20.62 15.82 9.80
C ILE G 63 20.95 17.22 10.26
N LEU G 64 21.38 17.37 11.52
CA LEU G 64 21.68 18.70 12.04
C LEU G 64 22.88 19.32 11.35
N GLU G 65 23.90 18.52 11.05
CA GLU G 65 25.06 19.06 10.35
C GLU G 65 24.69 19.51 8.94
N LEU G 66 23.91 18.70 8.23
CA LEU G 66 23.49 19.11 6.89
C LEU G 66 22.63 20.36 6.94
N ALA G 67 21.72 20.44 7.90
CA ALA G 67 20.86 21.61 8.02
C ALA G 67 21.65 22.85 8.40
N GLY G 68 22.64 22.69 9.27
CA GLY G 68 23.49 23.82 9.63
C GLY G 68 24.30 24.31 8.46
N ASN G 69 24.82 23.40 7.64
CA ASN G 69 25.51 23.81 6.43
C ASN G 69 24.58 24.55 5.49
N ALA G 70 23.33 24.07 5.35
CA ALA G 70 22.37 24.75 4.50
C ALA G 70 22.07 26.15 5.02
N ALA G 71 21.95 26.29 6.34
CA ALA G 71 21.73 27.61 6.93
C ALA G 71 22.92 28.53 6.69
N ARG G 72 24.13 28.00 6.83
CA ARG G 72 25.32 28.81 6.64
C ARG G 72 25.44 29.30 5.20
N ASP G 73 25.17 28.42 4.22
CA ASP G 73 25.18 28.86 2.83
C ASP G 73 24.09 29.88 2.55
N ASN G 74 23.05 29.93 3.37
CA ASN G 74 22.01 30.93 3.27
C ASN G 74 22.32 32.17 4.10
N LYS G 75 23.51 32.21 4.73
CA LYS G 75 23.94 33.33 5.55
C LYS G 75 22.99 33.54 6.73
N LYS G 76 22.64 32.43 7.39
CA LYS G 76 21.83 32.45 8.60
C LYS G 76 22.54 31.66 9.69
N THR G 77 22.38 32.10 10.93
CA THR G 77 23.00 31.44 12.07
C THR G 77 21.98 30.74 12.95
N ARG G 78 20.88 30.27 12.35
CA ARG G 78 19.83 29.61 13.09
C ARG G 78 19.09 28.66 12.14
N ILE G 79 19.01 27.40 12.52
CA ILE G 79 18.35 26.39 11.70
C ILE G 79 16.84 26.55 11.83
N ILE G 80 16.16 26.67 10.70
CA ILE G 80 14.71 26.78 10.66
C ILE G 80 14.19 25.56 9.90
N PRO G 81 12.89 25.28 9.89
CA PRO G 81 12.40 24.09 9.18
C PRO G 81 12.77 24.06 7.71
N ARG G 82 12.88 25.21 7.06
CA ARG G 82 13.28 25.24 5.66
C ARG G 82 14.66 24.63 5.47
N HIS G 83 15.58 24.92 6.38
CA HIS G 83 16.92 24.36 6.28
C HIS G 83 16.89 22.84 6.47
N LEU G 84 16.04 22.34 7.36
CA LEU G 84 15.90 20.90 7.52
C LEU G 84 15.36 20.27 6.25
N GLN G 85 14.35 20.89 5.63
CA GLN G 85 13.82 20.37 4.38
C GLN G 85 14.89 20.36 3.28
N LEU G 86 15.67 21.44 3.19
CA LEU G 86 16.72 21.48 2.18
C LEU G 86 17.77 20.41 2.44
N ALA G 87 18.10 20.16 3.71
CA ALA G 87 19.06 19.13 4.03
C ALA G 87 18.54 17.74 3.66
N ILE G 88 17.27 17.49 3.92
CA ILE G 88 16.72 16.15 3.68
C ILE G 88 16.49 15.90 2.20
N ARG G 89 15.74 16.78 1.54
CA ARG G 89 15.35 16.54 0.15
C ARG G 89 16.52 16.57 -0.82
N ASN G 90 17.65 17.16 -0.43
CA ASN G 90 18.83 17.18 -1.28
C ASN G 90 19.71 15.95 -1.09
N ASP G 91 19.37 15.07 -0.15
CA ASP G 91 20.08 13.83 0.07
C ASP G 91 19.16 12.68 -0.29
N GLU G 92 19.62 11.79 -1.17
CA GLU G 92 18.73 10.75 -1.65
C GLU G 92 18.43 9.72 -0.56
N GLU G 93 19.43 9.37 0.24
CA GLU G 93 19.19 8.41 1.31
C GLU G 93 18.26 8.98 2.37
N LEU G 94 18.49 10.23 2.78
CA LEU G 94 17.60 10.85 3.75
C LEU G 94 16.21 11.04 3.19
N ASN G 95 16.10 11.40 1.91
CA ASN G 95 14.79 11.54 1.29
C ASN G 95 14.07 10.20 1.25
N LYS G 96 14.79 9.13 0.94
CA LYS G 96 14.18 7.80 0.93
C LYS G 96 13.73 7.39 2.33
N LEU G 97 14.53 7.70 3.34
CA LEU G 97 14.14 7.36 4.71
C LEU G 97 12.89 8.11 5.12
N LEU G 98 12.77 9.37 4.72
CA LEU G 98 11.64 10.22 5.07
C LEU G 98 10.83 10.59 3.85
N GLY G 99 10.58 9.60 2.98
CA GLY G 99 9.80 9.87 1.78
C GLY G 99 8.36 10.22 2.07
N LYS G 100 7.76 9.55 3.05
CA LYS G 100 6.36 9.77 3.39
C LYS G 100 6.20 10.71 4.58
N VAL G 101 7.12 11.66 4.74
CA VAL G 101 7.14 12.55 5.89
C VAL G 101 6.96 13.98 5.40
N THR G 102 6.02 14.70 6.02
CA THR G 102 5.80 16.10 5.74
C THR G 102 6.43 16.93 6.84
N ILE G 103 7.21 17.95 6.46
CA ILE G 103 7.86 18.85 7.40
C ILE G 103 7.13 20.17 7.35
N ALA G 104 6.61 20.60 8.49
CA ALA G 104 5.85 21.84 8.54
C ALA G 104 6.74 23.04 8.28
N GLN G 105 6.24 23.98 7.47
CA GLN G 105 6.99 25.18 7.08
C GLN G 105 8.33 24.82 6.46
N GLY G 106 8.36 23.73 5.68
CA GLY G 106 9.58 23.32 5.04
C GLY G 106 9.64 23.66 3.57
N GLY G 107 8.48 23.99 2.99
CA GLY G 107 8.46 24.34 1.59
C GLY G 107 8.78 23.14 0.70
N VAL G 108 9.23 23.47 -0.51
CA VAL G 108 9.58 22.46 -1.51
C VAL G 108 10.92 22.86 -2.13
N LEU G 109 11.56 21.88 -2.74
CA LEU G 109 12.81 22.14 -3.43
C LEU G 109 12.55 23.01 -4.67
N PRO G 110 13.47 23.91 -5.00
CA PRO G 110 13.32 24.67 -6.25
C PRO G 110 13.58 23.79 -7.46
N ASN G 111 12.52 23.44 -8.19
CA ASN G 111 12.65 22.56 -9.34
C ASN G 111 11.66 23.02 -10.41
N ILE G 112 12.17 23.35 -11.58
CA ILE G 112 11.35 23.73 -12.73
C ILE G 112 11.66 22.76 -13.86
N GLN G 113 10.62 22.20 -14.46
CA GLN G 113 10.82 21.27 -15.58
C GLN G 113 11.45 21.99 -16.76
N ALA G 114 12.30 21.25 -17.49
CA ALA G 114 13.07 21.87 -18.56
C ALA G 114 12.17 22.38 -19.68
N VAL G 115 11.13 21.62 -20.03
CA VAL G 115 10.29 22.00 -21.16
C VAL G 115 9.46 23.25 -20.88
N LEU G 116 9.32 23.63 -19.61
CA LEU G 116 8.56 24.84 -19.28
C LEU G 116 9.37 26.11 -19.45
N LEU G 117 10.70 26.01 -19.50
CA LEU G 117 11.53 27.18 -19.68
C LEU G 117 11.46 27.66 -21.13
N PRO G 118 11.57 28.97 -21.35
CA PRO G 118 11.59 29.47 -22.74
C PRO G 118 12.78 28.92 -23.51
N LYS G 119 12.55 28.66 -24.80
CA LYS G 119 13.58 28.02 -25.61
C LYS G 119 14.74 28.97 -25.89
N LYS G 120 14.46 30.08 -26.55
CA LYS G 120 15.50 31.06 -26.88
C LYS G 120 15.72 32.02 -25.72
N ARG H 32 1.79 22.66 33.98
CA ARG H 32 2.98 21.92 34.39
C ARG H 32 2.73 20.42 34.32
N SER H 33 3.33 19.77 33.31
CA SER H 33 3.14 18.34 33.13
C SER H 33 4.40 17.59 32.75
N ARG H 34 5.55 18.25 32.63
CA ARG H 34 6.82 17.59 32.35
C ARG H 34 6.75 16.79 31.04
N LYS H 35 6.62 17.55 29.95
CA LYS H 35 6.41 16.94 28.63
C LYS H 35 7.51 15.96 28.25
N GLU H 36 8.72 16.14 28.76
CA GLU H 36 9.81 15.17 28.62
C GLU H 36 10.14 14.92 27.15
N SER H 37 10.67 15.97 26.52
CA SER H 37 11.06 15.90 25.11
C SER H 37 12.54 15.53 24.97
N TYR H 38 13.04 15.55 23.73
CA TYR H 38 14.43 15.30 23.42
C TYR H 38 15.21 16.57 23.16
N SER H 39 14.68 17.73 23.54
CA SER H 39 15.23 19.00 23.07
C SER H 39 16.67 19.20 23.53
N ILE H 40 16.96 18.90 24.80
CA ILE H 40 18.27 19.24 25.35
C ILE H 40 19.36 18.38 24.71
N TYR H 41 19.08 17.11 24.46
CA TYR H 41 20.06 16.24 23.83
C TYR H 41 20.33 16.64 22.40
N VAL H 42 19.28 17.03 21.67
CA VAL H 42 19.47 17.51 20.30
C VAL H 42 20.28 18.80 20.30
N TYR H 43 20.05 19.67 21.28
CA TYR H 43 20.83 20.89 21.37
C TYR H 43 22.29 20.59 21.67
N LYS H 44 22.55 19.60 22.54
CA LYS H 44 23.93 19.20 22.80
C LYS H 44 24.60 18.68 21.54
N VAL H 45 23.89 17.86 20.77
CA VAL H 45 24.46 17.36 19.52
C VAL H 45 24.72 18.50 18.55
N LEU H 46 23.79 19.45 18.45
CA LEU H 46 23.95 20.58 17.55
C LEU H 46 25.17 21.40 17.93
N LYS H 47 25.33 21.69 19.22
CA LYS H 47 26.52 22.41 19.67
C LYS H 47 27.78 21.59 19.46
N GLN H 48 27.67 20.27 19.41
CA GLN H 48 28.84 19.44 19.10
C GLN H 48 29.24 19.54 17.64
N VAL H 49 28.26 19.63 16.72
CA VAL H 49 28.58 19.66 15.30
C VAL H 49 28.72 21.08 14.78
N HIS H 50 27.88 22.00 15.23
CA HIS H 50 27.90 23.40 14.80
C HIS H 50 27.95 24.27 16.05
N PRO H 51 29.15 24.57 16.55
CA PRO H 51 29.24 25.28 17.84
C PRO H 51 28.55 26.62 17.88
N ASP H 52 28.50 27.34 16.76
CA ASP H 52 27.96 28.69 16.75
C ASP H 52 26.57 28.80 16.14
N THR H 53 25.92 27.68 15.82
CA THR H 53 24.62 27.69 15.16
C THR H 53 23.52 27.37 16.16
N GLY H 54 22.49 28.21 16.22
CA GLY H 54 21.33 27.95 17.02
C GLY H 54 20.27 27.19 16.24
N ILE H 55 19.10 27.08 16.86
CA ILE H 55 17.99 26.36 16.25
C ILE H 55 16.70 26.99 16.75
N SER H 56 15.71 27.07 15.86
CA SER H 56 14.43 27.66 16.21
C SER H 56 13.54 26.65 16.92
N SER H 57 12.48 27.16 17.55
CA SER H 57 11.57 26.28 18.27
C SER H 57 10.83 25.34 17.33
N LYS H 58 10.42 25.84 16.16
CA LYS H 58 9.74 24.98 15.19
C LYS H 58 10.67 23.88 14.70
N ALA H 59 11.92 24.22 14.39
CA ALA H 59 12.89 23.20 14.01
C ALA H 59 13.18 22.25 15.15
N MET H 60 13.16 22.76 16.39
CA MET H 60 13.34 21.90 17.54
C MET H 60 12.22 20.87 17.63
N GLY H 61 10.98 21.31 17.45
CA GLY H 61 9.86 20.38 17.48
C GLY H 61 9.91 19.39 16.33
N ILE H 62 10.34 19.84 15.16
CA ILE H 62 10.45 18.94 14.02
C ILE H 62 11.49 17.86 14.30
N MET H 63 12.63 18.25 14.87
CA MET H 63 13.65 17.25 15.16
C MET H 63 13.21 16.31 16.27
N ASN H 64 12.45 16.83 17.25
CA ASN H 64 11.84 15.97 18.25
C ASN H 64 10.96 14.92 17.61
N SER H 65 10.09 15.34 16.70
CA SER H 65 9.21 14.39 16.02
C SER H 65 10.01 13.38 15.20
N PHE H 66 11.08 13.83 14.57
CA PHE H 66 11.93 12.92 13.80
C PHE H 66 12.53 11.84 14.70
N VAL H 67 13.04 12.25 15.86
CA VAL H 67 13.64 11.29 16.78
C VAL H 67 12.59 10.30 17.27
N ASN H 68 11.41 10.79 17.63
CA ASN H 68 10.35 9.89 18.08
C ASN H 68 9.96 8.90 16.99
N ASP H 69 9.83 9.38 15.75
CA ASP H 69 9.43 8.52 14.64
C ASP H 69 10.47 7.44 14.41
N ILE H 70 11.74 7.81 14.37
CA ILE H 70 12.79 6.81 14.10
C ILE H 70 12.87 5.81 15.25
N PHE H 71 12.74 6.28 16.49
CA PHE H 71 12.76 5.36 17.62
C PHE H 71 11.61 4.37 17.51
N GLU H 72 10.41 4.86 17.18
CA GLU H 72 9.26 3.96 17.06
C GLU H 72 9.48 2.94 15.94
N ARG H 73 9.98 3.39 14.79
CA ARG H 73 10.21 2.48 13.68
C ARG H 73 11.19 1.38 14.07
N ILE H 74 12.34 1.76 14.60
CA ILE H 74 13.38 0.76 14.89
C ILE H 74 12.93 -0.17 16.00
N ALA H 75 12.30 0.38 17.06
CA ALA H 75 11.85 -0.46 18.15
C ALA H 75 10.77 -1.43 17.70
N GLY H 76 9.81 -0.96 16.91
CA GLY H 76 8.76 -1.85 16.44
C GLY H 76 9.29 -2.95 15.54
N GLU H 77 10.22 -2.61 14.66
CA GLU H 77 10.75 -3.64 13.77
C GLU H 77 11.61 -4.64 14.55
N ALA H 78 12.35 -4.17 15.56
CA ALA H 78 13.11 -5.09 16.40
C ALA H 78 12.18 -6.00 17.19
N SER H 79 11.07 -5.46 17.67
CA SER H 79 10.09 -6.29 18.36
C SER H 79 9.53 -7.37 17.45
N ARG H 80 9.23 -7.00 16.20
CA ARG H 80 8.76 -7.98 15.23
C ARG H 80 9.81 -9.04 14.96
N LEU H 81 11.08 -8.63 14.85
CA LEU H 81 12.16 -9.59 14.65
C LEU H 81 12.24 -10.57 15.81
N ALA H 82 12.15 -10.06 17.04
CA ALA H 82 12.19 -10.94 18.20
C ALA H 82 11.01 -11.89 18.21
N HIS H 83 9.83 -11.40 17.84
CA HIS H 83 8.64 -12.26 17.81
C HIS H 83 8.78 -13.34 16.74
N TYR H 84 9.36 -13.01 15.59
CA TYR H 84 9.47 -13.97 14.50
C TYR H 84 10.32 -15.17 14.89
N ASN H 85 11.41 -14.92 15.60
CA ASN H 85 12.32 -15.99 16.01
C ASN H 85 11.94 -16.59 17.35
N LYS H 86 10.74 -16.31 17.85
CA LYS H 86 10.25 -16.86 19.11
C LYS H 86 11.14 -16.48 20.29
N ARG H 87 11.78 -15.33 20.21
CA ARG H 87 12.57 -14.78 21.32
C ARG H 87 11.72 -13.78 22.09
N SER H 88 11.96 -13.70 23.39
CA SER H 88 11.21 -12.81 24.24
C SER H 88 11.97 -11.55 24.63
N THR H 89 13.23 -11.44 24.24
CA THR H 89 14.06 -10.30 24.61
C THR H 89 14.53 -9.56 23.36
N ILE H 90 14.69 -8.25 23.50
CA ILE H 90 15.25 -7.41 22.45
C ILE H 90 16.69 -7.10 22.83
N THR H 91 17.63 -7.56 22.01
CA THR H 91 19.05 -7.37 22.26
C THR H 91 19.61 -6.40 21.23
N SER H 92 20.93 -6.18 21.31
CA SER H 92 21.58 -5.32 20.33
C SER H 92 21.57 -5.95 18.95
N ARG H 93 21.48 -7.27 18.87
CA ARG H 93 21.37 -7.92 17.56
C ARG H 93 20.07 -7.55 16.86
N GLU H 94 18.96 -7.54 17.60
CA GLU H 94 17.69 -7.15 17.00
C GLU H 94 17.73 -5.71 16.52
N ILE H 95 18.32 -4.82 17.32
CA ILE H 95 18.42 -3.42 16.93
C ILE H 95 19.30 -3.26 15.70
N GLN H 96 20.41 -4.00 15.65
CA GLN H 96 21.30 -3.91 14.51
C GLN H 96 20.62 -4.39 13.23
N THR H 97 19.89 -5.50 13.32
CA THR H 97 19.18 -5.99 12.14
C THR H 97 18.07 -5.02 11.72
N ALA H 98 17.37 -4.43 12.69
CA ALA H 98 16.38 -3.42 12.36
C ALA H 98 17.03 -2.23 11.64
N VAL H 99 18.17 -1.77 12.14
CA VAL H 99 18.87 -0.66 11.51
C VAL H 99 19.26 -1.02 10.09
N ARG H 100 19.73 -2.24 9.87
CA ARG H 100 20.06 -2.67 8.51
C ARG H 100 18.82 -2.68 7.64
N LEU H 101 17.67 -3.06 8.19
CA LEU H 101 16.47 -3.19 7.37
C LEU H 101 15.82 -1.87 7.03
N LEU H 102 15.80 -0.89 7.95
CA LEU H 102 15.14 0.38 7.62
C LEU H 102 16.09 1.49 7.21
N LEU H 103 17.39 1.36 7.45
CA LEU H 103 18.05 2.55 6.93
C LEU H 103 18.68 2.28 5.57
N PRO H 104 18.54 3.22 4.64
CA PRO H 104 19.02 2.99 3.26
C PRO H 104 20.48 3.36 3.06
N GLY H 105 21.16 2.55 2.26
CA GLY H 105 22.49 2.89 1.81
C GLY H 105 23.51 2.96 2.92
N GLU H 106 24.41 3.94 2.83
CA GLU H 106 25.47 4.13 3.82
C GLU H 106 24.94 4.60 5.16
N LEU H 107 23.70 5.08 5.22
CA LEU H 107 23.11 5.43 6.51
C LEU H 107 23.10 4.23 7.43
N ALA H 108 22.70 3.06 6.92
CA ALA H 108 22.70 1.85 7.71
C ALA H 108 24.11 1.48 8.15
N LYS H 109 25.08 1.59 7.23
CA LYS H 109 26.45 1.20 7.57
C LYS H 109 27.01 2.07 8.69
N HIS H 110 26.81 3.38 8.59
CA HIS H 110 27.38 4.28 9.59
C HIS H 110 26.63 4.19 10.91
N ALA H 111 25.30 3.99 10.85
CA ALA H 111 24.55 3.80 12.10
C ALA H 111 24.96 2.52 12.79
N VAL H 112 25.22 1.45 12.02
CA VAL H 112 25.69 0.20 12.60
C VAL H 112 27.05 0.40 13.24
N SER H 113 27.95 1.12 12.56
CA SER H 113 29.26 1.40 13.14
C SER H 113 29.14 2.17 14.44
N GLU H 114 28.29 3.19 14.46
CA GLU H 114 28.12 4.00 15.67
C GLU H 114 27.57 3.17 16.81
N GLY H 115 26.54 2.36 16.53
CA GLY H 115 25.96 1.54 17.58
C GLY H 115 26.92 0.52 18.12
N THR H 116 27.68 -0.14 17.23
CA THR H 116 28.67 -1.10 17.67
C THR H 116 29.75 -0.43 18.53
N LYS H 117 30.21 0.75 18.12
CA LYS H 117 31.21 1.46 18.91
C LYS H 117 30.66 1.81 20.28
N ALA H 118 29.44 2.32 20.34
CA ALA H 118 28.86 2.69 21.63
C ALA H 118 28.71 1.49 22.54
N VAL H 119 28.22 0.37 22.01
CA VAL H 119 28.05 -0.82 22.83
C VAL H 119 29.40 -1.34 23.31
N THR H 120 30.40 -1.35 22.43
CA THR H 120 31.73 -1.83 22.82
C THR H 120 32.31 -0.95 23.92
N LYS H 121 32.17 0.36 23.80
CA LYS H 121 32.69 1.25 24.82
C LYS H 121 31.93 1.10 26.14
N TYR H 122 30.61 0.92 26.06
CA TYR H 122 29.80 0.76 27.25
C TYR H 122 30.14 -0.53 27.99
N THR H 123 30.44 -1.60 27.25
CA THR H 123 30.77 -2.87 27.88
C THR H 123 32.03 -2.77 28.71
N SER H 124 33.02 -2.02 28.23
CA SER H 124 34.22 -1.77 29.01
C SER H 124 33.95 -0.89 30.23
N SER H 125 32.77 -0.27 30.31
CA SER H 125 32.39 0.58 31.43
C SER H 125 33.36 1.74 31.61
N GLU K 21 33.20 -5.53 -7.09
CA GLU K 21 31.87 -5.24 -7.61
C GLU K 21 31.79 -3.80 -8.12
N VAL K 22 32.06 -2.85 -7.23
CA VAL K 22 32.03 -1.44 -7.61
C VAL K 22 33.23 -1.14 -8.50
N GLN K 23 32.97 -0.53 -9.65
CA GLN K 23 34.03 -0.26 -10.61
C GLN K 23 33.69 1.04 -11.34
N LEU K 24 34.71 1.87 -11.55
CA LEU K 24 34.57 3.16 -12.22
C LEU K 24 35.50 3.18 -13.42
N GLN K 25 34.95 2.91 -14.60
CA GLN K 25 35.75 2.83 -15.81
C GLN K 25 36.13 4.23 -16.30
N GLN K 26 37.25 4.30 -17.00
CA GLN K 26 37.76 5.55 -17.53
C GLN K 26 38.43 5.29 -18.87
N SER K 27 38.57 6.36 -19.66
CA SER K 27 39.16 6.26 -20.98
C SER K 27 40.68 6.24 -20.88
N GLY K 28 41.33 6.00 -22.03
CA GLY K 28 42.77 5.97 -22.09
C GLY K 28 43.36 7.36 -22.23
N PRO K 29 44.69 7.41 -22.32
CA PRO K 29 45.36 8.70 -22.46
C PRO K 29 44.97 9.39 -23.75
N GLU K 30 44.90 10.72 -23.68
CA GLU K 30 44.52 11.54 -24.83
C GLU K 30 45.56 12.63 -25.03
N LEU K 31 46.04 12.78 -26.27
CA LEU K 31 46.98 13.83 -26.63
C LEU K 31 46.24 15.00 -27.25
N VAL K 32 46.35 16.17 -26.65
CA VAL K 32 45.62 17.36 -27.07
C VAL K 32 46.58 18.53 -27.18
N GLU K 33 46.43 19.31 -28.26
CA GLU K 33 47.20 20.53 -28.43
C GLU K 33 46.63 21.65 -27.55
N PRO K 34 47.46 22.59 -27.12
CA PRO K 34 46.97 23.63 -26.21
C PRO K 34 45.96 24.55 -26.88
N GLY K 35 45.04 25.07 -26.07
CA GLY K 35 44.00 25.95 -26.54
C GLY K 35 42.70 25.25 -26.89
N THR K 36 42.69 23.93 -26.95
CA THR K 36 41.50 23.16 -27.28
C THR K 36 40.77 22.74 -26.02
N SER K 37 39.79 21.86 -26.17
CA SER K 37 39.01 21.34 -25.06
C SER K 37 39.00 19.81 -25.10
N VAL K 38 38.89 19.21 -23.93
CA VAL K 38 38.89 17.75 -23.80
C VAL K 38 37.76 17.34 -22.87
N LYS K 39 37.34 16.08 -23.01
CA LYS K 39 36.32 15.51 -22.15
C LYS K 39 36.61 14.03 -21.94
N MET K 40 36.51 13.58 -20.70
CA MET K 40 36.73 12.17 -20.39
C MET K 40 35.55 11.64 -19.58
N PRO K 41 35.18 10.38 -19.78
CA PRO K 41 34.06 9.80 -19.05
C PRO K 41 34.52 9.06 -17.79
N CYS K 42 33.54 8.82 -16.92
CA CYS K 42 33.73 8.04 -15.69
C CYS K 42 32.59 7.05 -15.53
N LYS K 43 32.37 6.24 -16.56
CA LYS K 43 31.33 5.21 -16.53
C LYS K 43 31.46 4.36 -15.27
N ALA K 44 30.41 4.39 -14.44
CA ALA K 44 30.41 3.72 -13.16
C ALA K 44 29.39 2.59 -13.15
N SER K 45 29.74 1.49 -12.48
CA SER K 45 28.86 0.34 -12.41
C SER K 45 29.05 -0.37 -11.08
N GLY K 46 28.05 -1.14 -10.69
CA GLY K 46 28.11 -1.94 -9.49
C GLY K 46 27.43 -1.36 -8.27
N TYR K 47 26.71 -0.25 -8.41
CA TYR K 47 26.04 0.36 -7.27
C TYR K 47 24.92 1.26 -7.78
N THR K 48 24.09 1.72 -6.86
CA THR K 48 23.04 2.69 -7.19
C THR K 48 23.71 3.99 -7.60
N PHE K 49 23.62 4.32 -8.89
CA PHE K 49 24.44 5.38 -9.45
C PHE K 49 24.13 6.73 -8.82
N THR K 50 22.85 7.03 -8.59
CA THR K 50 22.46 8.35 -8.13
C THR K 50 22.73 8.59 -6.65
N SER K 51 23.08 7.57 -5.88
CA SER K 51 23.26 7.73 -4.44
C SER K 51 24.64 8.21 -4.04
N TYR K 52 25.60 8.24 -4.98
CA TYR K 52 26.98 8.58 -4.65
C TYR K 52 27.43 9.72 -5.54
N THR K 53 28.06 10.73 -4.94
CA THR K 53 28.71 11.77 -5.71
C THR K 53 29.97 11.23 -6.37
N ILE K 54 30.31 11.81 -7.51
CA ILE K 54 31.54 11.48 -8.22
C ILE K 54 32.48 12.66 -8.09
N GLN K 55 33.61 12.45 -7.41
CA GLN K 55 34.59 13.50 -7.18
C GLN K 55 35.74 13.36 -8.15
N TRP K 56 36.22 14.49 -8.65
CA TRP K 56 37.30 14.52 -9.63
C TRP K 56 38.55 15.10 -9.00
N VAL K 57 39.65 14.39 -9.14
CA VAL K 57 40.92 14.76 -8.52
C VAL K 57 42.00 14.68 -9.60
N LYS K 58 42.84 15.72 -9.68
CA LYS K 58 43.96 15.74 -10.59
C LYS K 58 45.26 15.59 -9.80
N GLN K 59 46.22 14.90 -10.39
CA GLN K 59 47.50 14.65 -9.73
C GLN K 59 48.64 15.03 -10.66
N THR K 60 49.53 15.88 -10.16
CA THR K 60 50.71 16.32 -10.90
C THR K 60 51.95 16.10 -10.04
N PRO K 61 53.10 15.86 -10.67
CA PRO K 61 54.33 15.68 -9.89
C PRO K 61 54.71 16.89 -9.06
N ARG K 62 54.27 18.09 -9.43
CA ARG K 62 54.70 19.30 -8.73
C ARG K 62 53.68 19.78 -7.71
N GLN K 63 52.43 19.32 -7.80
CA GLN K 63 51.42 19.66 -6.81
C GLN K 63 50.86 18.46 -6.06
N GLY K 64 51.13 17.24 -6.51
CA GLY K 64 50.49 16.11 -5.87
C GLY K 64 49.01 16.07 -6.21
N LEU K 65 48.26 15.37 -5.37
CA LEU K 65 46.83 15.26 -5.56
C LEU K 65 46.16 16.59 -5.30
N GLU K 66 45.19 16.95 -6.16
CA GLU K 66 44.46 18.20 -6.05
C GLU K 66 43.00 17.95 -6.34
N TRP K 67 42.13 18.48 -5.49
CA TRP K 67 40.70 18.29 -5.64
C TRP K 67 40.15 19.30 -6.65
N ILE K 68 39.30 18.83 -7.56
CA ILE K 68 38.70 19.68 -8.58
C ILE K 68 37.26 19.99 -8.20
N GLY K 69 36.46 18.96 -8.06
CA GLY K 69 35.07 19.14 -7.70
C GLY K 69 34.32 17.84 -7.80
N TYR K 70 33.05 17.90 -7.41
CA TYR K 70 32.18 16.73 -7.46
C TYR K 70 30.87 17.09 -8.15
N ILE K 71 30.14 16.06 -8.54
CA ILE K 71 28.80 16.20 -9.08
C ILE K 71 27.92 15.15 -8.43
N TYR K 72 26.71 15.54 -8.05
CA TYR K 72 25.77 14.62 -7.42
C TYR K 72 24.74 14.22 -8.45
N PRO K 73 24.79 13.00 -8.99
CA PRO K 73 23.84 12.62 -10.04
C PRO K 73 22.39 12.62 -9.58
N TYR K 74 22.14 12.56 -8.28
CA TYR K 74 20.76 12.53 -7.80
C TYR K 74 20.01 13.80 -8.16
N ASN K 75 20.68 14.96 -8.03
CA ASN K 75 20.04 16.23 -8.32
C ASN K 75 20.93 17.13 -9.18
N ALA K 76 21.91 16.55 -9.88
CA ALA K 76 22.82 17.28 -10.75
C ALA K 76 23.59 18.37 -10.01
N GLY K 77 23.63 18.31 -8.68
CA GLY K 77 24.33 19.33 -7.91
C GLY K 77 25.84 19.20 -8.07
N THR K 78 26.49 20.35 -8.18
CA THR K 78 27.93 20.41 -8.38
C THR K 78 28.56 21.32 -7.35
N LYS K 79 29.89 21.23 -7.25
CA LYS K 79 30.65 22.11 -6.37
C LYS K 79 32.10 22.05 -6.84
N TYR K 80 32.67 23.21 -7.16
CA TYR K 80 33.98 23.29 -7.77
C TYR K 80 35.00 23.92 -6.84
N ASN K 81 36.24 23.49 -6.97
CA ASN K 81 37.34 24.20 -6.34
C ASN K 81 37.46 25.59 -6.97
N GLU K 82 37.78 26.58 -6.14
CA GLU K 82 37.86 27.95 -6.63
C GLU K 82 38.93 28.10 -7.70
N LYS K 83 40.08 27.48 -7.50
CA LYS K 83 41.16 27.57 -8.47
C LYS K 83 40.88 26.79 -9.75
N PHE K 84 39.85 25.96 -9.76
CA PHE K 84 39.45 25.23 -10.96
C PHE K 84 38.12 25.71 -11.51
N LYS K 85 37.57 26.80 -10.95
CA LYS K 85 36.30 27.31 -11.44
C LYS K 85 36.45 27.82 -12.88
N GLY K 86 35.49 27.45 -13.72
CA GLY K 86 35.54 27.83 -15.12
C GLY K 86 36.37 26.88 -15.95
N LYS K 87 37.52 26.47 -15.42
CA LYS K 87 38.40 25.55 -16.15
C LYS K 87 37.72 24.20 -16.35
N ALA K 88 37.05 23.68 -15.32
CA ALA K 88 36.46 22.35 -15.36
C ALA K 88 34.94 22.45 -15.30
N THR K 89 34.26 21.61 -16.07
CA THR K 89 32.81 21.53 -16.07
C THR K 89 32.40 20.07 -15.97
N LEU K 90 31.53 19.76 -15.01
CA LEU K 90 31.12 18.40 -14.72
C LEU K 90 29.69 18.18 -15.17
N THR K 91 29.44 17.07 -15.86
CA THR K 91 28.12 16.71 -16.33
C THR K 91 27.84 15.25 -16.01
N SER K 92 26.56 14.93 -15.85
CA SER K 92 26.13 13.58 -15.50
C SER K 92 25.12 13.08 -16.53
N ASP K 93 25.16 11.79 -16.79
CA ASP K 93 24.25 11.13 -17.72
C ASP K 93 23.64 9.97 -16.95
N LYS K 94 22.40 10.14 -16.49
CA LYS K 94 21.78 9.11 -15.66
C LYS K 94 21.50 7.83 -16.46
N SER K 95 21.24 7.96 -17.76
CA SER K 95 20.89 6.79 -18.55
C SER K 95 22.06 5.80 -18.64
N SER K 96 23.27 6.30 -18.87
CA SER K 96 24.43 5.44 -19.05
C SER K 96 25.33 5.39 -17.82
N SER K 97 24.93 6.01 -16.70
CA SER K 97 25.71 6.02 -15.48
C SER K 97 27.13 6.55 -15.71
N THR K 98 27.23 7.62 -16.49
CA THR K 98 28.52 8.21 -16.82
C THR K 98 28.56 9.65 -16.35
N VAL K 99 29.76 10.08 -15.95
CA VAL K 99 30.03 11.45 -15.55
C VAL K 99 31.21 11.95 -16.36
N TYR K 100 31.05 13.11 -16.99
CA TYR K 100 32.09 13.69 -17.82
C TYR K 100 32.67 14.93 -17.16
N MET K 101 33.95 15.19 -17.45
CA MET K 101 34.59 16.42 -17.05
C MET K 101 35.18 17.09 -18.30
N GLU K 102 34.90 18.37 -18.46
CA GLU K 102 35.36 19.15 -19.60
C GLU K 102 36.36 20.20 -19.14
N LEU K 103 37.53 20.23 -19.79
CA LEU K 103 38.52 21.26 -19.57
C LEU K 103 38.55 22.18 -20.79
N SER K 104 38.38 23.47 -20.56
CA SER K 104 38.35 24.46 -21.62
C SER K 104 39.64 25.27 -21.60
N SER K 105 40.14 25.59 -22.79
CA SER K 105 41.38 26.37 -22.93
C SER K 105 42.55 25.69 -22.23
N LEU K 106 42.91 24.50 -22.75
CA LEU K 106 43.93 23.69 -22.14
C LEU K 106 45.28 24.39 -22.16
N THR K 107 45.71 24.87 -20.99
CA THR K 107 46.99 25.55 -20.85
C THR K 107 48.10 24.51 -20.67
N SER K 108 49.35 24.94 -20.92
CA SER K 108 50.48 24.03 -20.89
C SER K 108 50.56 23.26 -19.56
N GLU K 109 50.22 23.91 -18.45
CA GLU K 109 50.31 23.23 -17.16
C GLU K 109 49.07 22.40 -16.84
N ASP K 110 48.63 21.58 -17.81
CA ASP K 110 47.49 20.68 -17.60
C ASP K 110 47.84 19.24 -17.90
N SER K 111 49.09 18.95 -18.26
CA SER K 111 49.51 17.57 -18.54
C SER K 111 49.62 16.84 -17.22
N ALA K 112 48.56 16.15 -16.84
CA ALA K 112 48.50 15.45 -15.56
C ALA K 112 47.52 14.31 -15.68
N VAL K 113 47.36 13.56 -14.59
CA VAL K 113 46.44 12.44 -14.51
C VAL K 113 45.20 12.90 -13.75
N TYR K 114 44.04 12.70 -14.36
CA TYR K 114 42.76 13.10 -13.76
C TYR K 114 42.03 11.87 -13.28
N TYR K 115 41.70 11.84 -11.99
CA TYR K 115 41.02 10.72 -11.37
C TYR K 115 39.58 11.08 -11.08
N CYS K 116 38.68 10.12 -11.24
CA CYS K 116 37.32 10.24 -10.77
C CYS K 116 37.10 9.20 -9.69
N ALA K 117 36.60 9.64 -8.54
CA ALA K 117 36.45 8.79 -7.37
C ALA K 117 35.03 8.85 -6.86
N ARG K 118 34.56 7.74 -6.31
CA ARG K 118 33.22 7.65 -5.76
C ARG K 118 33.24 8.05 -4.30
N LYS K 119 32.26 8.87 -3.90
CA LYS K 119 32.12 9.26 -2.51
C LYS K 119 30.64 9.40 -2.19
N SER K 120 30.22 8.81 -1.08
CA SER K 120 28.83 8.88 -0.68
C SER K 120 28.48 10.28 -0.21
N SER K 121 27.18 10.56 -0.17
CA SER K 121 26.72 11.86 0.31
C SER K 121 26.83 11.99 1.82
N ARG K 122 27.14 10.92 2.53
CA ARG K 122 27.32 11.00 3.97
C ARG K 122 28.63 11.71 4.30
N LEU K 123 28.57 12.61 5.28
CA LEU K 123 29.74 13.41 5.62
C LEU K 123 30.88 12.55 6.12
N ARG K 124 30.57 11.48 6.86
CA ARG K 124 31.60 10.60 7.37
C ARG K 124 32.30 9.85 6.24
N SER K 125 31.63 9.63 5.12
CA SER K 125 32.18 8.86 4.03
C SER K 125 33.31 9.61 3.35
N THR K 126 34.12 8.87 2.60
CA THR K 126 35.25 9.43 1.89
C THR K 126 35.26 8.96 0.43
N LEU K 127 36.32 9.28 -0.30
CA LEU K 127 36.50 8.79 -1.66
C LEU K 127 36.94 7.33 -1.57
N ASP K 128 36.00 6.41 -1.70
CA ASP K 128 36.30 5.01 -1.43
C ASP K 128 36.86 4.26 -2.64
N TYR K 129 36.28 4.46 -3.82
CA TYR K 129 36.71 3.77 -5.03
C TYR K 129 37.10 4.78 -6.09
N TRP K 130 38.17 4.46 -6.82
CA TRP K 130 38.77 5.39 -7.78
C TRP K 130 38.78 4.77 -9.17
N GLY K 131 38.80 5.65 -10.17
CA GLY K 131 39.05 5.22 -11.53
C GLY K 131 40.53 4.99 -11.77
N GLN K 132 40.83 4.34 -12.90
CA GLN K 132 42.21 3.99 -13.19
C GLN K 132 43.07 5.20 -13.52
N GLY K 133 42.47 6.30 -13.94
CA GLY K 133 43.23 7.49 -14.28
C GLY K 133 43.40 7.67 -15.77
N THR K 134 43.05 8.86 -16.27
CA THR K 134 43.24 9.20 -17.68
C THR K 134 44.38 10.20 -17.77
N SER K 135 45.54 9.73 -18.25
CA SER K 135 46.73 10.56 -18.36
C SER K 135 46.56 11.51 -19.54
N VAL K 136 46.08 12.71 -19.24
CA VAL K 136 45.87 13.74 -20.27
C VAL K 136 47.13 14.59 -20.33
N THR K 137 47.75 14.65 -21.50
CA THR K 137 48.96 15.43 -21.73
C THR K 137 48.68 16.47 -22.80
N VAL K 138 49.08 17.71 -22.54
CA VAL K 138 48.88 18.79 -23.48
C VAL K 138 50.21 19.11 -24.15
N SER K 139 50.14 19.72 -25.33
CA SER K 139 51.34 20.04 -26.09
C SER K 139 51.79 21.47 -25.82
N ASP K 157 41.49 28.57 2.78
CA ASP K 157 41.72 27.15 2.57
C ASP K 157 42.34 26.52 3.80
N ILE K 158 42.53 25.20 3.75
CA ILE K 158 43.16 24.46 4.83
C ILE K 158 44.42 23.83 4.28
N LYS K 159 45.56 24.15 4.88
CA LYS K 159 46.83 23.56 4.49
C LYS K 159 47.08 22.32 5.33
N MET K 160 47.31 21.20 4.65
CA MET K 160 47.33 19.89 5.29
C MET K 160 48.75 19.36 5.19
N THR K 161 49.45 19.30 6.31
CA THR K 161 50.91 19.11 6.33
C THR K 161 51.25 17.70 6.80
N GLN K 162 52.04 16.99 6.00
CA GLN K 162 52.55 15.68 6.36
C GLN K 162 53.99 15.80 6.84
N SER K 163 54.21 15.48 8.11
CA SER K 163 55.54 15.71 8.70
C SER K 163 56.63 14.88 8.03
N PRO K 164 56.53 13.55 7.88
CA PRO K 164 57.61 12.80 7.24
C PRO K 164 57.46 12.81 5.72
N SER K 165 58.40 13.47 5.04
CA SER K 165 58.35 13.52 3.59
C SER K 165 58.63 12.16 2.98
N SER K 166 59.66 11.46 3.48
CA SER K 166 59.98 10.13 3.01
C SER K 166 60.73 9.41 4.12
N MET K 167 60.54 8.09 4.19
CA MET K 167 61.11 7.30 5.26
C MET K 167 61.48 5.92 4.76
N HIS K 168 62.35 5.26 5.52
CA HIS K 168 62.81 3.91 5.24
C HIS K 168 62.48 3.01 6.42
N ALA K 169 62.23 1.73 6.13
CA ALA K 169 61.94 0.78 7.18
C ALA K 169 62.29 -0.62 6.71
N SER K 170 62.52 -1.51 7.67
CA SER K 170 62.83 -2.90 7.36
C SER K 170 61.52 -3.68 7.24
N LEU K 171 61.61 -5.01 7.22
CA LEU K 171 60.46 -5.83 6.86
C LEU K 171 59.41 -5.90 7.96
N GLY K 172 59.74 -5.56 9.20
CA GLY K 172 58.77 -5.74 10.26
C GLY K 172 58.73 -4.66 11.33
N GLU K 173 59.15 -3.44 11.00
CA GLU K 173 59.20 -2.38 11.99
C GLU K 173 57.87 -1.64 12.04
N ARG K 174 57.83 -0.57 12.82
CA ARG K 174 56.66 0.27 13.00
C ARG K 174 56.91 1.61 12.31
N VAL K 175 55.92 2.09 11.58
CA VAL K 175 56.01 3.40 10.95
C VAL K 175 54.81 4.22 11.39
N THR K 176 54.99 5.54 11.39
CA THR K 176 53.94 6.46 11.78
C THR K 176 54.06 7.73 10.95
N ILE K 177 52.93 8.16 10.38
CA ILE K 177 52.89 9.31 9.51
C ILE K 177 51.99 10.36 10.16
N THR K 178 52.53 11.56 10.33
CA THR K 178 51.80 12.64 10.97
C THR K 178 51.22 13.55 9.89
N CYS K 179 49.99 14.02 10.11
CA CYS K 179 49.27 14.82 9.15
C CYS K 179 48.62 16.03 9.81
N LYS K 180 49.43 16.79 10.55
CA LYS K 180 48.96 18.01 11.19
C LYS K 180 48.25 18.93 10.20
N ALA K 181 47.07 19.41 10.59
CA ALA K 181 46.25 20.25 9.74
C ALA K 181 46.37 21.72 10.15
N SER K 182 45.86 22.60 9.29
CA SER K 182 45.90 24.03 9.56
C SER K 182 44.77 24.45 10.49
N GLN K 183 43.53 24.27 10.06
CA GLN K 183 42.37 24.57 10.86
C GLN K 183 41.91 23.31 11.58
N ASP K 184 40.75 23.37 12.21
CA ASP K 184 40.19 22.24 12.94
C ASP K 184 39.17 21.52 12.08
N ILE K 185 39.33 20.20 11.95
CA ILE K 185 38.39 19.35 11.24
C ILE K 185 37.94 18.26 12.21
N ARG K 186 36.63 18.06 12.30
CA ARG K 186 36.06 17.13 13.27
C ARG K 186 36.18 15.70 12.74
N SER K 187 37.42 15.20 12.73
CA SER K 187 37.74 13.84 12.35
C SER K 187 37.35 13.51 10.91
N TYR K 188 37.21 14.52 10.05
CA TYR K 188 36.89 14.30 8.64
C TYR K 188 38.20 14.21 7.84
N LEU K 189 38.97 13.18 8.16
CA LEU K 189 40.26 12.94 7.52
C LEU K 189 40.34 11.50 7.06
N SER K 190 40.93 11.28 5.89
CA SER K 190 41.05 9.96 5.31
C SER K 190 42.48 9.74 4.83
N TRP K 191 42.90 8.48 4.83
CA TRP K 191 44.24 8.10 4.42
C TRP K 191 44.16 7.24 3.16
N TYR K 192 45.07 7.50 2.22
CA TYR K 192 45.08 6.81 0.94
C TYR K 192 46.46 6.26 0.67
N GLN K 193 46.51 5.08 0.05
CA GLN K 193 47.75 4.48 -0.39
C GLN K 193 47.74 4.40 -1.91
N GLN K 194 48.79 4.91 -2.54
CA GLN K 194 48.87 4.96 -4.00
C GLN K 194 50.15 4.25 -4.44
N LYS K 195 49.98 3.10 -5.08
CA LYS K 195 51.09 2.45 -5.73
C LYS K 195 51.53 3.28 -6.94
N PRO K 196 52.81 3.22 -7.31
CA PRO K 196 53.26 3.98 -8.48
C PRO K 196 52.52 3.55 -9.74
N TRP K 197 52.15 4.54 -10.56
CA TRP K 197 51.38 4.30 -11.78
C TRP K 197 50.11 3.51 -11.51
N LYS K 198 49.42 3.88 -10.44
CA LYS K 198 48.21 3.18 -10.04
C LYS K 198 47.29 4.16 -9.32
N SER K 199 46.00 3.81 -9.29
CA SER K 199 45.04 4.63 -8.58
C SER K 199 45.21 4.47 -7.07
N PRO K 200 44.97 5.52 -6.30
CA PRO K 200 45.08 5.42 -4.85
C PRO K 200 44.02 4.49 -4.27
N LYS K 201 44.36 3.89 -3.13
CA LYS K 201 43.49 2.96 -2.43
C LYS K 201 43.20 3.50 -1.04
N THR K 202 41.93 3.48 -0.65
CA THR K 202 41.54 3.99 0.67
C THR K 202 41.96 3.03 1.76
N LEU K 203 42.50 3.58 2.85
CA LEU K 203 42.86 2.80 4.02
C LEU K 203 42.03 3.17 5.24
N ILE K 204 42.02 4.44 5.61
CA ILE K 204 41.32 4.92 6.80
C ILE K 204 40.36 6.02 6.39
N TYR K 205 39.16 5.99 6.93
CA TYR K 205 38.22 7.10 6.81
C TYR K 205 37.72 7.45 8.20
N TYR K 206 37.28 8.69 8.36
CA TYR K 206 36.88 9.24 9.65
C TYR K 206 38.02 9.22 10.67
N ALA K 207 39.25 9.16 10.17
CA ALA K 207 40.48 9.29 10.95
C ALA K 207 40.75 8.08 11.84
N THR K 208 39.79 7.18 11.98
CA THR K 208 40.00 5.96 12.76
C THR K 208 39.43 4.71 12.12
N SER K 209 38.45 4.80 11.23
CA SER K 209 37.74 3.61 10.76
C SER K 209 38.50 2.93 9.64
N LEU K 210 38.67 1.63 9.75
CA LEU K 210 39.30 0.84 8.71
C LEU K 210 38.39 0.75 7.48
N ALA K 211 38.97 0.89 6.30
CA ALA K 211 38.21 0.76 5.08
C ALA K 211 38.02 -0.72 4.72
N ASP K 212 37.17 -0.96 3.73
CA ASP K 212 36.82 -2.32 3.37
C ASP K 212 38.03 -3.05 2.79
N GLY K 213 38.29 -4.25 3.33
CA GLY K 213 39.39 -5.07 2.87
C GLY K 213 40.74 -4.70 3.44
N VAL K 214 40.85 -3.60 4.16
CA VAL K 214 42.13 -3.18 4.73
C VAL K 214 42.41 -4.02 5.96
N PRO K 215 43.57 -4.66 6.05
CA PRO K 215 43.91 -5.42 7.26
C PRO K 215 44.12 -4.50 8.45
N SER K 216 43.96 -5.07 9.64
CA SER K 216 44.07 -4.31 10.88
C SER K 216 45.47 -3.83 11.17
N ARG K 217 46.45 -4.11 10.29
CA ARG K 217 47.79 -3.59 10.48
C ARG K 217 47.78 -2.06 10.39
N PHE K 218 47.02 -1.52 9.47
CA PHE K 218 46.87 -0.07 9.36
C PHE K 218 45.94 0.42 10.45
N SER K 219 46.36 1.45 11.17
CA SER K 219 45.58 1.98 12.28
C SER K 219 45.72 3.49 12.30
N GLY K 220 44.59 4.19 12.18
CA GLY K 220 44.57 5.63 12.27
C GLY K 220 44.20 6.09 13.66
N SER K 221 44.56 7.34 13.96
CA SER K 221 44.29 7.92 15.27
C SER K 221 44.33 9.43 15.16
N GLY K 222 43.85 10.09 16.20
CA GLY K 222 43.90 11.53 16.28
C GLY K 222 42.58 12.18 15.92
N SER K 223 42.42 13.41 16.37
CA SER K 223 41.22 14.20 16.08
C SER K 223 41.56 15.67 16.26
N GLY K 224 40.73 16.53 15.68
CA GLY K 224 40.97 17.95 15.77
C GLY K 224 41.91 18.46 14.70
N GLN K 225 43.18 18.61 15.03
CA GLN K 225 44.19 19.05 14.09
C GLN K 225 45.36 18.11 13.95
N ASP K 226 45.49 17.11 14.83
CA ASP K 226 46.59 16.15 14.79
C ASP K 226 46.05 14.78 14.42
N PHE K 227 46.63 14.18 13.39
CA PHE K 227 46.21 12.86 12.93
C PHE K 227 47.44 12.02 12.63
N SER K 228 47.29 10.71 12.75
CA SER K 228 48.41 9.81 12.55
C SER K 228 47.93 8.52 11.90
N LEU K 229 48.76 7.97 11.01
CA LEU K 229 48.54 6.67 10.41
C LEU K 229 49.69 5.77 10.82
N THR K 230 49.37 4.56 11.28
CA THR K 230 50.38 3.63 11.78
C THR K 230 50.24 2.30 11.08
N ILE K 231 51.37 1.71 10.72
CA ILE K 231 51.43 0.37 10.15
C ILE K 231 52.26 -0.49 11.07
N ASN K 232 51.65 -1.52 11.65
CA ASN K 232 52.35 -2.35 12.64
C ASN K 232 53.31 -3.31 11.96
N ASN K 233 52.79 -4.20 11.11
CA ASN K 233 53.61 -5.17 10.41
C ASN K 233 53.77 -4.73 8.96
N LEU K 234 55.00 -4.76 8.46
CA LEU K 234 55.33 -4.27 7.14
C LEU K 234 55.50 -5.43 6.16
N GLU K 235 55.24 -5.15 4.89
CA GLU K 235 55.43 -6.11 3.81
C GLU K 235 55.99 -5.37 2.62
N SER K 236 56.47 -6.14 1.64
CA SER K 236 56.94 -5.54 0.39
C SER K 236 55.84 -4.80 -0.34
N ASP K 237 54.57 -5.16 -0.10
CA ASP K 237 53.46 -4.45 -0.72
C ASP K 237 53.38 -3.02 -0.22
N ASP K 238 53.74 -2.79 1.04
CA ASP K 238 53.55 -1.48 1.67
C ASP K 238 54.42 -0.38 1.05
N THR K 239 55.23 -0.68 0.05
CA THR K 239 56.05 0.33 -0.61
C THR K 239 55.15 1.16 -1.52
N ALA K 240 54.73 2.33 -1.04
CA ALA K 240 53.85 3.21 -1.79
C ALA K 240 53.93 4.60 -1.19
N THR K 241 53.18 5.54 -1.78
CA THR K 241 53.08 6.89 -1.28
C THR K 241 51.73 7.07 -0.60
N TYR K 242 51.75 7.56 0.63
CA TYR K 242 50.55 7.68 1.45
C TYR K 242 50.15 9.14 1.55
N TYR K 243 48.88 9.42 1.27
CA TYR K 243 48.33 10.77 1.35
C TYR K 243 47.22 10.79 2.38
N CYS K 244 47.08 11.93 3.04
CA CYS K 244 45.98 12.17 3.96
C CYS K 244 45.11 13.28 3.40
N LEU K 245 43.81 13.00 3.26
CA LEU K 245 42.86 13.92 2.68
C LEU K 245 41.85 14.34 3.73
N GLN K 246 41.55 15.63 3.77
CA GLN K 246 40.52 16.16 4.64
C GLN K 246 39.32 16.59 3.81
N HIS K 247 38.13 16.38 4.36
CA HIS K 247 36.90 16.83 3.73
C HIS K 247 35.99 17.48 4.76
N GLY K 248 36.59 18.18 5.72
CA GLY K 248 35.81 18.90 6.71
C GLY K 248 35.31 20.25 6.24
N GLU K 249 35.98 20.86 5.27
CA GLU K 249 35.59 22.16 4.74
C GLU K 249 35.44 22.05 3.23
N SER K 250 34.81 23.07 2.65
CA SER K 250 34.36 22.97 1.26
C SER K 250 35.49 22.69 0.27
N PRO K 251 36.65 23.37 0.30
CA PRO K 251 37.74 22.96 -0.61
C PRO K 251 38.54 21.83 0.01
N TYR K 252 38.37 20.63 -0.55
CA TYR K 252 39.08 19.47 -0.03
C TYR K 252 40.55 19.56 -0.38
N THR K 253 41.41 19.25 0.57
CA THR K 253 42.84 19.38 0.38
C THR K 253 43.54 18.08 0.76
N PHE K 254 44.61 17.76 0.04
CA PHE K 254 45.42 16.59 0.30
C PHE K 254 46.73 16.98 0.99
N GLY K 255 47.41 15.97 1.52
CA GLY K 255 48.73 16.18 2.05
C GLY K 255 49.78 16.14 0.96
N SER K 256 51.01 16.50 1.34
CA SER K 256 52.11 16.45 0.39
C SER K 256 52.45 15.02 0.00
N GLY K 257 52.06 14.05 0.81
CA GLY K 257 52.39 12.66 0.57
C GLY K 257 53.62 12.22 1.34
N THR K 258 53.82 10.91 1.39
CA THR K 258 54.97 10.33 2.08
C THR K 258 55.41 9.10 1.31
N LYS K 259 56.59 9.16 0.70
CA LYS K 259 57.15 8.02 -0.01
C LYS K 259 57.76 7.07 1.03
N LEU K 260 57.12 5.93 1.24
CA LEU K 260 57.58 4.94 2.21
C LEU K 260 58.26 3.80 1.47
N GLU K 261 59.51 3.54 1.82
CA GLU K 261 60.31 2.50 1.18
C GLU K 261 60.59 1.38 2.17
N ILE K 262 60.55 0.14 1.69
CA ILE K 262 60.77 -1.04 2.49
C ILE K 262 62.13 -1.63 2.13
N LYS K 263 62.95 -1.90 3.14
CA LYS K 263 64.30 -2.44 2.99
C LYS K 263 65.08 -1.77 1.87
N GLU L 21 -29.34 13.26 5.07
CA GLU L 21 -28.08 13.45 4.34
C GLU L 21 -28.10 12.70 3.02
N VAL L 22 -28.40 11.40 3.09
CA VAL L 22 -28.45 10.57 1.89
C VAL L 22 -29.76 10.85 1.16
N GLN L 23 -29.66 11.21 -0.11
CA GLN L 23 -30.83 11.51 -0.92
C GLN L 23 -30.70 10.85 -2.28
N LEU L 24 -31.82 10.34 -2.78
CA LEU L 24 -31.89 9.71 -4.11
C LEU L 24 -32.99 10.43 -4.87
N GLN L 25 -32.62 11.37 -5.74
CA GLN L 25 -33.60 12.16 -6.44
C GLN L 25 -34.05 11.47 -7.72
N GLN L 26 -35.32 11.67 -8.06
CA GLN L 26 -35.93 11.09 -9.26
C GLN L 26 -36.64 12.19 -10.03
N SER L 27 -37.25 11.81 -11.14
CA SER L 27 -37.95 12.75 -12.00
C SER L 27 -39.45 12.72 -11.70
N GLY L 28 -40.20 13.57 -12.41
CA GLY L 28 -41.62 13.66 -12.22
C GLY L 28 -42.38 12.59 -12.99
N PRO L 29 -43.70 12.67 -12.94
CA PRO L 29 -44.53 11.70 -13.64
C PRO L 29 -44.34 11.82 -15.15
N GLU L 30 -44.46 10.68 -15.83
CA GLU L 30 -44.25 10.59 -17.27
C GLU L 30 -45.56 10.22 -17.96
N LEU L 31 -45.92 10.98 -18.99
CA LEU L 31 -47.04 10.67 -19.87
C LEU L 31 -46.47 10.20 -21.19
N VAL L 32 -46.57 8.89 -21.45
CA VAL L 32 -45.92 8.27 -22.60
C VAL L 32 -46.91 7.37 -23.30
N GLU L 33 -47.01 7.49 -24.63
CA GLU L 33 -47.86 6.64 -25.44
C GLU L 33 -47.22 5.26 -25.63
N PRO L 34 -48.03 4.22 -25.84
CA PRO L 34 -47.47 2.87 -25.95
C PRO L 34 -46.55 2.73 -27.14
N GLY L 35 -45.57 1.83 -27.00
CA GLY L 35 -44.67 1.48 -28.08
C GLY L 35 -43.36 2.21 -28.07
N THR L 36 -43.21 3.26 -27.26
CA THR L 36 -41.99 4.04 -27.22
C THR L 36 -41.13 3.61 -26.03
N SER L 37 -40.05 4.35 -25.78
CA SER L 37 -39.13 4.05 -24.69
C SER L 37 -38.96 5.29 -23.82
N VAL L 38 -38.74 5.05 -22.52
CA VAL L 38 -38.56 6.12 -21.56
C VAL L 38 -37.38 5.79 -20.67
N LYS L 39 -36.64 6.83 -20.27
CA LYS L 39 -35.51 6.70 -19.37
C LYS L 39 -35.70 7.68 -18.21
N MET L 40 -35.51 7.18 -16.99
CA MET L 40 -35.65 8.01 -15.81
C MET L 40 -34.36 8.02 -15.01
N PRO L 41 -34.02 9.14 -14.37
CA PRO L 41 -32.79 9.22 -13.59
C PRO L 41 -33.02 8.89 -12.11
N CYS L 42 -31.91 8.60 -11.44
CA CYS L 42 -31.85 8.38 -10.00
C CYS L 42 -30.66 9.11 -9.41
N LYS L 43 -30.56 10.41 -9.70
CA LYS L 43 -29.47 11.23 -9.19
C LYS L 43 -29.33 11.07 -7.69
N ALA L 44 -28.13 10.70 -7.24
CA ALA L 44 -27.86 10.37 -5.86
C ALA L 44 -26.86 11.35 -5.25
N SER L 45 -27.00 11.59 -3.96
CA SER L 45 -26.11 12.50 -3.25
C SER L 45 -26.12 12.16 -1.77
N GLY L 46 -25.08 12.61 -1.08
CA GLY L 46 -24.96 12.42 0.35
C GLY L 46 -24.15 11.23 0.79
N TYR L 47 -23.49 10.52 -0.14
CA TYR L 47 -22.70 9.36 0.22
C TYR L 47 -21.74 9.06 -0.92
N THR L 48 -20.80 8.15 -0.65
CA THR L 48 -19.86 7.70 -1.67
C THR L 48 -20.61 6.94 -2.75
N PHE L 49 -20.70 7.51 -3.94
CA PHE L 49 -21.59 6.98 -4.97
C PHE L 49 -21.21 5.57 -5.39
N THR L 50 -19.91 5.30 -5.51
CA THR L 50 -19.46 4.03 -6.06
C THR L 50 -19.49 2.88 -5.05
N SER L 51 -19.82 3.13 -3.79
CA SER L 51 -19.80 2.09 -2.77
C SER L 51 -21.13 1.36 -2.62
N TYR L 52 -22.20 1.86 -3.23
CA TYR L 52 -23.53 1.29 -3.02
C TYR L 52 -24.16 0.97 -4.36
N THR L 53 -24.71 -0.23 -4.48
CA THR L 53 -25.49 -0.57 -5.66
C THR L 53 -26.83 0.17 -5.62
N ILE L 54 -27.31 0.55 -6.80
CA ILE L 54 -28.59 1.21 -6.92
C ILE L 54 -29.58 0.20 -7.47
N GLN L 55 -30.58 -0.16 -6.67
CA GLN L 55 -31.56 -1.15 -7.04
C GLN L 55 -32.85 -0.47 -7.49
N TRP L 56 -33.50 -1.07 -8.48
CA TRP L 56 -34.72 -0.52 -9.05
C TRP L 56 -35.87 -1.47 -8.76
N VAL L 57 -36.96 -0.92 -8.24
CA VAL L 57 -38.15 -1.68 -7.87
C VAL L 57 -39.35 -1.04 -8.55
N LYS L 58 -40.18 -1.87 -9.17
CA LYS L 58 -41.45 -1.42 -9.73
C LYS L 58 -42.58 -1.80 -8.79
N GLN L 59 -43.63 -0.98 -8.77
CA GLN L 59 -44.77 -1.20 -7.89
C GLN L 59 -46.06 -1.08 -8.68
N THR L 60 -46.80 -2.18 -8.80
CA THR L 60 -48.12 -2.15 -9.40
C THR L 60 -49.18 -2.44 -8.34
N PRO L 61 -50.37 -1.84 -8.46
CA PRO L 61 -51.41 -2.10 -7.47
C PRO L 61 -51.88 -3.55 -7.43
N ARG L 62 -51.62 -4.33 -8.48
CA ARG L 62 -52.11 -5.70 -8.53
C ARG L 62 -51.02 -6.76 -8.36
N GLN L 63 -49.75 -6.38 -8.36
CA GLN L 63 -48.67 -7.29 -8.00
C GLN L 63 -47.73 -6.72 -6.93
N GLY L 64 -48.16 -5.67 -6.24
CA GLY L 64 -47.33 -5.10 -5.19
C GLY L 64 -46.01 -4.60 -5.73
N LEU L 65 -44.92 -4.98 -5.06
CA LEU L 65 -43.58 -4.55 -5.45
C LEU L 65 -42.84 -5.71 -6.10
N GLU L 66 -42.15 -5.41 -7.20
CA GLU L 66 -41.33 -6.39 -7.89
C GLU L 66 -39.93 -5.83 -8.09
N TRP L 67 -38.93 -6.67 -7.88
CA TRP L 67 -37.55 -6.25 -8.03
C TRP L 67 -37.13 -6.33 -9.49
N ILE L 68 -36.61 -5.23 -10.02
CA ILE L 68 -36.23 -5.16 -11.43
C ILE L 68 -34.77 -5.58 -11.59
N GLY L 69 -33.87 -4.87 -10.93
CA GLY L 69 -32.47 -5.18 -11.04
C GLY L 69 -31.64 -4.16 -10.29
N TYR L 70 -30.32 -4.29 -10.41
CA TYR L 70 -29.43 -3.34 -9.76
C TYR L 70 -28.21 -3.10 -10.63
N ILE L 71 -27.55 -1.98 -10.36
CA ILE L 71 -26.32 -1.58 -11.02
C ILE L 71 -25.30 -1.23 -9.95
N TYR L 72 -24.08 -1.71 -10.11
CA TYR L 72 -23.01 -1.41 -9.18
C TYR L 72 -22.08 -0.39 -9.81
N PRO L 73 -22.15 0.88 -9.44
CA PRO L 73 -21.33 1.90 -10.13
C PRO L 73 -19.84 1.68 -9.99
N TYR L 74 -19.40 0.88 -9.02
CA TYR L 74 -17.97 0.63 -8.88
C TYR L 74 -17.40 -0.07 -10.10
N ASN L 75 -18.14 -1.01 -10.68
CA ASN L 75 -17.68 -1.70 -11.87
C ASN L 75 -18.77 -1.84 -12.93
N ALA L 76 -19.87 -1.10 -12.81
CA ALA L 76 -20.95 -1.11 -13.80
C ALA L 76 -21.56 -2.50 -13.97
N GLY L 77 -21.47 -3.34 -12.94
CA GLY L 77 -22.06 -4.66 -13.02
C GLY L 77 -23.55 -4.61 -12.78
N THR L 78 -24.28 -5.38 -13.58
CA THR L 78 -25.74 -5.41 -13.51
C THR L 78 -26.22 -6.82 -13.18
N LYS L 79 -27.48 -6.90 -12.78
CA LYS L 79 -28.16 -8.18 -12.60
C LYS L 79 -29.65 -7.89 -12.63
N TYR L 80 -30.34 -8.41 -13.63
CA TYR L 80 -31.75 -8.11 -13.85
C TYR L 80 -32.62 -9.28 -13.41
N ASN L 81 -33.87 -8.96 -13.09
CA ASN L 81 -34.87 -9.99 -12.90
C ASN L 81 -35.12 -10.71 -14.21
N GLU L 82 -35.28 -12.03 -14.14
CA GLU L 82 -35.43 -12.82 -15.35
C GLU L 82 -36.66 -12.41 -16.14
N LYS L 83 -37.69 -11.91 -15.47
CA LYS L 83 -38.89 -11.45 -16.15
C LYS L 83 -38.77 -10.02 -16.65
N PHE L 84 -37.63 -9.36 -16.42
CA PHE L 84 -37.42 -8.00 -16.88
C PHE L 84 -36.22 -7.86 -17.80
N LYS L 85 -35.55 -8.96 -18.16
CA LYS L 85 -34.42 -8.87 -19.06
C LYS L 85 -34.87 -8.41 -20.44
N GLY L 86 -34.09 -7.51 -21.03
CA GLY L 86 -34.44 -6.95 -22.32
C GLY L 86 -35.41 -5.79 -22.19
N LYS L 87 -36.37 -5.89 -21.30
CA LYS L 87 -37.28 -4.79 -21.17
C LYS L 87 -36.63 -3.61 -20.50
N ALA L 88 -35.79 -3.87 -19.53
CA ALA L 88 -35.13 -2.79 -18.79
C ALA L 88 -33.63 -2.93 -18.91
N THR L 89 -32.96 -1.79 -19.08
CA THR L 89 -31.50 -1.73 -19.10
C THR L 89 -31.04 -0.58 -18.21
N LEU L 90 -30.04 -0.85 -17.39
CA LEU L 90 -29.55 0.09 -16.39
C LEU L 90 -28.21 0.64 -16.83
N THR L 91 -28.03 1.95 -16.70
CA THR L 91 -26.78 2.61 -17.04
C THR L 91 -26.30 3.44 -15.85
N SER L 92 -24.99 3.56 -15.73
CA SER L 92 -24.36 4.30 -14.64
C SER L 92 -23.58 5.47 -15.22
N ASP L 93 -23.80 6.66 -14.67
CA ASP L 93 -23.07 7.86 -15.06
C ASP L 93 -22.31 8.28 -13.81
N LYS L 94 -21.00 7.96 -13.77
CA LYS L 94 -20.21 8.21 -12.58
C LYS L 94 -19.96 9.70 -12.36
N SER L 95 -19.82 10.47 -13.44
CA SER L 95 -19.44 11.88 -13.30
C SER L 95 -20.52 12.67 -12.58
N SER L 96 -21.79 12.45 -12.93
CA SER L 96 -22.89 13.19 -12.32
C SER L 96 -23.53 12.47 -11.15
N SER L 97 -22.99 11.31 -10.75
CA SER L 97 -23.55 10.51 -9.66
C SER L 97 -25.02 10.20 -9.92
N THR L 98 -25.33 9.80 -11.14
CA THR L 98 -26.69 9.53 -11.57
C THR L 98 -26.77 8.15 -12.21
N VAL L 99 -27.89 7.48 -12.02
CA VAL L 99 -28.15 6.18 -12.62
C VAL L 99 -29.48 6.27 -13.38
N TYR L 100 -29.48 5.80 -14.62
CA TYR L 100 -30.66 5.81 -15.46
C TYR L 100 -31.15 4.39 -15.69
N MET L 101 -32.46 4.22 -15.78
CA MET L 101 -33.08 2.98 -16.23
C MET L 101 -33.83 3.27 -17.51
N GLU L 102 -33.56 2.48 -18.54
CA GLU L 102 -34.21 2.62 -19.84
C GLU L 102 -35.18 1.48 -20.03
N LEU L 103 -36.46 1.81 -20.20
CA LEU L 103 -37.49 0.83 -20.50
C LEU L 103 -37.87 0.95 -21.97
N SER L 104 -37.80 -0.15 -22.70
CA SER L 104 -38.07 -0.17 -24.12
C SER L 104 -39.34 -0.97 -24.40
N SER L 105 -40.04 -0.57 -25.47
CA SER L 105 -41.29 -1.21 -25.88
C SER L 105 -42.32 -1.18 -24.76
N LEU L 106 -42.72 0.04 -24.40
CA LEU L 106 -43.63 0.25 -23.29
C LEU L 106 -44.99 -0.33 -23.62
N THR L 107 -45.31 -1.48 -23.01
CA THR L 107 -46.62 -2.09 -23.18
C THR L 107 -47.62 -1.39 -22.27
N SER L 108 -48.91 -1.64 -22.54
CA SER L 108 -49.96 -1.08 -21.68
C SER L 108 -49.79 -1.53 -20.24
N GLU L 109 -49.32 -2.75 -20.02
CA GLU L 109 -49.11 -3.27 -18.68
C GLU L 109 -47.74 -2.85 -18.14
N ASP L 110 -47.45 -1.56 -18.23
CA ASP L 110 -46.25 -0.97 -17.65
C ASP L 110 -46.55 0.24 -16.79
N SER L 111 -47.82 0.63 -16.66
CA SER L 111 -48.19 1.80 -15.89
C SER L 111 -47.99 1.48 -14.41
N ALA L 112 -46.92 2.02 -13.83
CA ALA L 112 -46.58 1.73 -12.45
C ALA L 112 -45.62 2.80 -11.95
N VAL L 113 -45.38 2.77 -10.63
CA VAL L 113 -44.40 3.63 -10.00
C VAL L 113 -43.08 2.89 -9.91
N TYR L 114 -42.01 3.52 -10.38
CA TYR L 114 -40.69 2.90 -10.39
C TYR L 114 -39.83 3.55 -9.33
N TYR L 115 -39.39 2.76 -8.37
CA TYR L 115 -38.55 3.23 -7.26
C TYR L 115 -37.10 2.83 -7.51
N CYS L 116 -36.19 3.72 -7.16
CA CYS L 116 -34.77 3.40 -7.13
C CYS L 116 -34.29 3.50 -5.70
N ALA L 117 -33.64 2.45 -5.22
CA ALA L 117 -33.27 2.34 -3.82
C ALA L 117 -31.79 2.03 -3.70
N ARG L 118 -31.19 2.55 -2.64
CA ARG L 118 -29.77 2.33 -2.37
C ARG L 118 -29.60 1.08 -1.53
N LYS L 119 -28.70 0.20 -1.96
CA LYS L 119 -28.35 -0.98 -1.18
C LYS L 119 -26.85 -1.18 -1.23
N SER L 120 -26.25 -1.43 -0.08
CA SER L 120 -24.82 -1.66 -0.03
C SER L 120 -24.47 -3.00 -0.65
N SER L 121 -23.18 -3.16 -0.97
CA SER L 121 -22.70 -4.43 -1.51
C SER L 121 -22.62 -5.53 -0.46
N ARG L 122 -22.77 -5.18 0.82
CA ARG L 122 -22.72 -6.19 1.87
C ARG L 122 -24.00 -7.02 1.85
N LEU L 123 -23.83 -8.33 2.02
CA LEU L 123 -24.97 -9.24 1.96
C LEU L 123 -25.98 -8.96 3.06
N ARG L 124 -25.51 -8.48 4.20
CA ARG L 124 -26.41 -8.22 5.32
C ARG L 124 -27.28 -6.99 5.07
N SER L 125 -26.79 -6.04 4.28
CA SER L 125 -27.50 -4.80 4.05
C SER L 125 -28.74 -5.02 3.20
N THR L 126 -29.57 -3.99 3.12
CA THR L 126 -30.81 -4.06 2.36
C THR L 126 -31.00 -2.73 1.65
N LEU L 127 -32.18 -2.53 1.06
CA LEU L 127 -32.53 -1.28 0.40
C LEU L 127 -32.89 -0.26 1.47
N ASP L 128 -31.91 0.53 1.89
CA ASP L 128 -32.09 1.39 3.05
C ASP L 128 -32.82 2.68 2.69
N TYR L 129 -32.41 3.33 1.60
CA TYR L 129 -32.96 4.62 1.21
C TYR L 129 -33.59 4.53 -0.17
N TRP L 130 -34.76 5.15 -0.34
CA TRP L 130 -35.55 5.03 -1.54
C TRP L 130 -35.76 6.40 -2.18
N GLY L 131 -35.89 6.40 -3.50
CA GLY L 131 -36.29 7.60 -4.21
C GLY L 131 -37.79 7.85 -4.07
N GLN L 132 -38.19 9.05 -4.46
CA GLN L 132 -39.59 9.45 -4.29
C GLN L 132 -40.54 8.71 -5.22
N GLY L 133 -40.04 8.04 -6.24
CA GLY L 133 -40.90 7.28 -7.13
C GLY L 133 -41.29 8.03 -8.38
N THR L 134 -40.97 7.46 -9.54
CA THR L 134 -41.30 8.06 -10.83
C THR L 134 -42.51 7.32 -11.40
N SER L 135 -43.65 8.00 -11.44
CA SER L 135 -44.89 7.40 -11.91
C SER L 135 -44.92 7.43 -13.43
N VAL L 136 -44.77 6.26 -14.04
CA VAL L 136 -44.79 6.11 -15.49
C VAL L 136 -46.10 5.43 -15.87
N THR L 137 -46.85 6.05 -16.77
CA THR L 137 -48.11 5.49 -17.24
C THR L 137 -48.13 5.49 -18.76
N VAL L 138 -48.77 4.47 -19.33
CA VAL L 138 -48.81 4.26 -20.77
C VAL L 138 -50.24 4.43 -21.24
N SER L 139 -50.45 5.31 -22.21
CA SER L 139 -51.78 5.58 -22.74
C SER L 139 -52.29 4.43 -23.60
N ASP L 157 -37.23 -20.00 -7.90
CA ASP L 157 -37.82 -18.77 -7.38
C ASP L 157 -38.30 -18.96 -5.96
N ILE L 158 -38.33 -17.87 -5.19
CA ILE L 158 -38.77 -17.90 -3.80
C ILE L 158 -40.00 -17.01 -3.66
N LYS L 159 -41.04 -17.55 -3.03
CA LYS L 159 -42.30 -16.84 -2.85
C LYS L 159 -42.47 -16.47 -1.39
N MET L 160 -42.79 -15.20 -1.13
CA MET L 160 -43.06 -14.71 0.21
C MET L 160 -44.56 -14.76 0.47
N THR L 161 -44.94 -15.30 1.62
CA THR L 161 -46.33 -15.40 2.02
C THR L 161 -46.53 -14.59 3.29
N GLN L 162 -47.20 -13.45 3.18
CA GLN L 162 -47.59 -12.64 4.33
C GLN L 162 -48.98 -13.08 4.76
N SER L 163 -49.04 -13.89 5.81
CA SER L 163 -50.32 -14.52 6.18
C SER L 163 -51.40 -13.52 6.54
N PRO L 164 -51.20 -12.55 7.43
CA PRO L 164 -52.30 -11.64 7.76
C PRO L 164 -52.40 -10.49 6.77
N SER L 165 -53.48 -10.47 6.00
CA SER L 165 -53.60 -9.49 4.93
C SER L 165 -53.88 -8.09 5.48
N SER L 166 -54.79 -7.98 6.44
CA SER L 166 -55.11 -6.69 7.03
C SER L 166 -55.65 -6.90 8.44
N MET L 167 -55.45 -5.90 9.29
CA MET L 167 -55.88 -5.98 10.68
C MET L 167 -56.34 -4.62 11.14
N HIS L 168 -57.16 -4.62 12.19
CA HIS L 168 -57.62 -3.41 12.85
C HIS L 168 -57.24 -3.46 14.32
N ALA L 169 -56.74 -2.35 14.84
CA ALA L 169 -56.33 -2.32 16.24
C ALA L 169 -56.41 -0.89 16.75
N SER L 170 -56.51 -0.76 18.07
CA SER L 170 -56.57 0.53 18.73
C SER L 170 -55.15 1.03 19.01
N LEU L 171 -55.04 2.04 19.87
CA LEU L 171 -53.82 2.81 20.01
C LEU L 171 -52.78 2.16 20.93
N GLY L 172 -53.00 0.95 21.43
CA GLY L 172 -52.04 0.41 22.37
C GLY L 172 -51.77 -1.08 22.37
N GLU L 173 -52.18 -1.81 21.34
CA GLU L 173 -52.12 -3.26 21.39
C GLU L 173 -50.87 -3.79 20.68
N ARG L 174 -50.75 -5.12 20.67
CA ARG L 174 -49.69 -5.84 19.99
C ARG L 174 -50.19 -6.27 18.62
N VAL L 175 -49.32 -6.22 17.62
CA VAL L 175 -49.65 -6.72 16.29
C VAL L 175 -48.45 -7.48 15.75
N THR L 176 -48.71 -8.62 15.11
CA THR L 176 -47.67 -9.50 14.61
C THR L 176 -47.96 -9.83 13.14
N ILE L 177 -46.94 -9.73 12.31
CA ILE L 177 -47.03 -10.01 10.88
C ILE L 177 -46.03 -11.12 10.56
N THR L 178 -46.48 -12.12 9.81
CA THR L 178 -45.67 -13.28 9.49
C THR L 178 -45.34 -13.30 8.00
N CYS L 179 -44.11 -13.71 7.69
CA CYS L 179 -43.60 -13.74 6.32
C CYS L 179 -43.01 -15.11 5.99
N LYS L 180 -43.80 -16.15 6.23
CA LYS L 180 -43.41 -17.52 5.87
C LYS L 180 -42.83 -17.58 4.47
N ALA L 181 -41.67 -18.21 4.34
CA ALA L 181 -40.91 -18.24 3.10
C ALA L 181 -41.09 -19.57 2.38
N SER L 182 -40.80 -19.55 1.08
CA SER L 182 -40.88 -20.77 0.28
C SER L 182 -39.67 -21.66 0.51
N GLN L 183 -38.49 -21.17 0.16
CA GLN L 183 -37.23 -21.82 0.51
C GLN L 183 -36.69 -21.19 1.79
N ASP L 184 -35.49 -21.60 2.18
CA ASP L 184 -34.86 -21.00 3.34
C ASP L 184 -34.00 -19.81 2.95
N ILE L 185 -33.96 -18.82 3.82
CA ILE L 185 -33.11 -17.65 3.66
C ILE L 185 -32.43 -17.39 5.00
N ARG L 186 -31.10 -17.32 5.00
CA ARG L 186 -30.34 -17.23 6.24
C ARG L 186 -30.45 -15.80 6.79
N SER L 187 -31.65 -15.50 7.29
CA SER L 187 -31.98 -14.22 7.91
C SER L 187 -31.79 -13.05 6.97
N TYR L 188 -31.79 -13.29 5.67
CA TYR L 188 -31.65 -12.21 4.68
C TYR L 188 -33.03 -11.66 4.32
N LEU L 189 -33.73 -11.18 5.35
CA LEU L 189 -35.07 -10.65 5.18
C LEU L 189 -35.15 -9.27 5.83
N SER L 190 -35.87 -8.37 5.17
CA SER L 190 -36.03 -7.00 5.65
C SER L 190 -37.51 -6.65 5.68
N TRP L 191 -37.87 -5.71 6.54
CA TRP L 191 -39.24 -5.25 6.68
C TRP L 191 -39.32 -3.78 6.31
N TYR L 192 -40.28 -3.44 5.46
CA TYR L 192 -40.44 -2.08 4.97
C TYR L 192 -41.83 -1.57 5.30
N GLN L 193 -41.91 -0.27 5.58
CA GLN L 193 -43.17 0.41 5.82
C GLN L 193 -43.39 1.44 4.73
N GLN L 194 -44.54 1.38 4.08
CA GLN L 194 -44.86 2.30 2.99
C GLN L 194 -46.15 3.03 3.31
N LYS L 195 -46.04 4.32 3.59
CA LYS L 195 -47.23 5.16 3.68
C LYS L 195 -47.80 5.37 2.28
N PRO L 196 -49.12 5.57 2.16
CA PRO L 196 -49.72 5.74 0.84
C PRO L 196 -49.13 6.93 0.10
N TRP L 197 -48.92 6.75 -1.20
CA TRP L 197 -48.33 7.78 -2.07
C TRP L 197 -46.97 8.25 -1.54
N LYS L 198 -46.21 7.33 -0.95
CA LYS L 198 -44.89 7.66 -0.41
C LYS L 198 -43.94 6.51 -0.68
N SER L 199 -42.65 6.81 -0.61
CA SER L 199 -41.64 5.79 -0.77
C SER L 199 -41.59 4.89 0.47
N PRO L 200 -41.32 3.60 0.29
CA PRO L 200 -41.21 2.70 1.44
C PRO L 200 -40.07 3.10 2.36
N LYS L 201 -40.28 2.87 3.65
CA LYS L 201 -39.30 3.18 4.69
C LYS L 201 -38.86 1.89 5.37
N THR L 202 -37.55 1.75 5.56
CA THR L 202 -37.00 0.53 6.13
C THR L 202 -37.18 0.52 7.65
N LEU L 203 -37.58 -0.65 8.18
CA LEU L 203 -37.71 -0.84 9.62
C LEU L 203 -36.74 -1.85 10.16
N ILE L 204 -36.71 -3.06 9.61
CA ILE L 204 -35.88 -4.15 10.10
C ILE L 204 -35.04 -4.65 8.94
N TYR L 205 -33.75 -4.87 9.20
CA TYR L 205 -32.89 -5.54 8.24
C TYR L 205 -32.18 -6.69 8.94
N TYR L 206 -31.82 -7.70 8.15
CA TYR L 206 -31.25 -8.94 8.67
C TYR L 206 -32.20 -9.67 9.60
N ALA L 207 -33.50 -9.37 9.49
CA ALA L 207 -34.60 -10.06 10.15
C ALA L 207 -34.66 -9.77 11.65
N THR L 208 -33.63 -9.13 12.20
CA THR L 208 -33.65 -8.74 13.60
C THR L 208 -33.12 -7.35 13.89
N SER L 209 -32.28 -6.77 13.03
CA SER L 209 -31.59 -5.53 13.36
C SER L 209 -32.47 -4.34 13.04
N LEU L 210 -32.55 -3.41 13.99
CA LEU L 210 -33.29 -2.17 13.76
C LEU L 210 -32.58 -1.33 12.70
N ALA L 211 -33.38 -0.66 11.88
CA ALA L 211 -32.85 0.25 10.87
C ALA L 211 -32.37 1.53 11.55
N ASP L 212 -31.97 2.51 10.75
CA ASP L 212 -31.46 3.77 11.28
C ASP L 212 -32.65 4.66 11.63
N GLY L 213 -32.74 5.05 12.90
CA GLY L 213 -33.73 6.01 13.34
C GLY L 213 -35.09 5.44 13.67
N VAL L 214 -35.31 4.15 13.44
CA VAL L 214 -36.60 3.53 13.77
C VAL L 214 -36.67 3.30 15.28
N PRO L 215 -37.76 3.67 15.94
CA PRO L 215 -37.86 3.43 17.38
C PRO L 215 -37.88 1.95 17.71
N SER L 216 -37.45 1.64 18.93
CA SER L 216 -37.35 0.25 19.38
C SER L 216 -38.71 -0.43 19.52
N ARG L 217 -39.80 0.27 19.23
CA ARG L 217 -41.11 -0.38 19.24
C ARG L 217 -41.19 -1.48 18.21
N PHE L 218 -40.63 -1.24 17.03
CA PHE L 218 -40.58 -2.26 15.98
C PHE L 218 -39.57 -3.34 16.35
N SER L 219 -39.97 -4.59 16.16
CA SER L 219 -39.10 -5.72 16.50
C SER L 219 -39.37 -6.85 15.54
N GLY L 220 -38.31 -7.38 14.93
CA GLY L 220 -38.41 -8.52 14.04
C GLY L 220 -37.72 -9.73 14.64
N SER L 221 -38.16 -10.91 14.25
CA SER L 221 -37.61 -12.14 14.79
C SER L 221 -37.84 -13.27 13.80
N GLY L 222 -37.17 -14.38 14.03
CA GLY L 222 -37.31 -15.55 13.19
C GLY L 222 -36.12 -15.74 12.27
N SER L 223 -35.97 -16.97 11.78
CA SER L 223 -34.92 -17.30 10.83
C SER L 223 -35.31 -18.57 10.10
N GLY L 224 -34.62 -18.84 9.00
CA GLY L 224 -34.91 -20.03 8.22
C GLY L 224 -35.98 -19.78 7.18
N GLN L 225 -37.22 -20.15 7.50
CA GLN L 225 -38.33 -19.94 6.60
C GLN L 225 -39.48 -19.15 7.21
N ASP L 226 -39.51 -18.99 8.52
CA ASP L 226 -40.57 -18.24 9.20
C ASP L 226 -39.98 -17.00 9.85
N PHE L 227 -40.57 -15.85 9.55
CA PHE L 227 -40.12 -14.57 10.06
C PHE L 227 -41.31 -13.81 10.61
N SER L 228 -41.04 -12.93 11.56
CA SER L 228 -42.10 -12.20 12.25
C SER L 228 -41.71 -10.74 12.41
N LEU L 229 -42.72 -9.87 12.43
CA LEU L 229 -42.55 -8.45 12.73
C LEU L 229 -43.57 -8.07 13.79
N THR L 230 -43.10 -7.44 14.86
CA THR L 230 -43.96 -7.05 15.98
C THR L 230 -43.83 -5.56 16.24
N ILE L 231 -44.97 -4.92 16.49
CA ILE L 231 -45.03 -3.50 16.83
C ILE L 231 -45.42 -3.39 18.30
N ASN L 232 -44.61 -2.67 19.08
CA ASN L 232 -44.81 -2.67 20.52
C ASN L 232 -46.10 -1.96 20.90
N ASN L 233 -46.20 -0.67 20.61
CA ASN L 233 -47.40 0.10 20.91
C ASN L 233 -47.73 0.95 19.69
N LEU L 234 -48.98 0.92 19.26
CA LEU L 234 -49.37 1.55 18.02
C LEU L 234 -49.69 3.03 18.23
N GLU L 235 -49.61 3.78 17.13
CA GLU L 235 -50.07 5.16 17.09
C GLU L 235 -50.83 5.38 15.79
N SER L 236 -51.48 6.54 15.69
CA SER L 236 -52.17 6.89 14.46
C SER L 236 -51.22 7.03 13.28
N ASP L 237 -49.93 7.18 13.55
CA ASP L 237 -48.95 7.26 12.46
C ASP L 237 -48.71 5.88 11.86
N ASP L 238 -48.71 4.83 12.68
CA ASP L 238 -48.26 3.51 12.25
C ASP L 238 -49.18 2.85 11.23
N THR L 239 -50.25 3.50 10.79
CA THR L 239 -51.11 2.90 9.78
C THR L 239 -50.46 3.04 8.40
N ALA L 240 -50.12 1.91 7.80
CA ALA L 240 -49.41 1.88 6.52
C ALA L 240 -49.47 0.45 5.99
N THR L 241 -48.73 0.19 4.92
CA THR L 241 -48.59 -1.15 4.36
C THR L 241 -47.18 -1.64 4.63
N TYR L 242 -47.09 -2.88 5.13
CA TYR L 242 -45.82 -3.46 5.54
C TYR L 242 -45.47 -4.62 4.62
N TYR L 243 -44.28 -4.56 4.04
CA TYR L 243 -43.79 -5.60 3.13
C TYR L 243 -42.56 -6.25 3.73
N CYS L 244 -42.35 -7.52 3.40
CA CYS L 244 -41.14 -8.24 3.76
C CYS L 244 -40.38 -8.57 2.49
N LEU L 245 -39.13 -8.14 2.42
CA LEU L 245 -38.27 -8.40 1.28
C LEU L 245 -37.19 -9.40 1.65
N GLN L 246 -37.04 -10.43 0.83
CA GLN L 246 -35.91 -11.34 0.94
C GLN L 246 -34.89 -11.00 -0.12
N HIS L 247 -33.62 -11.10 0.25
CA HIS L 247 -32.53 -10.97 -0.72
C HIS L 247 -31.52 -12.09 -0.53
N GLY L 248 -31.99 -13.27 -0.11
CA GLY L 248 -31.11 -14.42 0.03
C GLY L 248 -30.80 -15.12 -1.26
N GLU L 249 -31.55 -14.86 -2.32
CA GLU L 249 -31.33 -15.49 -3.61
C GLU L 249 -31.43 -14.44 -4.72
N SER L 250 -31.01 -14.85 -5.92
CA SER L 250 -30.77 -13.90 -7.00
C SER L 250 -31.99 -13.05 -7.36
N PRO L 251 -33.19 -13.63 -7.57
CA PRO L 251 -34.37 -12.77 -7.76
C PRO L 251 -34.97 -12.37 -6.42
N TYR L 252 -34.88 -11.09 -6.09
CA TYR L 252 -35.44 -10.60 -4.85
C TYR L 252 -36.96 -10.53 -4.98
N THR L 253 -37.68 -11.03 -3.97
CA THR L 253 -39.12 -11.08 -4.01
C THR L 253 -39.70 -10.42 -2.77
N PHE L 254 -40.66 -9.52 -2.98
CA PHE L 254 -41.35 -8.86 -1.89
C PHE L 254 -42.47 -9.74 -1.36
N GLY L 255 -43.11 -9.28 -0.29
CA GLY L 255 -44.29 -9.94 0.23
C GLY L 255 -45.55 -9.41 -0.39
N SER L 256 -46.67 -10.08 -0.08
CA SER L 256 -47.95 -9.68 -0.63
C SER L 256 -48.43 -8.35 -0.08
N GLY L 257 -47.90 -7.92 1.05
CA GLY L 257 -48.31 -6.68 1.68
C GLY L 257 -49.24 -6.93 2.86
N THR L 258 -49.36 -5.91 3.70
CA THR L 258 -50.19 -6.00 4.90
C THR L 258 -50.67 -4.61 5.26
N LYS L 259 -51.97 -4.36 5.10
CA LYS L 259 -52.57 -3.07 5.41
C LYS L 259 -52.93 -3.04 6.88
N LEU L 260 -52.30 -2.13 7.62
CA LEU L 260 -52.55 -1.98 9.06
C LEU L 260 -53.41 -0.75 9.30
N GLU L 261 -54.52 -0.95 10.01
CA GLU L 261 -55.45 0.12 10.32
C GLU L 261 -55.44 0.39 11.81
N ILE L 262 -55.44 1.67 12.18
CA ILE L 262 -55.34 2.09 13.57
C ILE L 262 -56.68 2.69 13.98
N LYS L 263 -57.25 2.17 15.07
CA LYS L 263 -58.52 2.59 15.63
C LYS L 263 -59.59 2.85 14.56
N LYS M 184 -24.75 -40.67 1.48
CA LYS M 184 -24.37 -40.12 0.20
C LYS M 184 -25.12 -40.84 -0.92
N ILE M 185 -24.45 -41.81 -1.55
CA ILE M 185 -25.01 -42.71 -2.55
C ILE M 185 -25.85 -41.93 -3.56
N ARG M 186 -25.36 -40.74 -3.94
CA ARG M 186 -26.16 -39.74 -4.62
C ARG M 186 -26.42 -40.03 -6.09
N LEU M 187 -25.82 -41.07 -6.67
CA LEU M 187 -25.98 -41.30 -8.10
C LEU M 187 -27.41 -41.74 -8.43
N TYR M 188 -27.93 -42.72 -7.69
CA TYR M 188 -29.31 -43.13 -7.95
C TYR M 188 -30.30 -42.07 -7.47
N GLN M 189 -29.91 -41.24 -6.51
CA GLN M 189 -30.72 -40.07 -6.19
C GLN M 189 -30.80 -39.13 -7.38
N PHE M 190 -29.69 -38.90 -8.08
CA PHE M 190 -29.73 -38.12 -9.30
C PHE M 190 -30.66 -38.75 -10.31
N LEU M 191 -30.47 -40.05 -10.58
CA LEU M 191 -31.30 -40.73 -11.56
C LEU M 191 -32.77 -40.73 -11.20
N LEU M 192 -33.10 -40.63 -9.90
CA LEU M 192 -34.50 -40.57 -9.51
C LEU M 192 -35.06 -39.15 -9.62
N ASP M 193 -34.25 -38.15 -9.27
CA ASP M 193 -34.76 -36.78 -9.17
C ASP M 193 -35.21 -36.24 -10.53
N LEU M 194 -34.37 -36.38 -11.56
CA LEU M 194 -34.71 -35.81 -12.84
C LEU M 194 -35.89 -36.55 -13.49
N LEU M 195 -35.99 -37.86 -13.26
CA LEU M 195 -37.14 -38.60 -13.77
C LEU M 195 -38.42 -38.18 -13.06
N ARG M 196 -38.36 -37.98 -11.74
CA ARG M 196 -39.55 -37.55 -11.02
C ARG M 196 -39.93 -36.11 -11.36
N SER M 197 -38.96 -35.27 -11.68
CA SER M 197 -39.21 -33.88 -12.00
C SER M 197 -39.44 -33.64 -13.50
N GLY M 198 -39.32 -34.67 -14.33
CA GLY M 198 -39.52 -34.50 -15.75
C GLY M 198 -38.49 -33.59 -16.40
N ASP M 199 -37.23 -33.74 -16.01
CA ASP M 199 -36.17 -32.86 -16.49
C ASP M 199 -35.34 -33.58 -17.55
N MET M 200 -35.27 -32.99 -18.74
CA MET M 200 -34.41 -33.45 -19.83
C MET M 200 -34.74 -34.92 -20.17
N LYS M 201 -35.96 -35.08 -20.69
CA LYS M 201 -36.46 -36.39 -21.06
C LYS M 201 -35.82 -36.94 -22.33
N ASP M 202 -35.08 -36.11 -23.07
CA ASP M 202 -34.45 -36.55 -24.30
C ASP M 202 -33.39 -37.63 -24.08
N SER M 203 -32.78 -37.69 -22.89
CA SER M 203 -31.74 -38.65 -22.60
C SER M 203 -32.25 -39.87 -21.84
N ILE M 204 -32.94 -39.65 -20.73
CA ILE M 204 -33.46 -40.72 -19.89
C ILE M 204 -34.94 -40.43 -19.62
N TRP M 205 -35.78 -41.44 -19.80
CA TRP M 205 -37.22 -41.22 -19.72
C TRP M 205 -37.93 -42.51 -19.30
N TRP M 206 -39.22 -42.36 -19.02
CA TRP M 206 -40.02 -43.44 -18.46
C TRP M 206 -40.78 -44.22 -19.54
N VAL M 207 -40.99 -45.51 -19.28
CA VAL M 207 -42.11 -46.23 -19.86
C VAL M 207 -42.94 -46.97 -18.82
N ASP M 208 -42.39 -47.25 -17.64
CA ASP M 208 -43.14 -47.95 -16.59
C ASP M 208 -42.66 -47.41 -15.24
N LYS M 209 -43.40 -46.43 -14.71
CA LYS M 209 -43.05 -45.86 -13.42
C LYS M 209 -43.32 -46.83 -12.28
N ASP M 210 -44.28 -47.75 -12.48
CA ASP M 210 -44.65 -48.68 -11.41
C ASP M 210 -43.50 -49.62 -11.06
N LYS M 211 -42.90 -50.23 -12.08
CA LYS M 211 -41.78 -51.15 -11.87
C LYS M 211 -40.43 -50.44 -11.81
N GLY M 212 -40.35 -49.21 -12.32
CA GLY M 212 -39.14 -48.42 -12.18
C GLY M 212 -38.14 -48.52 -13.31
N THR M 213 -38.51 -49.11 -14.44
CA THR M 213 -37.59 -49.24 -15.57
C THR M 213 -37.54 -47.94 -16.35
N PHE M 214 -36.40 -47.68 -16.96
CA PHE M 214 -36.19 -46.46 -17.73
C PHE M 214 -35.20 -46.75 -18.84
N GLN M 215 -35.20 -45.90 -19.86
CA GLN M 215 -34.38 -46.13 -21.05
C GLN M 215 -33.50 -44.93 -21.32
N PHE M 216 -32.22 -45.19 -21.53
CA PHE M 216 -31.27 -44.16 -21.93
C PHE M 216 -31.28 -44.01 -23.44
N SER M 217 -31.13 -42.78 -23.90
CA SER M 217 -31.01 -42.49 -25.32
C SER M 217 -29.58 -42.76 -25.76
N SER M 218 -29.42 -43.45 -26.90
CA SER M 218 -28.10 -43.76 -27.39
C SER M 218 -27.33 -42.52 -27.82
N LYS M 219 -28.01 -41.38 -27.96
CA LYS M 219 -27.39 -40.15 -28.42
C LYS M 219 -27.14 -39.15 -27.29
N HIS M 220 -28.12 -38.91 -26.43
CA HIS M 220 -28.00 -37.92 -25.37
C HIS M 220 -27.47 -38.49 -24.06
N LYS M 221 -27.18 -39.79 -24.00
CA LYS M 221 -26.59 -40.35 -22.79
C LYS M 221 -25.22 -39.74 -22.51
N GLU M 222 -24.50 -39.31 -23.55
CA GLU M 222 -23.26 -38.59 -23.33
C GLU M 222 -23.52 -37.26 -22.61
N ALA M 223 -24.59 -36.56 -23.01
CA ALA M 223 -24.97 -35.33 -22.32
C ALA M 223 -25.36 -35.61 -20.88
N LEU M 224 -26.09 -36.70 -20.64
CA LEU M 224 -26.45 -37.06 -19.27
C LEU M 224 -25.21 -37.36 -18.43
N ALA M 225 -24.26 -38.09 -19.01
CA ALA M 225 -23.02 -38.39 -18.30
C ALA M 225 -22.24 -37.12 -17.99
N HIS M 226 -22.18 -36.20 -18.96
CA HIS M 226 -21.48 -34.94 -18.73
C HIS M 226 -22.15 -34.11 -17.66
N ARG M 227 -23.49 -34.09 -17.63
CA ARG M 227 -24.20 -33.33 -16.61
C ARG M 227 -24.00 -33.96 -15.24
N TRP M 228 -23.89 -35.28 -15.19
CA TRP M 228 -23.53 -35.94 -13.94
C TRP M 228 -22.12 -35.55 -13.51
N GLY M 229 -21.19 -35.49 -14.45
CA GLY M 229 -19.81 -35.16 -14.12
C GLY M 229 -19.62 -33.73 -13.66
N ILE M 230 -20.36 -32.79 -14.25
CA ILE M 230 -20.24 -31.41 -13.83
C ILE M 230 -20.84 -31.21 -12.43
N GLN M 231 -21.92 -31.92 -12.11
CA GLN M 231 -22.46 -31.84 -10.77
C GLN M 231 -21.46 -32.38 -9.77
N LYS M 232 -20.92 -33.58 -10.03
CA LYS M 232 -19.90 -34.14 -9.15
C LYS M 232 -18.61 -33.34 -9.19
N GLY M 233 -18.40 -32.54 -10.23
CA GLY M 233 -17.25 -31.63 -10.31
C GLY M 233 -15.94 -32.41 -10.21
N ASN M 234 -15.83 -33.46 -11.01
CA ASN M 234 -14.63 -34.26 -11.08
C ASN M 234 -13.54 -33.54 -11.87
N ARG M 235 -12.42 -34.24 -12.08
CA ARG M 235 -11.30 -33.64 -12.79
C ARG M 235 -11.49 -33.74 -14.30
N LYS M 236 -11.85 -34.92 -14.79
CA LYS M 236 -11.98 -35.15 -16.22
C LYS M 236 -13.43 -35.36 -16.64
N LYS M 237 -13.78 -34.82 -17.80
CA LYS M 237 -15.09 -35.09 -18.39
C LYS M 237 -15.29 -36.59 -18.54
N MET M 238 -16.39 -37.10 -18.00
CA MET M 238 -16.63 -38.54 -18.00
C MET M 238 -17.51 -38.96 -19.17
N THR M 239 -17.19 -40.11 -19.75
CA THR M 239 -17.96 -40.70 -20.83
C THR M 239 -19.06 -41.58 -20.27
N TYR M 240 -19.99 -41.97 -21.15
CA TYR M 240 -21.07 -42.85 -20.72
C TYR M 240 -20.52 -44.19 -20.26
N GLN M 241 -19.34 -44.58 -20.74
CA GLN M 241 -18.73 -45.81 -20.24
C GLN M 241 -18.37 -45.71 -18.76
N LYS M 242 -17.69 -44.62 -18.38
CA LYS M 242 -17.35 -44.44 -16.96
C LYS M 242 -18.60 -44.23 -16.12
N MET M 243 -19.62 -43.57 -16.69
CA MET M 243 -20.89 -43.45 -15.98
C MET M 243 -21.47 -44.85 -15.71
N ALA M 244 -21.58 -45.67 -16.75
CA ALA M 244 -22.21 -46.98 -16.61
C ALA M 244 -21.41 -47.91 -15.72
N ARG M 245 -20.09 -47.72 -15.65
CA ARG M 245 -19.27 -48.55 -14.77
C ARG M 245 -19.76 -48.48 -13.32
N ALA M 246 -20.33 -47.34 -12.92
CA ALA M 246 -20.80 -47.19 -11.55
C ALA M 246 -22.05 -48.01 -11.26
N LEU M 247 -22.97 -48.12 -12.23
CA LEU M 247 -24.21 -48.85 -11.99
C LEU M 247 -23.97 -50.33 -11.70
N ARG M 248 -22.88 -50.89 -12.22
CA ARG M 248 -22.62 -52.31 -12.05
C ARG M 248 -22.32 -52.66 -10.59
N ASN M 249 -21.77 -51.73 -9.82
CA ASN M 249 -21.58 -51.96 -8.40
C ASN M 249 -22.88 -51.86 -7.61
N TYR M 250 -23.92 -51.26 -8.20
CA TYR M 250 -25.21 -51.19 -7.52
C TYR M 250 -25.92 -52.53 -7.48
N GLY M 251 -25.58 -53.45 -8.38
CA GLY M 251 -26.21 -54.75 -8.38
C GLY M 251 -25.91 -55.54 -7.13
N LYS M 252 -24.70 -55.39 -6.58
CA LYS M 252 -24.36 -56.07 -5.34
C LYS M 252 -25.25 -55.60 -4.20
N THR M 253 -25.47 -54.28 -4.12
CA THR M 253 -26.35 -53.72 -3.11
C THR M 253 -27.82 -53.80 -3.50
N GLY M 254 -28.13 -53.80 -4.79
CA GLY M 254 -29.47 -54.05 -5.27
C GLY M 254 -30.30 -52.84 -5.64
N GLU M 255 -29.74 -51.63 -5.55
CA GLU M 255 -30.52 -50.45 -5.95
C GLU M 255 -30.74 -50.43 -7.45
N VAL M 256 -29.69 -50.64 -8.23
CA VAL M 256 -29.76 -50.63 -9.69
C VAL M 256 -29.18 -51.93 -10.23
N LYS M 257 -29.95 -52.59 -11.08
CA LYS M 257 -29.53 -53.83 -11.72
C LYS M 257 -29.75 -53.72 -13.22
N LYS M 258 -28.97 -54.48 -13.98
CA LYS M 258 -29.03 -54.46 -15.44
C LYS M 258 -29.76 -55.70 -15.93
N VAL M 259 -30.80 -55.49 -16.74
CA VAL M 259 -31.55 -56.56 -17.36
C VAL M 259 -31.18 -56.60 -18.84
N LYS M 260 -31.55 -57.70 -19.49
CA LYS M 260 -31.19 -57.94 -20.89
C LYS M 260 -32.12 -57.11 -21.79
N LYS M 261 -31.87 -55.81 -21.81
CA LYS M 261 -32.58 -54.90 -22.71
C LYS M 261 -31.79 -53.61 -22.87
N LYS M 262 -31.39 -53.32 -24.12
CA LYS M 262 -30.54 -52.21 -24.54
C LYS M 262 -30.89 -50.87 -23.90
N LEU M 263 -29.92 -50.27 -23.22
CA LEU M 263 -30.13 -49.02 -22.49
C LEU M 263 -31.17 -48.86 -21.40
N THR M 264 -31.39 -49.92 -20.61
CA THR M 264 -32.39 -49.87 -19.56
C THR M 264 -31.85 -50.41 -18.25
N TYR M 265 -32.33 -49.82 -17.16
CA TYR M 265 -32.10 -50.29 -15.80
C TYR M 265 -33.39 -50.07 -15.02
N GLN M 266 -33.31 -50.16 -13.70
CA GLN M 266 -34.48 -49.93 -12.86
C GLN M 266 -34.03 -49.83 -11.39
N PHE M 267 -34.73 -49.00 -10.62
CA PHE M 267 -34.51 -49.01 -9.18
C PHE M 267 -35.12 -50.26 -8.56
N SER M 268 -34.72 -50.53 -7.32
CA SER M 268 -35.39 -51.52 -6.50
C SER M 268 -36.65 -50.91 -5.87
N GLY M 269 -37.49 -51.78 -5.31
CA GLY M 269 -38.72 -51.30 -4.69
C GLY M 269 -38.49 -50.41 -3.49
N GLU M 270 -37.44 -50.69 -2.70
CA GLU M 270 -37.18 -49.91 -1.49
C GLU M 270 -36.84 -48.46 -1.82
N VAL M 271 -35.92 -48.25 -2.78
CA VAL M 271 -35.51 -46.89 -3.12
C VAL M 271 -36.52 -46.17 -4.00
N LEU M 272 -37.56 -46.86 -4.46
CA LEU M 272 -38.63 -46.21 -5.21
C LEU M 272 -39.54 -45.43 -4.27
#